data_2N9B
#
_entry.id   2N9B
#
_entity_poly.entity_id   1
_entity_poly.type   'polypeptide(L)'
_entity_poly.pdbx_seq_one_letter_code
;GSHENKQVEEILRLEKEIEDLQRMKERQELSLTEASLQKLQLEDKVEELLSKNYHLENEVARLKKLVGE
;
_entity_poly.pdbx_strand_id   A,B
#
# COMPACT_ATOMS: atom_id res chain seq x y z
N GLY A 1 -22.00 47.67 2.22
CA GLY A 1 -20.88 46.71 2.45
C GLY A 1 -20.04 47.18 3.63
N SER A 2 -20.22 46.56 4.77
CA SER A 2 -19.46 46.93 5.96
C SER A 2 -17.98 46.65 5.77
N HIS A 3 -17.13 47.52 6.33
CA HIS A 3 -15.69 47.35 6.21
C HIS A 3 -15.23 46.10 6.96
N GLU A 4 -15.86 45.84 8.10
CA GLU A 4 -15.50 44.69 8.91
C GLU A 4 -15.62 43.39 8.11
N ASN A 5 -16.39 43.44 7.03
CA ASN A 5 -16.56 42.27 6.18
C ASN A 5 -15.21 41.74 5.76
N LYS A 6 -14.24 42.62 5.67
CA LYS A 6 -12.93 42.18 5.26
C LYS A 6 -12.37 41.18 6.26
N GLN A 7 -12.49 41.49 7.55
CA GLN A 7 -11.98 40.59 8.59
C GLN A 7 -12.77 39.28 8.58
N VAL A 8 -14.08 39.40 8.54
CA VAL A 8 -14.94 38.23 8.53
C VAL A 8 -14.67 37.40 7.29
N GLU A 9 -14.56 38.06 6.16
CA GLU A 9 -14.30 37.39 4.91
C GLU A 9 -12.89 36.79 4.89
N GLU A 10 -11.95 37.48 5.52
CA GLU A 10 -10.56 37.03 5.55
C GLU A 10 -10.45 35.70 6.30
N ILE A 11 -11.06 35.65 7.48
CA ILE A 11 -11.05 34.43 8.27
C ILE A 11 -11.77 33.32 7.53
N LEU A 12 -12.88 33.67 6.90
CA LEU A 12 -13.65 32.67 6.19
C LEU A 12 -12.78 31.96 5.17
N ARG A 13 -11.96 32.74 4.47
CA ARG A 13 -11.06 32.17 3.48
C ARG A 13 -10.04 31.24 4.14
N LEU A 14 -9.53 31.67 5.30
CA LEU A 14 -8.55 30.88 6.02
C LEU A 14 -9.14 29.55 6.48
N GLU A 15 -10.37 29.58 6.96
CA GLU A 15 -11.02 28.37 7.42
C GLU A 15 -11.18 27.38 6.27
N LYS A 16 -11.60 27.87 5.11
CA LYS A 16 -11.79 27.02 3.96
C LYS A 16 -10.46 26.42 3.49
N GLU A 17 -9.44 27.26 3.39
CA GLU A 17 -8.12 26.80 2.94
C GLU A 17 -7.49 25.88 3.99
N ILE A 18 -7.51 26.31 5.24
CA ILE A 18 -6.95 25.51 6.31
C ILE A 18 -7.70 24.20 6.43
N GLU A 19 -9.01 24.25 6.34
CA GLU A 19 -9.81 23.04 6.43
C GLU A 19 -9.35 22.05 5.36
N ASP A 20 -9.07 22.56 4.17
CA ASP A 20 -8.62 21.67 3.09
C ASP A 20 -7.30 21.00 3.44
N LEU A 21 -6.35 21.78 3.96
CA LEU A 21 -5.05 21.25 4.35
C LEU A 21 -5.20 20.26 5.51
N GLN A 22 -6.07 20.58 6.45
CA GLN A 22 -6.29 19.72 7.60
C GLN A 22 -6.76 18.35 7.16
N ARG A 23 -7.69 18.33 6.22
CA ARG A 23 -8.21 17.08 5.70
C ARG A 23 -7.12 16.32 4.96
N MET A 24 -6.27 17.03 4.23
CA MET A 24 -5.21 16.39 3.48
C MET A 24 -4.28 15.63 4.42
N LYS A 25 -3.95 16.23 5.55
CA LYS A 25 -3.09 15.59 6.53
C LYS A 25 -3.77 14.35 7.11
N GLU A 26 -5.05 14.49 7.48
CA GLU A 26 -5.80 13.38 8.05
C GLU A 26 -6.01 12.28 7.03
N ARG A 27 -6.29 12.66 5.78
CA ARG A 27 -6.49 11.68 4.71
C ARG A 27 -5.23 10.84 4.50
N GLN A 28 -4.08 11.50 4.52
CA GLN A 28 -2.82 10.79 4.33
C GLN A 28 -2.59 9.80 5.48
N GLU A 29 -2.87 10.24 6.69
CA GLU A 29 -2.68 9.38 7.86
C GLU A 29 -3.55 8.13 7.72
N LEU A 30 -4.75 8.32 7.21
CA LEU A 30 -5.67 7.20 7.01
C LEU A 30 -5.09 6.23 5.98
N SER A 31 -4.45 6.77 4.96
CA SER A 31 -3.86 5.93 3.93
C SER A 31 -2.80 5.02 4.52
N LEU A 32 -2.00 5.56 5.43
CA LEU A 32 -0.95 4.78 6.07
C LEU A 32 -1.57 3.64 6.88
N THR A 33 -2.65 3.95 7.59
CA THR A 33 -3.32 2.93 8.39
C THR A 33 -3.84 1.82 7.50
N GLU A 34 -4.47 2.21 6.40
CA GLU A 34 -5.00 1.23 5.45
C GLU A 34 -3.87 0.45 4.81
N ALA A 35 -2.76 1.14 4.53
CA ALA A 35 -1.62 0.49 3.91
C ALA A 35 -1.12 -0.64 4.77
N SER A 36 -0.97 -0.38 6.05
CA SER A 36 -0.49 -1.40 6.96
C SER A 36 -1.46 -2.58 6.98
N LEU A 37 -2.74 -2.28 7.05
CA LEU A 37 -3.75 -3.32 7.08
C LEU A 37 -3.70 -4.15 5.81
N GLN A 38 -3.51 -3.46 4.68
CA GLN A 38 -3.44 -4.15 3.40
C GLN A 38 -2.27 -5.12 3.38
N LYS A 39 -1.15 -4.71 3.96
CA LYS A 39 0.02 -5.56 4.00
C LYS A 39 -0.27 -6.84 4.75
N LEU A 40 -0.93 -6.74 5.89
CA LEU A 40 -1.26 -7.92 6.67
C LEU A 40 -2.15 -8.87 5.85
N GLN A 41 -3.06 -8.30 5.09
CA GLN A 41 -3.94 -9.11 4.27
C GLN A 41 -3.12 -9.94 3.29
N LEU A 42 -2.09 -9.32 2.72
CA LEU A 42 -1.22 -10.02 1.79
C LEU A 42 -0.51 -11.17 2.51
N GLU A 43 -0.11 -10.95 3.74
CA GLU A 43 0.58 -11.99 4.50
C GLU A 43 -0.30 -13.22 4.61
N ASP A 44 -1.59 -13.01 4.85
CA ASP A 44 -2.52 -14.12 4.98
C ASP A 44 -2.62 -14.88 3.65
N LYS A 45 -2.75 -14.15 2.55
CA LYS A 45 -2.84 -14.77 1.24
C LYS A 45 -1.55 -15.47 0.87
N VAL A 46 -0.43 -14.78 1.06
CA VAL A 46 0.88 -15.34 0.76
C VAL A 46 1.16 -16.54 1.65
N GLU A 47 0.82 -16.42 2.92
CA GLU A 47 1.05 -17.52 3.86
C GLU A 47 0.35 -18.80 3.41
N GLU A 48 -0.93 -18.69 3.05
CA GLU A 48 -1.69 -19.86 2.62
C GLU A 48 -1.21 -20.37 1.27
N LEU A 49 -1.04 -19.45 0.32
CA LEU A 49 -0.59 -19.83 -1.00
C LEU A 49 0.83 -20.41 -0.93
N LEU A 50 1.66 -19.80 -0.11
CA LEU A 50 3.01 -20.26 0.03
C LEU A 50 3.02 -21.69 0.58
N SER A 51 2.18 -21.94 1.59
CA SER A 51 2.10 -23.26 2.19
C SER A 51 1.63 -24.30 1.17
N LYS A 52 0.59 -23.94 0.42
CA LYS A 52 0.04 -24.82 -0.59
C LYS A 52 1.05 -25.04 -1.71
N ASN A 53 1.72 -23.98 -2.10
CA ASN A 53 2.71 -24.07 -3.17
C ASN A 53 3.81 -25.03 -2.76
N TYR A 54 4.21 -24.98 -1.50
CA TYR A 54 5.24 -25.86 -0.99
C TYR A 54 4.80 -27.31 -1.08
N HIS A 55 3.56 -27.57 -0.72
CA HIS A 55 3.06 -28.93 -0.75
C HIS A 55 3.11 -29.48 -2.18
N LEU A 56 2.63 -28.67 -3.12
CA LEU A 56 2.64 -29.04 -4.52
C LEU A 56 4.08 -29.09 -5.03
N GLU A 57 4.90 -28.18 -4.52
CA GLU A 57 6.30 -28.10 -4.93
C GLU A 57 6.97 -29.44 -4.70
N ASN A 58 6.69 -30.07 -3.57
CA ASN A 58 7.28 -31.37 -3.28
C ASN A 58 6.70 -32.44 -4.20
N GLU A 59 5.40 -32.36 -4.46
CA GLU A 59 4.76 -33.35 -5.33
C GLU A 59 5.33 -33.26 -6.75
N VAL A 60 5.32 -32.06 -7.32
CA VAL A 60 5.84 -31.88 -8.66
C VAL A 60 7.34 -32.09 -8.70
N ALA A 61 8.04 -31.53 -7.72
CA ALA A 61 9.48 -31.67 -7.65
C ALA A 61 9.86 -33.13 -7.66
N ARG A 62 9.10 -33.93 -6.93
CA ARG A 62 9.39 -35.35 -6.89
C ARG A 62 9.25 -35.95 -8.29
N LEU A 63 8.17 -35.58 -8.98
CA LEU A 63 7.92 -36.08 -10.33
C LEU A 63 8.99 -35.58 -11.31
N LYS A 64 9.41 -34.34 -11.14
CA LYS A 64 10.41 -33.76 -12.03
C LYS A 64 11.66 -34.63 -12.03
N LYS A 65 12.00 -35.19 -10.87
CA LYS A 65 13.18 -36.04 -10.75
C LYS A 65 13.10 -37.25 -11.67
N LEU A 66 11.91 -37.81 -11.84
CA LEU A 66 11.76 -38.99 -12.70
C LEU A 66 12.20 -38.66 -14.12
N VAL A 67 11.77 -37.52 -14.64
CA VAL A 67 12.15 -37.12 -15.99
C VAL A 67 13.62 -36.70 -16.03
N GLY A 68 14.04 -35.95 -15.01
CA GLY A 68 15.42 -35.49 -14.94
C GLY A 68 15.52 -34.20 -14.12
N GLU A 69 14.77 -34.15 -13.02
CA GLU A 69 14.78 -32.97 -12.16
C GLU A 69 14.58 -31.70 -12.99
N GLY B 1 3.52 -41.13 -32.46
CA GLY B 1 3.38 -40.53 -31.10
C GLY B 1 3.89 -41.50 -30.05
N SER B 2 5.08 -41.23 -29.53
CA SER B 2 5.67 -42.09 -28.51
C SER B 2 4.85 -42.04 -27.22
N HIS B 3 4.77 -43.18 -26.54
CA HIS B 3 4.01 -43.26 -25.29
C HIS B 3 4.68 -42.40 -24.21
N GLU B 4 6.01 -42.38 -24.21
CA GLU B 4 6.75 -41.62 -23.22
C GLU B 4 6.36 -40.14 -23.26
N ASN B 5 5.77 -39.72 -24.37
CA ASN B 5 5.33 -38.33 -24.51
C ASN B 5 4.43 -37.96 -23.37
N LYS B 6 3.73 -38.93 -22.82
CA LYS B 6 2.84 -38.62 -21.72
C LYS B 6 3.63 -38.11 -20.53
N GLN B 7 4.73 -38.77 -20.21
CA GLN B 7 5.55 -38.34 -19.07
C GLN B 7 6.16 -36.97 -19.36
N VAL B 8 6.73 -36.82 -20.55
CA VAL B 8 7.35 -35.56 -20.93
C VAL B 8 6.31 -34.45 -20.95
N GLU B 9 5.16 -34.76 -21.53
CA GLU B 9 4.08 -33.79 -21.61
C GLU B 9 3.51 -33.48 -20.23
N GLU B 10 3.48 -34.50 -19.37
CA GLU B 10 2.94 -34.34 -18.03
C GLU B 10 3.77 -33.34 -17.23
N ILE B 11 5.08 -33.54 -17.25
CA ILE B 11 5.99 -32.66 -16.55
C ILE B 11 5.91 -31.25 -17.13
N LEU B 12 5.83 -31.17 -18.45
CA LEU B 12 5.76 -29.88 -19.10
C LEU B 12 4.59 -29.09 -18.55
N ARG B 13 3.46 -29.75 -18.36
CA ARG B 13 2.29 -29.07 -17.82
C ARG B 13 2.55 -28.60 -16.39
N LEU B 14 3.22 -29.46 -15.62
CA LEU B 14 3.52 -29.12 -14.23
C LEU B 14 4.44 -27.90 -14.16
N GLU B 15 5.43 -27.86 -15.04
CA GLU B 15 6.36 -26.75 -15.05
C GLU B 15 5.63 -25.44 -15.36
N LYS B 16 4.74 -25.48 -16.34
CA LYS B 16 3.99 -24.28 -16.71
C LYS B 16 3.08 -23.82 -15.58
N GLU B 17 2.34 -24.77 -15.00
CA GLU B 17 1.43 -24.44 -13.90
C GLU B 17 2.19 -24.02 -12.66
N ILE B 18 3.20 -24.79 -12.30
CA ILE B 18 4.01 -24.48 -11.12
C ILE B 18 4.71 -23.14 -11.33
N GLU B 19 5.24 -22.93 -12.52
CA GLU B 19 5.91 -21.68 -12.79
C GLU B 19 4.97 -20.51 -12.53
N ASP B 20 3.71 -20.66 -12.93
CA ASP B 20 2.73 -19.60 -12.73
C ASP B 20 2.55 -19.32 -11.24
N LEU B 21 2.39 -20.38 -10.45
CA LEU B 21 2.21 -20.23 -9.01
C LEU B 21 3.46 -19.64 -8.36
N GLN B 22 4.63 -20.07 -8.82
CA GLN B 22 5.88 -19.57 -8.26
C GLN B 22 5.96 -18.06 -8.44
N ARG B 23 5.61 -17.59 -9.62
CA ARG B 23 5.64 -16.16 -9.90
C ARG B 23 4.62 -15.43 -9.05
N MET B 24 3.46 -16.05 -8.83
CA MET B 24 2.42 -15.43 -8.03
C MET B 24 2.94 -15.17 -6.61
N LYS B 25 3.65 -16.13 -6.05
CA LYS B 25 4.20 -15.98 -4.72
C LYS B 25 5.24 -14.87 -4.68
N GLU B 26 6.14 -14.87 -5.67
CA GLU B 26 7.20 -13.86 -5.76
C GLU B 26 6.61 -12.48 -6.01
N ARG B 27 5.61 -12.41 -6.88
CA ARG B 27 4.97 -11.14 -7.19
C ARG B 27 4.35 -10.53 -5.94
N GLN B 28 3.69 -11.35 -5.14
CA GLN B 28 3.06 -10.87 -3.92
C GLN B 28 4.12 -10.33 -2.95
N GLU B 29 5.22 -11.06 -2.83
CA GLU B 29 6.29 -10.63 -1.93
C GLU B 29 6.82 -9.27 -2.35
N LEU B 30 6.92 -9.07 -3.65
CA LEU B 30 7.40 -7.80 -4.19
C LEU B 30 6.42 -6.69 -3.82
N SER B 31 5.13 -7.00 -3.85
CA SER B 31 4.12 -6.01 -3.53
C SER B 31 4.30 -5.53 -2.09
N LEU B 32 4.59 -6.47 -1.19
CA LEU B 32 4.79 -6.12 0.21
C LEU B 32 5.99 -5.19 0.36
N THR B 33 7.05 -5.49 -0.36
CA THR B 33 8.25 -4.67 -0.30
C THR B 33 7.94 -3.26 -0.78
N GLU B 34 7.22 -3.18 -1.90
CA GLU B 34 6.84 -1.89 -2.46
C GLU B 34 5.88 -1.17 -1.51
N ALA B 35 5.00 -1.94 -0.87
CA ALA B 35 4.05 -1.35 0.06
C ALA B 35 4.76 -0.65 1.18
N SER B 36 5.75 -1.31 1.75
CA SER B 36 6.49 -0.72 2.84
C SER B 36 7.19 0.56 2.39
N LEU B 37 7.80 0.49 1.21
CA LEU B 37 8.49 1.64 0.67
C LEU B 37 7.52 2.79 0.44
N GLN B 38 6.33 2.46 -0.06
CA GLN B 38 5.33 3.48 -0.31
C GLN B 38 4.93 4.17 0.98
N LYS B 39 4.82 3.39 2.06
CA LYS B 39 4.46 3.96 3.35
C LYS B 39 5.48 5.00 3.80
N LEU B 40 6.76 4.67 3.64
CA LEU B 40 7.81 5.60 4.04
C LEU B 40 7.69 6.89 3.24
N GLN B 41 7.36 6.77 1.96
CA GLN B 41 7.22 7.94 1.13
C GLN B 41 6.15 8.86 1.68
N LEU B 42 5.05 8.27 2.15
CA LEU B 42 3.96 9.06 2.72
C LEU B 42 4.45 9.79 3.97
N GLU B 43 5.29 9.12 4.75
CA GLU B 43 5.81 9.74 5.97
C GLU B 43 6.55 11.02 5.63
N ASP B 44 7.33 10.99 4.56
CA ASP B 44 8.09 12.16 4.15
C ASP B 44 7.15 13.30 3.76
N LYS B 45 6.12 12.97 2.96
CA LYS B 45 5.15 13.97 2.53
C LYS B 45 4.35 14.49 3.72
N VAL B 46 3.86 13.58 4.54
CA VAL B 46 3.07 13.95 5.71
C VAL B 46 3.93 14.74 6.68
N GLU B 47 5.18 14.32 6.87
CA GLU B 47 6.08 15.00 7.78
C GLU B 47 6.26 16.47 7.39
N GLU B 48 6.54 16.72 6.12
CA GLU B 48 6.74 18.08 5.64
C GLU B 48 5.45 18.88 5.65
N LEU B 49 4.38 18.28 5.13
CA LEU B 49 3.09 18.95 5.09
C LEU B 49 2.59 19.21 6.52
N LEU B 50 2.79 18.24 7.38
CA LEU B 50 2.36 18.38 8.76
C LEU B 50 3.10 19.54 9.41
N SER B 51 4.40 19.62 9.18
CA SER B 51 5.20 20.70 9.76
C SER B 51 4.75 22.06 9.23
N LYS B 52 4.52 22.13 7.93
CA LYS B 52 4.08 23.37 7.31
C LYS B 52 2.69 23.73 7.79
N ASN B 53 1.83 22.73 7.89
CA ASN B 53 0.46 22.96 8.34
C ASN B 53 0.47 23.54 9.74
N TYR B 54 1.35 23.02 10.59
CA TYR B 54 1.46 23.51 11.95
C TYR B 54 1.87 24.97 11.97
N HIS B 55 2.82 25.33 11.12
CA HIS B 55 3.26 26.71 11.10
C HIS B 55 2.11 27.64 10.72
N LEU B 56 1.38 27.27 9.67
CA LEU B 56 0.24 28.04 9.23
C LEU B 56 -0.87 27.96 10.27
N GLU B 57 -0.99 26.81 10.91
CA GLU B 57 -2.02 26.61 11.92
C GLU B 57 -1.89 27.66 13.00
N ASN B 58 -0.67 27.94 13.41
CA ASN B 58 -0.45 28.97 14.43
C ASN B 58 -0.77 30.35 13.87
N GLU B 59 -0.40 30.59 12.62
CA GLU B 59 -0.66 31.89 12.01
C GLU B 59 -2.17 32.15 11.89
N VAL B 60 -2.88 31.21 11.30
CA VAL B 60 -4.32 31.35 11.13
C VAL B 60 -5.02 31.27 12.47
N ALA B 61 -4.60 30.33 13.31
CA ALA B 61 -5.20 30.17 14.62
C ALA B 61 -5.12 31.48 15.39
N ARG B 62 -3.99 32.15 15.27
CA ARG B 62 -3.82 33.41 15.96
C ARG B 62 -4.86 34.41 15.45
N LEU B 63 -5.00 34.47 14.13
CA LEU B 63 -5.96 35.39 13.52
C LEU B 63 -7.39 35.03 13.88
N LYS B 64 -7.68 33.75 13.93
CA LYS B 64 -9.03 33.28 14.26
C LYS B 64 -9.46 33.87 15.61
N LYS B 65 -8.51 33.98 16.53
CA LYS B 65 -8.82 34.51 17.86
C LYS B 65 -9.36 35.94 17.78
N LEU B 66 -8.83 36.74 16.85
CA LEU B 66 -9.28 38.12 16.74
C LEU B 66 -10.78 38.17 16.44
N VAL B 67 -11.23 37.34 15.50
CA VAL B 67 -12.64 37.30 15.16
C VAL B 67 -13.45 36.65 16.29
N GLY B 68 -12.92 35.56 16.83
CA GLY B 68 -13.59 34.85 17.92
C GLY B 68 -13.17 33.39 17.95
N GLU B 69 -11.89 33.14 17.74
CA GLU B 69 -11.37 31.78 17.74
C GLU B 69 -12.22 30.88 16.85
N GLY A 1 -17.60 49.92 7.77
CA GLY A 1 -18.20 49.90 9.13
C GLY A 1 -17.15 50.31 10.16
N SER A 2 -16.05 49.56 10.20
CA SER A 2 -14.98 49.84 11.15
C SER A 2 -13.67 49.25 10.64
N HIS A 3 -12.55 49.85 11.06
CA HIS A 3 -11.24 49.38 10.66
C HIS A 3 -10.95 48.01 11.26
N GLU A 4 -11.39 47.81 12.50
CA GLU A 4 -11.16 46.55 13.19
C GLU A 4 -11.71 45.38 12.37
N ASN A 5 -12.61 45.69 11.45
CA ASN A 5 -13.21 44.67 10.60
C ASN A 5 -12.12 43.86 9.92
N LYS A 6 -10.97 44.47 9.69
CA LYS A 6 -9.89 43.77 9.05
C LYS A 6 -9.42 42.60 9.91
N GLN A 7 -9.24 42.85 11.21
CA GLN A 7 -8.79 41.81 12.12
C GLN A 7 -9.85 40.71 12.21
N VAL A 8 -11.10 41.13 12.45
CA VAL A 8 -12.19 40.17 12.55
C VAL A 8 -12.34 39.38 11.26
N GLU A 9 -12.27 40.09 10.14
CA GLU A 9 -12.39 39.45 8.85
C GLU A 9 -11.19 38.56 8.57
N GLU A 10 -10.01 38.98 9.04
CA GLU A 10 -8.80 38.22 8.83
C GLU A 10 -8.87 36.89 9.56
N ILE A 11 -9.33 36.93 10.80
CA ILE A 11 -9.44 35.73 11.61
C ILE A 11 -10.42 34.76 10.95
N LEU A 12 -11.53 35.29 10.49
CA LEU A 12 -12.54 34.45 9.88
C LEU A 12 -11.98 33.72 8.68
N ARG A 13 -11.17 34.42 7.90
CA ARG A 13 -10.54 33.82 6.73
C ARG A 13 -9.64 32.66 7.15
N LEU A 14 -8.94 32.85 8.26
CA LEU A 14 -8.03 31.81 8.76
C LEU A 14 -8.81 30.56 9.13
N GLU A 15 -9.99 30.75 9.72
CA GLU A 15 -10.81 29.64 10.14
C GLU A 15 -11.27 28.83 8.91
N LYS A 16 -11.63 29.54 7.86
CA LYS A 16 -12.08 28.86 6.63
C LYS A 16 -10.89 28.20 5.92
N GLU A 17 -9.79 28.93 5.82
CA GLU A 17 -8.60 28.41 5.14
C GLU A 17 -7.98 27.27 5.93
N ILE A 18 -7.79 27.47 7.23
CA ILE A 18 -7.20 26.45 8.06
C ILE A 18 -8.06 25.20 8.06
N GLU A 19 -9.38 25.39 8.14
CA GLU A 19 -10.30 24.27 8.14
C GLU A 19 -10.13 23.45 6.86
N ASP A 20 -9.92 24.15 5.74
CA ASP A 20 -9.74 23.48 4.47
C ASP A 20 -8.52 22.57 4.52
N LEU A 21 -7.43 23.07 5.09
CA LEU A 21 -6.20 22.29 5.21
C LEU A 21 -6.42 21.08 6.10
N GLN A 22 -7.19 21.27 7.16
CA GLN A 22 -7.48 20.18 8.09
C GLN A 22 -8.15 19.02 7.38
N ARG A 23 -9.17 19.34 6.58
CA ARG A 23 -9.90 18.32 5.85
C ARG A 23 -8.99 17.64 4.84
N MET A 24 -8.13 18.42 4.19
CA MET A 24 -7.23 17.86 3.20
C MET A 24 -6.30 16.84 3.84
N LYS A 25 -5.77 17.17 5.01
CA LYS A 25 -4.88 16.26 5.72
C LYS A 25 -5.64 15.02 6.21
N GLU A 26 -6.80 15.25 6.81
CA GLU A 26 -7.60 14.15 7.33
C GLU A 26 -8.13 13.26 6.21
N ARG A 27 -8.64 13.89 5.16
CA ARG A 27 -9.18 13.16 4.03
C ARG A 27 -8.10 12.31 3.38
N GLN A 28 -6.90 12.88 3.25
CA GLN A 28 -5.80 12.15 2.65
C GLN A 28 -5.40 10.93 3.49
N GLU A 29 -5.29 11.13 4.80
CA GLU A 29 -4.93 10.05 5.69
C GLU A 29 -5.95 8.92 5.61
N LEU A 30 -7.22 9.30 5.50
CA LEU A 30 -8.29 8.32 5.40
C LEU A 30 -8.17 7.50 4.12
N SER A 31 -7.81 8.16 3.04
CA SER A 31 -7.67 7.48 1.76
C SER A 31 -6.58 6.42 1.84
N LEU A 32 -5.47 6.77 2.46
CA LEU A 32 -4.36 5.83 2.60
C LEU A 32 -4.77 4.65 3.48
N THR A 33 -5.55 4.91 4.50
CA THR A 33 -5.99 3.85 5.40
C THR A 33 -6.75 2.79 4.62
N GLU A 34 -7.70 3.23 3.80
CA GLU A 34 -8.48 2.29 3.01
C GLU A 34 -7.59 1.53 2.03
N ALA A 35 -6.67 2.26 1.39
CA ALA A 35 -5.76 1.64 0.45
C ALA A 35 -4.85 0.65 1.15
N SER A 36 -4.42 0.99 2.35
CA SER A 36 -3.55 0.11 3.10
C SER A 36 -4.21 -1.24 3.33
N LEU A 37 -5.48 -1.21 3.70
CA LEU A 37 -6.22 -2.44 3.95
C LEU A 37 -6.29 -3.29 2.69
N GLN A 38 -6.52 -2.64 1.55
CA GLN A 38 -6.61 -3.36 0.30
C GLN A 38 -5.31 -4.14 0.04
N LYS A 39 -4.18 -3.50 0.26
CA LYS A 39 -2.90 -4.14 0.05
C LYS A 39 -2.76 -5.36 0.94
N LEU A 40 -3.21 -5.24 2.17
CA LEU A 40 -3.13 -6.36 3.11
C LEU A 40 -3.87 -7.56 2.54
N GLN A 41 -4.99 -7.31 1.88
CA GLN A 41 -5.77 -8.40 1.31
C GLN A 41 -4.94 -9.13 0.25
N LEU A 42 -4.23 -8.35 -0.55
CA LEU A 42 -3.40 -8.92 -1.60
C LEU A 42 -2.32 -9.80 -0.97
N GLU A 43 -1.79 -9.35 0.17
CA GLU A 43 -0.75 -10.10 0.85
C GLU A 43 -1.28 -11.47 1.27
N ASP A 44 -2.54 -11.50 1.71
CA ASP A 44 -3.15 -12.75 2.13
C ASP A 44 -3.21 -13.74 0.97
N LYS A 45 -3.56 -13.22 -0.21
CA LYS A 45 -3.64 -14.07 -1.40
C LYS A 45 -2.27 -14.67 -1.74
N VAL A 46 -1.25 -13.81 -1.77
CA VAL A 46 0.11 -14.26 -2.07
C VAL A 46 0.61 -15.17 -0.97
N GLU A 47 0.32 -14.82 0.28
CA GLU A 47 0.76 -15.62 1.40
C GLU A 47 0.26 -17.07 1.27
N GLU A 48 -1.02 -17.23 0.99
CA GLU A 48 -1.59 -18.56 0.84
C GLU A 48 -0.90 -19.31 -0.29
N LEU A 49 -0.72 -18.63 -1.41
CA LEU A 49 -0.06 -19.24 -2.56
C LEU A 49 1.37 -19.60 -2.21
N LEU A 50 2.01 -18.73 -1.45
CA LEU A 50 3.38 -18.96 -1.07
C LEU A 50 3.49 -20.24 -0.25
N SER A 51 2.55 -20.42 0.68
CA SER A 51 2.55 -21.61 1.53
C SER A 51 2.31 -22.86 0.70
N LYS A 52 1.34 -22.77 -0.22
CA LYS A 52 1.02 -23.90 -1.07
C LYS A 52 2.20 -24.25 -1.97
N ASN A 53 2.84 -23.22 -2.52
CA ASN A 53 3.98 -23.43 -3.39
C ASN A 53 5.07 -24.20 -2.66
N TYR A 54 5.29 -23.86 -1.40
CA TYR A 54 6.29 -24.56 -0.60
C TYR A 54 5.94 -26.03 -0.46
N HIS A 55 4.68 -26.30 -0.14
CA HIS A 55 4.25 -27.68 0.03
C HIS A 55 4.32 -28.45 -1.28
N LEU A 56 3.84 -27.82 -2.35
CA LEU A 56 3.86 -28.44 -3.67
C LEU A 56 5.29 -28.61 -4.14
N GLU A 57 6.13 -27.63 -3.87
CA GLU A 57 7.52 -27.69 -4.28
C GLU A 57 8.19 -28.92 -3.70
N ASN A 58 7.94 -29.18 -2.43
CA ASN A 58 8.54 -30.35 -1.78
C ASN A 58 8.01 -31.64 -2.40
N GLU A 59 6.72 -31.67 -2.70
CA GLU A 59 6.12 -32.87 -3.29
C GLU A 59 6.67 -33.15 -4.68
N VAL A 60 6.61 -32.15 -5.55
CA VAL A 60 7.09 -32.30 -6.91
C VAL A 60 8.61 -32.46 -6.92
N ALA A 61 9.30 -31.61 -6.18
CA ALA A 61 10.75 -31.66 -6.12
C ALA A 61 11.21 -33.05 -5.68
N ARG A 62 10.51 -33.62 -4.71
CA ARG A 62 10.87 -34.94 -4.23
C ARG A 62 10.74 -35.97 -5.34
N LEU A 63 9.65 -35.90 -6.09
CA LEU A 63 9.42 -36.83 -7.19
C LEU A 63 10.42 -36.61 -8.32
N LYS A 64 10.72 -35.36 -8.60
CA LYS A 64 11.65 -35.02 -9.66
C LYS A 64 13.03 -35.59 -9.36
N LYS A 65 13.41 -35.55 -8.09
CA LYS A 65 14.71 -36.08 -7.69
C LYS A 65 14.88 -37.51 -8.18
N LEU A 66 13.78 -38.27 -8.20
CA LEU A 66 13.84 -39.65 -8.65
C LEU A 66 14.33 -39.72 -10.10
N VAL A 67 13.70 -38.92 -10.96
CA VAL A 67 14.09 -38.89 -12.37
C VAL A 67 15.40 -38.13 -12.53
N GLY A 68 15.54 -37.02 -11.81
CA GLY A 68 16.73 -36.20 -11.89
C GLY A 68 16.70 -35.10 -10.84
N GLU A 69 15.94 -34.05 -11.12
CA GLU A 69 15.82 -32.93 -10.19
C GLU A 69 14.81 -31.91 -10.70
N GLY B 1 5.81 -45.77 -27.07
CA GLY B 1 7.27 -46.06 -27.04
C GLY B 1 7.59 -46.94 -25.84
N SER B 2 7.23 -46.46 -24.65
CA SER B 2 7.47 -47.21 -23.42
C SER B 2 6.54 -46.75 -22.31
N HIS B 3 6.25 -47.65 -21.37
CA HIS B 3 5.37 -47.32 -20.26
C HIS B 3 6.01 -46.29 -19.35
N GLU B 4 7.32 -46.38 -19.18
CA GLU B 4 8.05 -45.45 -18.32
C GLU B 4 7.82 -44.01 -18.78
N ASN B 5 7.39 -43.85 -20.01
CA ASN B 5 7.12 -42.52 -20.57
C ASN B 5 6.18 -41.76 -19.65
N LYS B 6 5.33 -42.49 -18.95
CA LYS B 6 4.39 -41.84 -18.06
C LYS B 6 5.13 -41.09 -16.94
N GLN B 7 6.12 -41.75 -16.34
CA GLN B 7 6.88 -41.13 -15.27
C GLN B 7 7.67 -39.95 -15.81
N VAL B 8 8.38 -40.16 -16.92
CA VAL B 8 9.16 -39.10 -17.53
C VAL B 8 8.25 -37.94 -17.94
N GLU B 9 7.14 -38.28 -18.57
CA GLU B 9 6.19 -37.27 -19.00
C GLU B 9 5.55 -36.57 -17.81
N GLU B 10 5.33 -37.32 -16.74
CA GLU B 10 4.70 -36.77 -15.54
C GLU B 10 5.62 -35.74 -14.89
N ILE B 11 6.89 -36.07 -14.79
CA ILE B 11 7.86 -35.16 -14.20
C ILE B 11 7.94 -33.88 -15.02
N LEU B 12 7.98 -34.03 -16.33
CA LEU B 12 8.08 -32.88 -17.20
C LEU B 12 6.91 -31.94 -16.97
N ARG B 13 5.73 -32.50 -16.81
CA ARG B 13 4.54 -31.70 -16.57
C ARG B 13 4.69 -30.91 -15.27
N LEU B 14 5.27 -31.55 -14.26
CA LEU B 14 5.46 -30.90 -12.97
C LEU B 14 6.39 -29.70 -13.11
N GLU B 15 7.42 -29.84 -13.93
CA GLU B 15 8.37 -28.78 -14.14
C GLU B 15 7.69 -27.58 -14.79
N LYS B 16 6.81 -27.85 -15.75
CA LYS B 16 6.09 -26.77 -16.42
C LYS B 16 5.04 -26.15 -15.49
N GLU B 17 4.30 -27.00 -14.80
CA GLU B 17 3.25 -26.53 -13.90
C GLU B 17 3.85 -25.81 -12.70
N ILE B 18 4.84 -26.43 -12.07
CA ILE B 18 5.47 -25.84 -10.91
C ILE B 18 6.12 -24.51 -11.29
N GLU B 19 6.76 -24.47 -12.46
CA GLU B 19 7.40 -23.25 -12.91
C GLU B 19 6.37 -22.14 -13.02
N ASP B 20 5.18 -22.48 -13.50
CA ASP B 20 4.12 -21.50 -13.67
C ASP B 20 3.76 -20.88 -12.31
N LEU B 21 3.64 -21.73 -11.30
CA LEU B 21 3.31 -21.27 -9.96
C LEU B 21 4.41 -20.37 -9.42
N GLN B 22 5.64 -20.72 -9.70
CA GLN B 22 6.78 -19.93 -9.23
C GLN B 22 6.70 -18.51 -9.77
N ARG B 23 6.43 -18.39 -11.06
CA ARG B 23 6.34 -17.07 -11.68
C ARG B 23 5.15 -16.29 -11.11
N MET B 24 4.06 -16.99 -10.86
CA MET B 24 2.87 -16.33 -10.31
C MET B 24 3.17 -15.74 -8.93
N LYS B 25 3.88 -16.50 -8.12
CA LYS B 25 4.24 -16.03 -6.78
C LYS B 25 5.25 -14.88 -6.87
N GLU B 26 6.28 -15.06 -7.69
CA GLU B 26 7.31 -14.04 -7.84
C GLU B 26 6.75 -12.78 -8.48
N ARG B 27 5.97 -12.95 -9.54
CA ARG B 27 5.37 -11.83 -10.25
C ARG B 27 4.46 -11.03 -9.32
N GLN B 28 3.68 -11.74 -8.51
CA GLN B 28 2.77 -11.08 -7.59
C GLN B 28 3.54 -10.27 -6.55
N GLU B 29 4.58 -10.88 -5.98
CA GLU B 29 5.38 -10.20 -4.97
C GLU B 29 6.00 -8.94 -5.55
N LEU B 30 6.44 -9.01 -6.79
CA LEU B 30 7.04 -7.87 -7.45
C LEU B 30 6.03 -6.74 -7.62
N SER B 31 4.80 -7.11 -7.96
CA SER B 31 3.75 -6.13 -8.16
C SER B 31 3.50 -5.35 -6.87
N LEU B 32 3.45 -6.06 -5.76
CA LEU B 32 3.22 -5.43 -4.46
C LEU B 32 4.38 -4.51 -4.11
N THR B 33 5.59 -4.93 -4.44
CA THR B 33 6.76 -4.13 -4.14
C THR B 33 6.64 -2.75 -4.79
N GLU B 34 6.30 -2.74 -6.07
CA GLU B 34 6.17 -1.48 -6.79
C GLU B 34 5.03 -0.64 -6.18
N ALA B 35 3.93 -1.30 -5.85
CA ALA B 35 2.80 -0.61 -5.27
C ALA B 35 3.16 -0.05 -3.91
N SER B 36 3.92 -0.80 -3.14
CA SER B 36 4.31 -0.37 -1.82
C SER B 36 5.09 0.95 -1.89
N LEU B 37 5.99 1.03 -2.83
CA LEU B 37 6.79 2.25 -3.01
C LEU B 37 5.89 3.43 -3.33
N GLN B 38 4.91 3.20 -4.18
CA GLN B 38 4.01 4.28 -4.54
C GLN B 38 3.32 4.85 -3.30
N LYS B 39 2.85 3.96 -2.44
CA LYS B 39 2.18 4.39 -1.22
C LYS B 39 3.10 5.24 -0.38
N LEU B 40 4.36 4.84 -0.29
CA LEU B 40 5.34 5.59 0.49
C LEU B 40 5.42 7.02 -0.02
N GLN B 41 5.34 7.18 -1.33
CA GLN B 41 5.41 8.52 -1.89
C GLN B 41 4.23 9.37 -1.40
N LEU B 42 3.06 8.74 -1.35
CA LEU B 42 1.87 9.45 -0.88
C LEU B 42 2.06 9.87 0.58
N GLU B 43 2.72 9.02 1.35
CA GLU B 43 2.95 9.33 2.75
C GLU B 43 3.82 10.57 2.88
N ASP B 44 4.80 10.70 1.99
CA ASP B 44 5.69 11.86 2.01
C ASP B 44 4.89 13.13 1.78
N LYS B 45 3.94 13.08 0.85
CA LYS B 45 3.11 14.25 0.55
C LYS B 45 2.28 14.65 1.78
N VAL B 46 1.62 13.68 2.38
CA VAL B 46 0.80 13.94 3.57
C VAL B 46 1.68 14.36 4.73
N GLU B 47 2.83 13.70 4.87
CA GLU B 47 3.75 14.03 5.96
C GLU B 47 4.13 15.50 5.92
N GLU B 48 4.51 15.99 4.74
CA GLU B 48 4.89 17.39 4.59
C GLU B 48 3.73 18.31 4.96
N LEU B 49 2.56 17.99 4.44
CA LEU B 49 1.37 18.78 4.72
C LEU B 49 1.06 18.74 6.20
N LEU B 50 1.26 17.59 6.80
CA LEU B 50 0.98 17.44 8.20
C LEU B 50 1.87 18.36 9.01
N SER B 51 3.16 18.42 8.66
CA SER B 51 4.10 19.27 9.36
C SER B 51 3.73 20.74 9.19
N LYS B 52 3.39 21.11 7.97
CA LYS B 52 3.00 22.48 7.67
C LYS B 52 1.73 22.86 8.42
N ASN B 53 0.78 21.94 8.45
CA ASN B 53 -0.48 22.20 9.13
C ASN B 53 -0.22 22.49 10.60
N TYR B 54 0.70 21.76 11.20
CA TYR B 54 1.04 21.97 12.60
C TYR B 54 1.61 23.37 12.80
N HIS B 55 2.52 23.76 11.93
CA HIS B 55 3.13 25.08 12.04
C HIS B 55 2.10 26.18 11.80
N LEU B 56 1.31 26.01 10.77
CA LEU B 56 0.27 26.98 10.43
C LEU B 56 -0.78 27.03 11.53
N GLU B 57 -1.13 25.86 12.06
CA GLU B 57 -2.13 25.78 13.10
C GLU B 57 -1.73 26.64 14.29
N ASN B 58 -0.47 26.55 14.67
CA ASN B 58 0.03 27.33 15.80
C ASN B 58 -0.02 28.82 15.49
N GLU B 59 0.35 29.18 14.26
CA GLU B 59 0.34 30.59 13.88
C GLU B 59 -1.07 31.17 13.86
N VAL B 60 -1.97 30.51 13.15
CA VAL B 60 -3.35 30.98 13.07
C VAL B 60 -4.04 30.85 14.42
N ALA B 61 -3.88 29.70 15.06
CA ALA B 61 -4.50 29.46 16.35
C ALA B 61 -4.09 30.54 17.34
N ARG B 62 -2.81 30.92 17.31
CA ARG B 62 -2.32 31.93 18.22
C ARG B 62 -3.04 33.26 17.96
N LEU B 63 -3.17 33.62 16.69
CA LEU B 63 -3.83 34.87 16.33
C LEU B 63 -5.32 34.82 16.68
N LYS B 64 -5.94 33.67 16.41
CA LYS B 64 -7.36 33.51 16.69
C LYS B 64 -7.64 33.69 18.17
N LYS B 65 -6.73 33.20 19.00
CA LYS B 65 -6.90 33.33 20.44
C LYS B 65 -7.14 34.79 20.82
N LEU B 66 -6.51 35.71 20.10
CA LEU B 66 -6.67 37.12 20.41
C LEU B 66 -8.13 37.53 20.25
N VAL B 67 -8.72 37.19 19.10
CA VAL B 67 -10.13 37.50 18.86
C VAL B 67 -11.03 36.61 19.69
N GLY B 68 -10.67 35.33 19.76
CA GLY B 68 -11.46 34.36 20.51
C GLY B 68 -10.74 33.02 20.58
N GLU B 69 -10.80 32.25 19.50
CA GLU B 69 -10.15 30.95 19.45
C GLU B 69 -10.29 30.34 18.06
N GLY A 1 -18.86 49.10 3.36
CA GLY A 1 -17.55 48.39 3.35
C GLY A 1 -16.63 48.99 4.40
N SER A 2 -16.78 48.55 5.65
CA SER A 2 -15.97 49.06 6.73
C SER A 2 -14.55 48.47 6.66
N HIS A 3 -13.62 49.15 7.31
CA HIS A 3 -12.23 48.70 7.32
C HIS A 3 -12.10 47.38 8.07
N GLU A 4 -12.88 47.24 9.13
CA GLU A 4 -12.84 46.02 9.95
C GLU A 4 -13.13 44.79 9.11
N ASN A 5 -13.77 45.00 7.96
CA ASN A 5 -14.08 43.90 7.06
C ASN A 5 -12.83 43.15 6.68
N LYS A 6 -11.71 43.84 6.65
CA LYS A 6 -10.47 43.19 6.29
C LYS A 6 -10.12 42.09 7.28
N GLN A 7 -10.24 42.39 8.57
CA GLN A 7 -9.92 41.40 9.60
C GLN A 7 -10.93 40.25 9.55
N VAL A 8 -12.20 40.60 9.42
CA VAL A 8 -13.25 39.60 9.35
C VAL A 8 -13.11 38.75 8.09
N GLU A 9 -12.85 39.42 6.96
CA GLU A 9 -12.68 38.73 5.70
C GLU A 9 -11.44 37.86 5.71
N GLU A 10 -10.36 38.39 6.27
CA GLU A 10 -9.09 37.67 6.32
C GLU A 10 -9.23 36.40 7.17
N ILE A 11 -9.87 36.54 8.32
CA ILE A 11 -10.07 35.41 9.22
C ILE A 11 -10.95 34.37 8.55
N LEU A 12 -11.96 34.83 7.83
CA LEU A 12 -12.87 33.92 7.16
C LEU A 12 -12.10 33.05 6.18
N ARG A 13 -11.18 33.65 5.44
CA ARG A 13 -10.40 32.88 4.48
C ARG A 13 -9.53 31.85 5.20
N LEU A 14 -8.98 32.26 6.34
CA LEU A 14 -8.13 31.37 7.12
C LEU A 14 -8.91 30.15 7.61
N GLU A 15 -10.16 30.36 8.01
CA GLU A 15 -11.00 29.28 8.50
C GLU A 15 -11.32 28.31 7.37
N LYS A 16 -11.60 28.84 6.18
CA LYS A 16 -11.90 28.00 5.04
C LYS A 16 -10.65 27.27 4.56
N GLU A 17 -9.53 27.99 4.49
CA GLU A 17 -8.27 27.41 4.03
C GLU A 17 -7.72 26.41 5.03
N ILE A 18 -7.66 26.81 6.30
CA ILE A 18 -7.12 25.93 7.34
C ILE A 18 -7.97 24.67 7.44
N GLU A 19 -9.28 24.84 7.37
CA GLU A 19 -10.18 23.69 7.43
C GLU A 19 -9.93 22.75 6.27
N ASP A 20 -9.66 23.32 5.10
CA ASP A 20 -9.40 22.50 3.92
C ASP A 20 -8.17 21.64 4.16
N LEU A 21 -7.14 22.22 4.77
CA LEU A 21 -5.91 21.48 5.05
C LEU A 21 -6.16 20.36 6.07
N GLN A 22 -6.94 20.67 7.09
CA GLN A 22 -7.24 19.70 8.12
C GLN A 22 -8.01 18.52 7.55
N ARG A 23 -8.94 18.82 6.64
CA ARG A 23 -9.73 17.78 6.00
C ARG A 23 -8.83 16.86 5.20
N MET A 24 -7.87 17.46 4.49
CA MET A 24 -6.93 16.68 3.69
C MET A 24 -6.08 15.80 4.58
N LYS A 25 -5.61 16.35 5.70
CA LYS A 25 -4.78 15.59 6.63
C LYS A 25 -5.56 14.38 7.19
N GLU A 26 -6.80 14.62 7.60
CA GLU A 26 -7.62 13.56 8.16
C GLU A 26 -7.91 12.49 7.11
N ARG A 27 -8.28 12.92 5.91
CA ARG A 27 -8.60 11.99 4.84
C ARG A 27 -7.37 11.20 4.41
N GLN A 28 -6.22 11.88 4.35
CA GLN A 28 -4.98 11.23 3.95
C GLN A 28 -4.59 10.13 4.93
N GLU A 29 -4.67 10.44 6.23
CA GLU A 29 -4.31 9.47 7.25
C GLU A 29 -5.28 8.30 7.23
N LEU A 30 -6.55 8.61 7.05
CA LEU A 30 -7.60 7.58 7.00
C LEU A 30 -7.40 6.68 5.79
N SER A 31 -7.03 7.30 4.66
CA SER A 31 -6.82 6.53 3.44
C SER A 31 -5.66 5.55 3.61
N LEU A 32 -4.60 6.01 4.25
CA LEU A 32 -3.43 5.18 4.49
C LEU A 32 -3.79 4.00 5.38
N THR A 33 -4.62 4.25 6.38
CA THR A 33 -5.01 3.19 7.30
C THR A 33 -5.74 2.09 6.53
N GLU A 34 -6.70 2.50 5.70
CA GLU A 34 -7.46 1.53 4.91
C GLU A 34 -6.56 0.85 3.89
N ALA A 35 -5.73 1.64 3.22
CA ALA A 35 -4.84 1.08 2.22
C ALA A 35 -3.84 0.13 2.85
N SER A 36 -3.32 0.51 4.00
CA SER A 36 -2.35 -0.32 4.68
C SER A 36 -2.96 -1.67 5.00
N LEU A 37 -4.22 -1.66 5.43
CA LEU A 37 -4.90 -2.89 5.77
C LEU A 37 -4.98 -3.80 4.55
N GLN A 38 -5.27 -3.21 3.38
CA GLN A 38 -5.36 -4.01 2.17
C GLN A 38 -4.04 -4.70 1.88
N LYS A 39 -2.94 -3.99 2.14
CA LYS A 39 -1.62 -4.56 1.91
C LYS A 39 -1.39 -5.76 2.79
N LEU A 40 -1.81 -5.66 4.05
CA LEU A 40 -1.63 -6.77 4.98
C LEU A 40 -2.37 -8.00 4.46
N GLN A 41 -3.54 -7.79 3.89
CA GLN A 41 -4.31 -8.89 3.36
C GLN A 41 -3.54 -9.59 2.25
N LEU A 42 -2.87 -8.79 1.41
CA LEU A 42 -2.08 -9.35 0.33
C LEU A 42 -0.94 -10.20 0.89
N GLU A 43 -0.34 -9.74 1.98
CA GLU A 43 0.76 -10.48 2.60
C GLU A 43 0.28 -11.86 3.02
N ASP A 44 -0.93 -11.93 3.54
CA ASP A 44 -1.48 -13.21 3.95
C ASP A 44 -1.60 -14.15 2.75
N LYS A 45 -2.10 -13.62 1.64
CA LYS A 45 -2.26 -14.42 0.43
C LYS A 45 -0.91 -14.90 -0.10
N VAL A 46 0.05 -13.99 -0.18
CA VAL A 46 1.39 -14.32 -0.66
C VAL A 46 2.08 -15.29 0.29
N GLU A 47 1.96 -15.03 1.59
CA GLU A 47 2.58 -15.89 2.59
C GLU A 47 2.06 -17.32 2.46
N GLU A 48 0.75 -17.45 2.38
CA GLU A 48 0.15 -18.77 2.25
C GLU A 48 0.49 -19.39 0.91
N LEU A 49 0.48 -18.56 -0.14
CA LEU A 49 0.81 -19.05 -1.47
C LEU A 49 2.23 -19.58 -1.49
N LEU A 50 3.13 -18.85 -0.84
CA LEU A 50 4.53 -19.23 -0.78
C LEU A 50 4.67 -20.58 -0.09
N SER A 51 3.97 -20.75 1.03
CA SER A 51 4.03 -22.00 1.77
C SER A 51 3.53 -23.17 0.92
N LYS A 52 2.43 -22.94 0.21
CA LYS A 52 1.86 -23.97 -0.65
C LYS A 52 2.82 -24.30 -1.79
N ASN A 53 3.46 -23.28 -2.33
CA ASN A 53 4.38 -23.48 -3.44
C ASN A 53 5.53 -24.39 -3.02
N TYR A 54 6.02 -24.18 -1.80
CA TYR A 54 7.10 -25.02 -1.28
C TYR A 54 6.65 -26.47 -1.14
N HIS A 55 5.46 -26.65 -0.61
CA HIS A 55 4.96 -28.00 -0.43
C HIS A 55 4.83 -28.71 -1.79
N LEU A 56 4.27 -28.01 -2.75
CA LEU A 56 4.11 -28.56 -4.09
C LEU A 56 5.48 -28.73 -4.75
N GLU A 57 6.38 -27.78 -4.49
CA GLU A 57 7.72 -27.83 -5.05
C GLU A 57 8.40 -29.15 -4.69
N ASN A 58 8.26 -29.57 -3.45
CA ASN A 58 8.87 -30.83 -3.03
C ASN A 58 8.18 -32.00 -3.69
N GLU A 59 6.85 -31.94 -3.79
CA GLU A 59 6.11 -33.03 -4.40
C GLU A 59 6.48 -33.21 -5.87
N VAL A 60 6.43 -32.12 -6.64
CA VAL A 60 6.77 -32.17 -8.05
C VAL A 60 8.26 -32.44 -8.23
N ALA A 61 9.07 -31.80 -7.38
CA ALA A 61 10.51 -31.98 -7.46
C ALA A 61 10.87 -33.44 -7.22
N ARG A 62 10.20 -34.06 -6.26
CA ARG A 62 10.46 -35.45 -5.95
C ARG A 62 10.17 -36.33 -7.16
N LEU A 63 9.01 -36.09 -7.78
CA LEU A 63 8.61 -36.86 -8.95
C LEU A 63 9.52 -36.55 -10.14
N LYS A 64 9.94 -35.30 -10.26
CA LYS A 64 10.80 -34.89 -11.36
C LYS A 64 12.04 -35.78 -11.42
N LYS A 65 12.55 -36.13 -10.26
CA LYS A 65 13.74 -36.97 -10.18
C LYS A 65 13.50 -38.32 -10.87
N LEU A 66 12.28 -38.82 -10.76
CA LEU A 66 11.97 -40.11 -11.38
C LEU A 66 12.19 -40.03 -12.89
N VAL A 67 11.68 -38.98 -13.50
CA VAL A 67 11.84 -38.79 -14.95
C VAL A 67 13.29 -38.44 -15.28
N GLY A 68 13.87 -37.55 -14.47
CA GLY A 68 15.25 -37.12 -14.69
C GLY A 68 15.43 -35.66 -14.23
N GLU A 69 14.98 -35.37 -13.02
CA GLU A 69 15.09 -34.02 -12.48
C GLU A 69 14.48 -32.99 -13.44
N GLY B 1 2.72 -43.43 -29.71
CA GLY B 1 2.24 -43.00 -28.37
C GLY B 1 2.59 -44.05 -27.32
N SER B 2 3.83 -44.00 -26.84
CA SER B 2 4.29 -44.95 -25.84
C SER B 2 3.67 -44.64 -24.48
N HIS B 3 3.64 -45.64 -23.61
CA HIS B 3 3.08 -45.48 -22.28
C HIS B 3 3.92 -44.50 -21.45
N GLU B 4 5.24 -44.54 -21.65
CA GLU B 4 6.14 -43.67 -20.91
C GLU B 4 5.77 -42.20 -21.13
N ASN B 5 5.06 -41.94 -22.22
CA ASN B 5 4.63 -40.58 -22.53
C ASN B 5 3.85 -40.00 -21.38
N LYS B 6 3.18 -40.85 -20.63
CA LYS B 6 2.40 -40.36 -19.52
C LYS B 6 3.28 -39.69 -18.48
N GLN B 7 4.40 -40.33 -18.15
CA GLN B 7 5.32 -39.78 -17.16
C GLN B 7 5.97 -38.50 -17.70
N VAL B 8 6.38 -38.54 -18.96
CA VAL B 8 7.01 -37.39 -19.58
C VAL B 8 6.01 -36.25 -19.71
N GLU B 9 4.80 -36.59 -20.15
CA GLU B 9 3.76 -35.59 -20.31
C GLU B 9 3.33 -35.01 -18.97
N GLU B 10 3.20 -35.87 -17.97
CA GLU B 10 2.78 -35.44 -16.64
C GLU B 10 3.80 -34.50 -16.04
N ILE B 11 5.08 -34.86 -16.15
CA ILE B 11 6.16 -34.03 -15.62
C ILE B 11 6.19 -32.69 -16.34
N LEU B 12 5.97 -32.71 -17.64
CA LEU B 12 6.00 -31.49 -18.43
C LEU B 12 4.95 -30.52 -17.91
N ARG B 13 3.77 -31.03 -17.59
CA ARG B 13 2.71 -30.18 -17.07
C ARG B 13 3.11 -29.60 -15.73
N LEU B 14 3.77 -30.42 -14.89
CA LEU B 14 4.19 -29.96 -13.58
C LEU B 14 5.21 -28.82 -13.69
N GLU B 15 6.11 -28.94 -14.65
CA GLU B 15 7.13 -27.90 -14.86
C GLU B 15 6.47 -26.59 -15.30
N LYS B 16 5.48 -26.70 -16.18
CA LYS B 16 4.79 -25.52 -16.65
C LYS B 16 3.93 -24.92 -15.55
N GLU B 17 3.20 -25.78 -14.84
CA GLU B 17 2.32 -25.32 -13.76
C GLU B 17 3.12 -24.79 -12.56
N ILE B 18 4.10 -25.56 -12.12
CA ILE B 18 4.91 -25.15 -10.98
C ILE B 18 5.63 -23.85 -11.29
N GLU B 19 6.15 -23.74 -12.50
CA GLU B 19 6.85 -22.52 -12.90
C GLU B 19 5.89 -21.33 -12.87
N ASP B 20 4.66 -21.56 -13.29
CA ASP B 20 3.67 -20.49 -13.29
C ASP B 20 3.45 -19.98 -11.87
N LEU B 21 3.39 -20.91 -10.92
CA LEU B 21 3.17 -20.53 -9.52
C LEU B 21 4.37 -19.75 -8.97
N GLN B 22 5.56 -20.20 -9.32
CA GLN B 22 6.78 -19.54 -8.85
C GLN B 22 6.86 -18.13 -9.41
N ARG B 23 6.45 -17.97 -10.66
CA ARG B 23 6.48 -16.65 -11.29
C ARG B 23 5.53 -15.71 -10.56
N MET B 24 4.35 -16.21 -10.20
CA MET B 24 3.37 -15.41 -9.49
C MET B 24 3.91 -15.02 -8.13
N LYS B 25 4.54 -15.96 -7.44
CA LYS B 25 5.10 -15.69 -6.12
C LYS B 25 6.16 -14.59 -6.21
N GLU B 26 7.06 -14.71 -7.18
CA GLU B 26 8.13 -13.73 -7.33
C GLU B 26 7.56 -12.36 -7.70
N ARG B 27 6.62 -12.34 -8.64
CA ARG B 27 6.02 -11.08 -9.07
C ARG B 27 5.21 -10.44 -7.94
N GLN B 28 4.50 -11.27 -7.19
CA GLN B 28 3.68 -10.76 -6.08
C GLN B 28 4.55 -10.12 -5.01
N GLU B 29 5.64 -10.78 -4.64
CA GLU B 29 6.53 -10.25 -3.62
C GLU B 29 7.19 -8.96 -4.12
N LEU B 30 7.58 -8.96 -5.38
CA LEU B 30 8.21 -7.79 -5.98
C LEU B 30 7.24 -6.63 -6.04
N SER B 31 5.99 -6.92 -6.37
CA SER B 31 4.98 -5.88 -6.45
C SER B 31 4.76 -5.23 -5.09
N LEU B 32 4.73 -6.06 -4.06
CA LEU B 32 4.54 -5.57 -2.70
C LEU B 32 5.69 -4.68 -2.28
N THR B 33 6.90 -5.05 -2.66
CA THR B 33 8.07 -4.26 -2.30
C THR B 33 7.96 -2.86 -2.92
N GLU B 34 7.63 -2.82 -4.20
CA GLU B 34 7.48 -1.54 -4.88
C GLU B 34 6.29 -0.76 -4.32
N ALA B 35 5.18 -1.45 -4.11
CA ALA B 35 3.99 -0.78 -3.58
C ALA B 35 4.24 -0.27 -2.18
N SER B 36 4.92 -1.07 -1.37
CA SER B 36 5.21 -0.69 -0.02
C SER B 36 6.02 0.60 0.00
N LEU B 37 6.97 0.69 -0.90
CA LEU B 37 7.82 1.86 -0.99
C LEU B 37 6.98 3.11 -1.29
N GLN B 38 6.01 2.96 -2.18
CA GLN B 38 5.16 4.09 -2.52
C GLN B 38 4.41 4.57 -1.28
N LYS B 39 3.98 3.62 -0.45
CA LYS B 39 3.26 3.98 0.76
C LYS B 39 4.15 4.80 1.69
N LEU B 40 5.41 4.40 1.82
CA LEU B 40 6.32 5.13 2.69
C LEU B 40 6.44 6.56 2.21
N GLN B 41 6.47 6.75 0.91
CA GLN B 41 6.58 8.09 0.35
C GLN B 41 5.39 8.93 0.79
N LEU B 42 4.20 8.33 0.77
CA LEU B 42 3.00 9.03 1.17
C LEU B 42 3.10 9.45 2.63
N GLU B 43 3.66 8.57 3.46
CA GLU B 43 3.81 8.87 4.88
C GLU B 43 4.65 10.12 5.06
N ASP B 44 5.68 10.26 4.25
CA ASP B 44 6.54 11.44 4.33
C ASP B 44 5.75 12.69 4.02
N LYS B 45 4.92 12.62 2.98
CA LYS B 45 4.10 13.78 2.59
C LYS B 45 3.10 14.13 3.68
N VAL B 46 2.40 13.12 4.19
CA VAL B 46 1.41 13.33 5.25
C VAL B 46 2.10 13.82 6.52
N GLU B 47 3.22 13.20 6.88
CA GLU B 47 3.95 13.60 8.07
C GLU B 47 4.35 15.06 8.01
N GLU B 48 4.93 15.46 6.88
CA GLU B 48 5.35 16.85 6.71
C GLU B 48 4.14 17.76 6.65
N LEU B 49 3.09 17.31 5.97
CA LEU B 49 1.88 18.11 5.85
C LEU B 49 1.27 18.33 7.24
N LEU B 50 1.29 17.28 8.06
CA LEU B 50 0.74 17.38 9.40
C LEU B 50 1.52 18.40 10.22
N SER B 51 2.83 18.36 10.11
CA SER B 51 3.68 19.28 10.85
C SER B 51 3.40 20.73 10.42
N LYS B 52 3.27 20.94 9.12
CA LYS B 52 3.00 22.27 8.59
C LYS B 52 1.62 22.75 9.04
N ASN B 53 0.67 21.83 9.06
CA ASN B 53 -0.68 22.18 9.47
C ASN B 53 -0.69 22.70 10.91
N TYR B 54 0.08 22.05 11.76
CA TYR B 54 0.17 22.46 13.16
C TYR B 54 0.77 23.85 13.27
N HIS B 55 1.83 24.10 12.52
CA HIS B 55 2.46 25.40 12.57
C HIS B 55 1.48 26.48 12.12
N LEU B 56 0.79 26.22 11.04
CA LEU B 56 -0.19 27.17 10.52
C LEU B 56 -1.38 27.27 11.48
N GLU B 57 -1.75 26.15 12.08
CA GLU B 57 -2.87 26.12 13.02
C GLU B 57 -2.64 27.11 14.15
N ASN B 58 -1.42 27.15 14.66
CA ASN B 58 -1.10 28.09 15.74
C ASN B 58 -1.13 29.52 15.23
N GLU B 59 -0.60 29.74 14.03
CA GLU B 59 -0.58 31.09 13.46
C GLU B 59 -1.99 31.62 13.24
N VAL B 60 -2.82 30.85 12.55
CA VAL B 60 -4.19 31.25 12.28
C VAL B 60 -5.00 31.28 13.58
N ALA B 61 -4.78 30.29 14.42
CA ALA B 61 -5.50 30.21 15.70
C ALA B 61 -5.18 31.43 16.55
N ARG B 62 -3.92 31.85 16.53
CA ARG B 62 -3.52 33.01 17.32
C ARG B 62 -4.26 34.25 16.84
N LEU B 63 -4.30 34.43 15.52
CA LEU B 63 -4.98 35.58 14.93
C LEU B 63 -6.49 35.48 15.13
N LYS B 64 -7.01 34.27 15.06
CA LYS B 64 -8.45 34.06 15.22
C LYS B 64 -8.92 34.68 16.54
N LYS B 65 -8.10 34.56 17.57
CA LYS B 65 -8.44 35.11 18.88
C LYS B 65 -8.66 36.61 18.80
N LEU B 66 -7.90 37.29 17.94
CA LEU B 66 -8.04 38.73 17.80
C LEU B 66 -9.46 39.08 17.36
N VAL B 67 -9.96 38.37 16.35
CA VAL B 67 -11.31 38.60 15.86
C VAL B 67 -12.35 38.09 16.86
N GLY B 68 -12.09 36.91 17.41
CA GLY B 68 -13.00 36.30 18.39
C GLY B 68 -12.97 34.78 18.29
N GLU B 69 -11.77 34.22 18.29
CA GLU B 69 -11.60 32.77 18.21
C GLU B 69 -12.31 32.23 16.98
N GLY A 1 -17.96 50.12 11.22
CA GLY A 1 -16.72 49.42 10.83
C GLY A 1 -16.88 48.82 9.44
N SER A 2 -17.19 49.67 8.46
CA SER A 2 -17.37 49.21 7.09
C SER A 2 -16.08 48.59 6.55
N HIS A 3 -14.95 49.20 6.90
CA HIS A 3 -13.66 48.71 6.46
C HIS A 3 -13.21 47.52 7.30
N GLU A 4 -13.82 47.38 8.48
CA GLU A 4 -13.47 46.28 9.38
C GLU A 4 -13.89 44.94 8.78
N ASN A 5 -14.82 44.99 7.84
CA ASN A 5 -15.29 43.77 7.18
C ASN A 5 -14.12 43.01 6.62
N LYS A 6 -13.07 43.71 6.25
CA LYS A 6 -11.91 43.04 5.72
C LYS A 6 -11.31 42.10 6.75
N GLN A 7 -11.18 42.57 7.99
CA GLN A 7 -10.62 41.75 9.05
C GLN A 7 -11.54 40.57 9.33
N VAL A 8 -12.82 40.85 9.52
CA VAL A 8 -13.78 39.79 9.80
C VAL A 8 -13.83 38.80 8.65
N GLU A 9 -13.85 39.33 7.44
CA GLU A 9 -13.89 38.48 6.25
C GLU A 9 -12.59 37.69 6.12
N GLU A 10 -11.49 38.31 6.52
CA GLU A 10 -10.18 37.67 6.42
C GLU A 10 -10.11 36.44 7.32
N ILE A 11 -10.57 36.61 8.55
CA ILE A 11 -10.58 35.50 9.50
C ILE A 11 -11.46 34.36 8.99
N LEU A 12 -12.62 34.72 8.47
CA LEU A 12 -13.53 33.71 7.98
C LEU A 12 -12.85 32.87 6.91
N ARG A 13 -12.08 33.52 6.06
CA ARG A 13 -11.37 32.80 5.01
C ARG A 13 -10.34 31.84 5.62
N LEU A 14 -9.68 32.30 6.68
CA LEU A 14 -8.68 31.47 7.35
C LEU A 14 -9.31 30.23 7.95
N GLU A 15 -10.50 30.39 8.52
CA GLU A 15 -11.20 29.28 9.13
C GLU A 15 -11.59 28.25 8.07
N LYS A 16 -12.03 28.74 6.92
CA LYS A 16 -12.41 27.85 5.82
C LYS A 16 -11.17 27.20 5.20
N GLU A 17 -10.15 28.00 4.98
CA GLU A 17 -8.91 27.52 4.37
C GLU A 17 -8.17 26.57 5.30
N ILE A 18 -8.00 26.98 6.54
CA ILE A 18 -7.31 26.17 7.52
C ILE A 18 -8.05 24.85 7.74
N GLU A 19 -9.37 24.95 7.84
CA GLU A 19 -10.18 23.75 8.04
C GLU A 19 -9.97 22.77 6.90
N ASP A 20 -9.89 23.31 5.69
CA ASP A 20 -9.68 22.46 4.51
C ASP A 20 -8.35 21.71 4.62
N LEU A 21 -7.31 22.43 5.03
CA LEU A 21 -5.98 21.83 5.17
C LEU A 21 -5.99 20.74 6.24
N GLN A 22 -6.68 21.01 7.33
CA GLN A 22 -6.77 20.04 8.43
C GLN A 22 -7.37 18.74 7.93
N ARG A 23 -8.38 18.85 7.09
CA ARG A 23 -9.02 17.67 6.54
C ARG A 23 -8.12 16.99 5.51
N MET A 24 -7.38 17.79 4.75
CA MET A 24 -6.50 17.23 3.72
C MET A 24 -5.45 16.30 4.33
N LYS A 25 -4.80 16.77 5.40
CA LYS A 25 -3.78 15.96 6.06
C LYS A 25 -4.41 14.78 6.78
N GLU A 26 -5.52 15.04 7.46
CA GLU A 26 -6.23 14.00 8.23
C GLU A 26 -6.78 12.93 7.30
N ARG A 27 -7.31 13.34 6.17
CA ARG A 27 -7.87 12.41 5.19
C ARG A 27 -6.76 11.59 4.54
N GLN A 28 -5.62 12.24 4.28
CA GLN A 28 -4.50 11.54 3.65
C GLN A 28 -3.96 10.42 4.54
N GLU A 29 -3.75 10.72 5.81
CA GLU A 29 -3.24 9.72 6.74
C GLU A 29 -4.26 8.62 6.95
N LEU A 30 -5.54 9.01 6.99
CA LEU A 30 -6.61 8.05 7.19
C LEU A 30 -6.65 7.05 6.04
N SER A 31 -6.51 7.55 4.83
CA SER A 31 -6.53 6.70 3.66
C SER A 31 -5.35 5.73 3.67
N LEU A 32 -4.19 6.25 4.05
CA LEU A 32 -2.98 5.43 4.10
C LEU A 32 -3.15 4.33 5.13
N THR A 33 -3.75 4.66 6.26
CA THR A 33 -3.96 3.67 7.30
C THR A 33 -4.79 2.52 6.76
N GLU A 34 -5.88 2.84 6.09
CA GLU A 34 -6.73 1.81 5.52
C GLU A 34 -5.97 1.03 4.45
N ALA A 35 -5.15 1.75 3.67
CA ALA A 35 -4.38 1.10 2.63
C ALA A 35 -3.36 0.15 3.22
N SER A 36 -2.74 0.56 4.32
CA SER A 36 -1.75 -0.29 4.95
C SER A 36 -2.36 -1.61 5.38
N LEU A 37 -3.54 -1.55 5.96
CA LEU A 37 -4.22 -2.76 6.39
C LEU A 37 -4.51 -3.67 5.21
N GLN A 38 -4.92 -3.08 4.10
CA GLN A 38 -5.21 -3.86 2.91
C GLN A 38 -3.98 -4.62 2.45
N LYS A 39 -2.83 -3.95 2.48
CA LYS A 39 -1.60 -4.58 2.05
C LYS A 39 -1.28 -5.78 2.92
N LEU A 40 -1.49 -5.64 4.23
CA LEU A 40 -1.23 -6.74 5.15
C LEU A 40 -2.07 -7.94 4.77
N GLN A 41 -3.31 -7.70 4.36
CA GLN A 41 -4.19 -8.79 3.98
C GLN A 41 -3.60 -9.55 2.80
N LEU A 42 -3.05 -8.81 1.85
CA LEU A 42 -2.44 -9.44 0.68
C LEU A 42 -1.27 -10.31 1.11
N GLU A 43 -0.50 -9.84 2.08
CA GLU A 43 0.65 -10.60 2.56
C GLU A 43 0.20 -11.95 3.08
N ASP A 44 -0.92 -11.97 3.79
CA ASP A 44 -1.45 -13.21 4.33
C ASP A 44 -1.79 -14.17 3.20
N LYS A 45 -2.40 -13.65 2.13
CA LYS A 45 -2.77 -14.47 1.00
C LYS A 45 -1.51 -15.03 0.32
N VAL A 46 -0.53 -14.17 0.09
CA VAL A 46 0.72 -14.58 -0.56
C VAL A 46 1.44 -15.59 0.33
N GLU A 47 1.51 -15.31 1.62
CA GLU A 47 2.18 -16.21 2.55
C GLU A 47 1.59 -17.61 2.46
N GLU A 48 0.27 -17.70 2.50
CA GLU A 48 -0.40 -18.99 2.42
C GLU A 48 -0.15 -19.62 1.05
N LEU A 49 -0.15 -18.78 0.02
CA LEU A 49 0.08 -19.27 -1.33
C LEU A 49 1.47 -19.88 -1.45
N LEU A 50 2.44 -19.22 -0.84
CA LEU A 50 3.81 -19.70 -0.89
C LEU A 50 3.92 -21.06 -0.20
N SER A 51 3.26 -21.19 0.93
CA SER A 51 3.29 -22.45 1.67
C SER A 51 2.76 -23.59 0.80
N LYS A 52 1.67 -23.33 0.11
CA LYS A 52 1.08 -24.33 -0.76
C LYS A 52 2.03 -24.67 -1.90
N ASN A 53 2.66 -23.64 -2.46
CA ASN A 53 3.58 -23.84 -3.57
C ASN A 53 4.74 -24.74 -3.13
N TYR A 54 5.24 -24.50 -1.93
CA TYR A 54 6.34 -25.29 -1.41
C TYR A 54 5.93 -26.75 -1.32
N HIS A 55 4.74 -26.99 -0.81
CA HIS A 55 4.27 -28.36 -0.68
C HIS A 55 4.19 -29.04 -2.06
N LEU A 56 3.66 -28.31 -3.03
CA LEU A 56 3.55 -28.84 -4.39
C LEU A 56 4.93 -29.07 -4.97
N GLU A 57 5.85 -28.15 -4.70
CA GLU A 57 7.21 -28.28 -5.22
C GLU A 57 7.81 -29.62 -4.81
N ASN A 58 7.60 -30.02 -3.57
CA ASN A 58 8.12 -31.29 -3.10
C ASN A 58 7.42 -32.44 -3.81
N GLU A 59 6.12 -32.34 -3.99
CA GLU A 59 5.38 -33.40 -4.65
C GLU A 59 5.83 -33.57 -6.11
N VAL A 60 5.80 -32.48 -6.85
CA VAL A 60 6.21 -32.51 -8.26
C VAL A 60 7.70 -32.82 -8.36
N ALA A 61 8.50 -32.21 -7.48
CA ALA A 61 9.93 -32.43 -7.50
C ALA A 61 10.23 -33.91 -7.35
N ARG A 62 9.50 -34.59 -6.48
CA ARG A 62 9.70 -36.00 -6.28
C ARG A 62 9.46 -36.77 -7.58
N LEU A 63 8.35 -36.44 -8.25
CA LEU A 63 8.03 -37.10 -9.51
C LEU A 63 9.07 -36.80 -10.57
N LYS A 64 9.49 -35.54 -10.63
CA LYS A 64 10.49 -35.12 -11.60
C LYS A 64 11.81 -35.83 -11.37
N LYS A 65 12.18 -35.97 -10.09
CA LYS A 65 13.43 -36.64 -9.74
C LYS A 65 13.45 -38.06 -10.28
N LEU A 66 12.31 -38.74 -10.21
CA LEU A 66 12.22 -40.10 -10.68
C LEU A 66 12.50 -40.17 -12.18
N VAL A 67 11.90 -39.25 -12.93
CA VAL A 67 12.11 -39.20 -14.37
C VAL A 67 13.52 -38.73 -14.70
N GLY A 68 13.97 -37.70 -13.98
CA GLY A 68 15.31 -37.16 -14.21
C GLY A 68 15.34 -35.68 -13.89
N GLU A 69 14.73 -35.29 -12.78
CA GLU A 69 14.70 -33.89 -12.36
C GLU A 69 14.13 -33.02 -13.48
N GLY B 1 8.90 -46.94 -26.03
CA GLY B 1 8.10 -46.38 -24.92
C GLY B 1 7.10 -45.36 -25.45
N SER B 2 6.23 -45.81 -26.35
CA SER B 2 5.23 -44.93 -26.93
C SER B 2 4.26 -44.43 -25.86
N HIS B 3 3.91 -45.32 -24.93
CA HIS B 3 3.01 -44.96 -23.85
C HIS B 3 3.75 -44.18 -22.76
N GLU B 4 5.07 -44.31 -22.76
CA GLU B 4 5.89 -43.62 -21.76
C GLU B 4 5.83 -42.11 -21.96
N ASN B 5 5.45 -41.69 -23.16
CA ASN B 5 5.33 -40.27 -23.47
C ASN B 5 4.43 -39.60 -22.46
N LYS B 6 3.49 -40.34 -21.92
CA LYS B 6 2.59 -39.76 -20.95
C LYS B 6 3.38 -39.30 -19.73
N GLN B 7 4.28 -40.14 -19.25
CA GLN B 7 5.08 -39.79 -18.09
C GLN B 7 5.99 -38.61 -18.40
N VAL B 8 6.70 -38.70 -19.52
CA VAL B 8 7.60 -37.63 -19.92
C VAL B 8 6.82 -36.34 -20.12
N GLU B 9 5.69 -36.45 -20.79
CA GLU B 9 4.84 -35.30 -21.04
C GLU B 9 4.26 -34.77 -19.74
N GLU B 10 3.96 -35.67 -18.81
CA GLU B 10 3.38 -35.28 -17.53
C GLU B 10 4.36 -34.42 -16.74
N ILE B 11 5.61 -34.86 -16.68
CA ILE B 11 6.63 -34.10 -15.97
C ILE B 11 6.81 -32.73 -16.60
N LEU B 12 6.85 -32.69 -17.91
CA LEU B 12 7.04 -31.43 -18.60
C LEU B 12 5.96 -30.44 -18.19
N ARG B 13 4.75 -30.94 -18.06
CA ARG B 13 3.65 -30.09 -17.66
C ARG B 13 3.86 -29.58 -16.24
N LEU B 14 4.39 -30.43 -15.37
CA LEU B 14 4.63 -30.05 -13.98
C LEU B 14 5.69 -28.95 -13.91
N GLU B 15 6.71 -29.06 -14.75
CA GLU B 15 7.77 -28.07 -14.78
C GLU B 15 7.23 -26.72 -15.23
N LYS B 16 6.35 -26.75 -16.23
CA LYS B 16 5.75 -25.52 -16.73
C LYS B 16 4.76 -24.96 -15.72
N GLU B 17 3.92 -25.84 -15.17
CA GLU B 17 2.90 -25.43 -14.21
C GLU B 17 3.53 -24.96 -12.90
N ILE B 18 4.46 -25.75 -12.38
CA ILE B 18 5.11 -25.40 -11.12
C ILE B 18 5.88 -24.10 -11.28
N GLU B 19 6.57 -23.97 -12.42
CA GLU B 19 7.35 -22.77 -12.66
C GLU B 19 6.44 -21.53 -12.66
N ASP B 20 5.26 -21.68 -13.24
CA ASP B 20 4.32 -20.59 -13.30
C ASP B 20 3.91 -20.16 -11.88
N LEU B 21 3.65 -21.14 -11.03
CA LEU B 21 3.25 -20.88 -9.65
C LEU B 21 4.38 -20.18 -8.90
N GLN B 22 5.61 -20.64 -9.12
CA GLN B 22 6.75 -20.05 -8.45
C GLN B 22 6.87 -18.56 -8.78
N ARG B 23 6.58 -18.22 -10.02
CA ARG B 23 6.63 -16.82 -10.44
C ARG B 23 5.44 -16.05 -9.88
N MET B 24 4.29 -16.70 -9.79
CA MET B 24 3.09 -16.03 -9.29
C MET B 24 3.30 -15.55 -7.85
N LYS B 25 3.81 -16.43 -7.00
CA LYS B 25 4.04 -16.05 -5.61
C LYS B 25 5.18 -15.05 -5.50
N GLU B 26 6.25 -15.30 -6.26
CA GLU B 26 7.44 -14.42 -6.24
C GLU B 26 7.10 -13.04 -6.77
N ARG B 27 6.29 -12.99 -7.81
CA ARG B 27 5.90 -11.72 -8.40
C ARG B 27 4.96 -10.96 -7.46
N GLN B 28 4.07 -11.69 -6.78
CA GLN B 28 3.13 -11.06 -5.87
C GLN B 28 3.85 -10.39 -4.70
N GLU B 29 4.79 -11.09 -4.10
CA GLU B 29 5.53 -10.53 -2.97
C GLU B 29 6.41 -9.37 -3.43
N LEU B 30 6.97 -9.52 -4.63
CA LEU B 30 7.83 -8.48 -5.18
C LEU B 30 7.05 -7.19 -5.39
N SER B 31 5.84 -7.32 -5.92
CA SER B 31 5.00 -6.16 -6.16
C SER B 31 4.64 -5.49 -4.85
N LEU B 32 4.32 -6.29 -3.85
CA LEU B 32 3.94 -5.77 -2.54
C LEU B 32 5.11 -5.02 -1.92
N THR B 33 6.31 -5.55 -2.09
CA THR B 33 7.49 -4.91 -1.54
C THR B 33 7.63 -3.51 -2.12
N GLU B 34 7.51 -3.41 -3.44
CA GLU B 34 7.61 -2.12 -4.09
C GLU B 34 6.47 -1.20 -3.64
N ALA B 35 5.29 -1.78 -3.46
CA ALA B 35 4.14 -1.01 -3.03
C ALA B 35 4.35 -0.48 -1.62
N SER B 36 4.91 -1.31 -0.76
CA SER B 36 5.15 -0.90 0.62
C SER B 36 6.05 0.31 0.66
N LEU B 37 7.11 0.30 -0.14
CA LEU B 37 8.03 1.42 -0.19
C LEU B 37 7.31 2.68 -0.65
N GLN B 38 6.44 2.55 -1.62
CA GLN B 38 5.70 3.69 -2.12
C GLN B 38 4.85 4.31 -1.01
N LYS B 39 4.20 3.47 -0.23
CA LYS B 39 3.37 3.97 0.85
C LYS B 39 4.19 4.77 1.83
N LEU B 40 5.38 4.28 2.16
CA LEU B 40 6.25 4.98 3.09
C LEU B 40 6.56 6.37 2.57
N GLN B 41 6.75 6.49 1.26
CA GLN B 41 7.04 7.79 0.68
C GLN B 41 5.89 8.76 0.93
N LEU B 42 4.67 8.25 0.80
CA LEU B 42 3.49 9.08 1.03
C LEU B 42 3.47 9.55 2.48
N GLU B 43 3.85 8.67 3.40
CA GLU B 43 3.86 9.01 4.81
C GLU B 43 4.77 10.21 5.05
N ASP B 44 5.92 10.22 4.38
CA ASP B 44 6.86 11.31 4.53
C ASP B 44 6.23 12.62 4.07
N LYS B 45 5.51 12.56 2.95
CA LYS B 45 4.84 13.75 2.42
C LYS B 45 3.77 14.24 3.38
N VAL B 46 2.95 13.31 3.87
CA VAL B 46 1.89 13.67 4.80
C VAL B 46 2.48 14.21 6.10
N GLU B 47 3.52 13.55 6.59
CA GLU B 47 4.17 13.97 7.83
C GLU B 47 4.63 15.43 7.71
N GLU B 48 5.29 15.74 6.61
CA GLU B 48 5.77 17.10 6.39
C GLU B 48 4.60 18.05 6.23
N LEU B 49 3.56 17.59 5.57
CA LEU B 49 2.37 18.42 5.35
C LEU B 49 1.74 18.76 6.68
N LEU B 50 1.67 17.78 7.57
CA LEU B 50 1.08 17.99 8.87
C LEU B 50 1.86 19.03 9.66
N SER B 51 3.19 18.93 9.60
CA SER B 51 4.03 19.88 10.32
C SER B 51 3.75 21.31 9.85
N LYS B 52 3.62 21.48 8.55
CA LYS B 52 3.33 22.78 7.98
C LYS B 52 1.96 23.27 8.43
N ASN B 53 0.98 22.36 8.44
CA ASN B 53 -0.36 22.72 8.84
C ASN B 53 -0.36 23.20 10.29
N TYR B 54 0.38 22.52 11.15
CA TYR B 54 0.47 22.90 12.55
C TYR B 54 1.01 24.32 12.67
N HIS B 55 2.05 24.61 11.93
CA HIS B 55 2.64 25.93 11.99
C HIS B 55 1.62 26.99 11.57
N LEU B 56 0.90 26.71 10.49
CA LEU B 56 -0.12 27.63 10.01
C LEU B 56 -1.24 27.77 11.02
N GLU B 57 -1.61 26.66 11.66
CA GLU B 57 -2.67 26.69 12.65
C GLU B 57 -2.36 27.70 13.73
N ASN B 58 -1.12 27.73 14.18
CA ASN B 58 -0.72 28.68 15.21
C ASN B 58 -0.79 30.10 14.67
N GLU B 59 -0.35 30.30 13.43
CA GLU B 59 -0.37 31.63 12.86
C GLU B 59 -1.80 32.15 12.69
N VAL B 60 -2.65 31.36 12.04
CA VAL B 60 -4.03 31.74 11.83
C VAL B 60 -4.77 31.79 13.16
N ALA B 61 -4.50 30.82 14.02
CA ALA B 61 -5.16 30.76 15.32
C ALA B 61 -4.89 32.05 16.09
N ARG B 62 -3.67 32.53 16.01
CA ARG B 62 -3.33 33.77 16.70
C ARG B 62 -4.19 34.92 16.18
N LEU B 63 -4.31 35.02 14.86
CA LEU B 63 -5.13 36.08 14.26
C LEU B 63 -6.60 35.91 14.64
N LYS B 64 -7.07 34.68 14.58
CA LYS B 64 -8.47 34.41 14.92
C LYS B 64 -8.76 34.75 16.36
N LYS B 65 -7.81 34.43 17.24
CA LYS B 65 -7.98 34.71 18.66
C LYS B 65 -8.18 36.21 18.89
N LEU B 66 -7.45 37.03 18.14
CA LEU B 66 -7.56 38.46 18.29
C LEU B 66 -8.98 38.93 17.94
N VAL B 67 -9.51 38.40 16.84
CA VAL B 67 -10.85 38.76 16.42
C VAL B 67 -11.89 38.15 17.35
N GLY B 68 -11.68 36.90 17.74
CA GLY B 68 -12.61 36.21 18.63
C GLY B 68 -12.62 34.71 18.34
N GLU B 69 -11.45 34.13 18.15
CA GLU B 69 -11.34 32.70 17.88
C GLU B 69 -12.19 32.33 16.66
N GLY A 1 -18.79 49.76 11.22
CA GLY A 1 -19.39 48.41 11.42
C GLY A 1 -19.35 47.63 10.12
N SER A 2 -19.83 48.27 9.04
CA SER A 2 -19.84 47.63 7.73
C SER A 2 -18.42 47.32 7.28
N HIS A 3 -17.49 48.21 7.62
CA HIS A 3 -16.10 48.02 7.24
C HIS A 3 -15.50 46.81 7.96
N GLU A 4 -15.90 46.62 9.21
CA GLU A 4 -15.40 45.51 10.01
C GLU A 4 -15.66 44.18 9.31
N ASN A 5 -16.60 44.18 8.37
CA ASN A 5 -16.94 42.98 7.63
C ASN A 5 -15.70 42.42 6.97
N LYS A 6 -14.78 43.29 6.61
CA LYS A 6 -13.56 42.83 5.96
C LYS A 6 -12.77 41.92 6.88
N GLN A 7 -12.63 42.31 8.14
CA GLN A 7 -11.89 41.50 9.09
C GLN A 7 -12.60 40.18 9.33
N VAL A 8 -13.91 40.24 9.55
CA VAL A 8 -14.70 39.04 9.79
C VAL A 8 -14.69 38.15 8.56
N GLU A 9 -14.87 38.76 7.40
CA GLU A 9 -14.89 38.03 6.14
C GLU A 9 -13.52 37.42 5.85
N GLU A 10 -12.46 38.16 6.17
CA GLU A 10 -11.11 37.69 5.91
C GLU A 10 -10.81 36.44 6.71
N ILE A 11 -11.11 36.49 7.99
CA ILE A 11 -10.89 35.34 8.86
C ILE A 11 -11.73 34.16 8.38
N LEU A 12 -12.96 34.44 8.00
CA LEU A 12 -13.84 33.38 7.58
C LEU A 12 -13.20 32.60 6.43
N ARG A 13 -12.59 33.32 5.51
CA ARG A 13 -11.95 32.69 4.38
C ARG A 13 -10.82 31.81 4.86
N LEU A 14 -10.09 32.29 5.86
CA LEU A 14 -8.97 31.54 6.42
C LEU A 14 -9.47 30.24 7.06
N GLU A 15 -10.61 30.32 7.71
CA GLU A 15 -11.19 29.15 8.36
C GLU A 15 -11.49 28.07 7.32
N LYS A 16 -11.98 28.49 6.17
CA LYS A 16 -12.28 27.54 5.10
C LYS A 16 -11.01 26.95 4.50
N GLU A 17 -10.03 27.81 4.25
CA GLU A 17 -8.77 27.36 3.65
C GLU A 17 -7.96 26.51 4.63
N ILE A 18 -7.81 27.00 5.85
CA ILE A 18 -7.05 26.28 6.86
C ILE A 18 -7.73 24.94 7.15
N GLU A 19 -9.05 24.96 7.22
CA GLU A 19 -9.79 23.74 7.49
C GLU A 19 -9.53 22.71 6.40
N ASP A 20 -9.47 23.18 5.15
CA ASP A 20 -9.22 22.29 4.03
C ASP A 20 -7.85 21.62 4.16
N LEU A 21 -6.87 22.41 4.57
CA LEU A 21 -5.52 21.89 4.74
C LEU A 21 -5.50 20.81 5.83
N GLN A 22 -6.22 21.07 6.91
CA GLN A 22 -6.29 20.12 8.01
C GLN A 22 -6.83 18.78 7.54
N ARG A 23 -7.85 18.84 6.69
CA ARG A 23 -8.46 17.63 6.16
C ARG A 23 -7.47 16.86 5.29
N MET A 24 -6.64 17.60 4.56
CA MET A 24 -5.65 16.96 3.70
C MET A 24 -4.68 16.14 4.53
N LYS A 25 -4.24 16.69 5.65
CA LYS A 25 -3.31 15.98 6.53
C LYS A 25 -3.96 14.71 7.07
N GLU A 26 -5.19 14.85 7.56
CA GLU A 26 -5.89 13.70 8.13
C GLU A 26 -6.22 12.69 7.03
N ARG A 27 -6.57 13.18 5.85
CA ARG A 27 -6.90 12.32 4.73
C ARG A 27 -5.72 11.44 4.37
N GLN A 28 -4.53 12.03 4.35
CA GLN A 28 -3.33 11.29 4.02
C GLN A 28 -3.05 10.22 5.08
N GLU A 29 -3.20 10.60 6.35
CA GLU A 29 -2.97 9.68 7.45
C GLU A 29 -3.92 8.48 7.34
N LEU A 30 -5.16 8.77 6.96
CA LEU A 30 -6.15 7.71 6.81
C LEU A 30 -5.74 6.76 5.69
N SER A 31 -5.21 7.32 4.61
CA SER A 31 -4.76 6.52 3.50
C SER A 31 -3.63 5.60 3.93
N LEU A 32 -2.76 6.13 4.78
CA LEU A 32 -1.64 5.35 5.27
C LEU A 32 -2.12 4.13 6.06
N THR A 33 -3.13 4.36 6.89
CA THR A 33 -3.69 3.29 7.70
C THR A 33 -4.26 2.19 6.81
N GLU A 34 -4.98 2.58 5.78
CA GLU A 34 -5.57 1.61 4.85
C GLU A 34 -4.47 0.85 4.12
N ALA A 35 -3.39 1.55 3.78
CA ALA A 35 -2.27 0.91 3.08
C ALA A 35 -1.69 -0.20 3.92
N SER A 36 -1.48 0.08 5.20
CA SER A 36 -0.92 -0.93 6.09
C SER A 36 -1.83 -2.15 6.17
N LEU A 37 -3.13 -1.89 6.27
CA LEU A 37 -4.10 -2.96 6.35
C LEU A 37 -4.05 -3.82 5.09
N GLN A 38 -3.87 -3.17 3.95
CA GLN A 38 -3.81 -3.89 2.70
C GLN A 38 -2.62 -4.84 2.69
N LYS A 39 -1.50 -4.37 3.24
CA LYS A 39 -0.30 -5.21 3.29
C LYS A 39 -0.57 -6.48 4.08
N LEU A 40 -1.24 -6.35 5.21
CA LEU A 40 -1.55 -7.51 6.04
C LEU A 40 -2.40 -8.50 5.26
N GLN A 41 -3.33 -7.98 4.48
CA GLN A 41 -4.20 -8.85 3.70
C GLN A 41 -3.38 -9.70 2.74
N LEU A 42 -2.37 -9.08 2.14
CA LEU A 42 -1.50 -9.80 1.21
C LEU A 42 -0.77 -10.92 1.94
N GLU A 43 -0.33 -10.65 3.16
CA GLU A 43 0.39 -11.65 3.94
C GLU A 43 -0.47 -12.88 4.13
N ASP A 44 -1.76 -12.68 4.41
CA ASP A 44 -2.67 -13.80 4.59
C ASP A 44 -2.79 -14.62 3.31
N LYS A 45 -2.92 -13.94 2.18
CA LYS A 45 -3.03 -14.62 0.90
C LYS A 45 -1.73 -15.33 0.54
N VAL A 46 -0.62 -14.60 0.65
CA VAL A 46 0.69 -15.16 0.35
C VAL A 46 1.02 -16.29 1.31
N GLU A 47 0.69 -16.12 2.57
CA GLU A 47 0.96 -17.13 3.58
C GLU A 47 0.28 -18.45 3.21
N GLU A 48 -1.00 -18.38 2.87
CA GLU A 48 -1.75 -19.58 2.51
C GLU A 48 -1.24 -20.16 1.20
N LEU A 49 -1.06 -19.31 0.20
CA LEU A 49 -0.57 -19.76 -1.09
C LEU A 49 0.82 -20.32 -0.95
N LEU A 50 1.62 -19.70 -0.10
CA LEU A 50 2.97 -20.15 0.11
C LEU A 50 2.97 -21.57 0.67
N SER A 51 2.10 -21.81 1.63
CA SER A 51 2.01 -23.13 2.25
C SER A 51 1.60 -24.18 1.22
N LYS A 52 0.60 -23.83 0.42
CA LYS A 52 0.11 -24.74 -0.62
C LYS A 52 1.17 -24.96 -1.68
N ASN A 53 1.86 -23.89 -2.05
CA ASN A 53 2.90 -23.97 -3.06
C ASN A 53 4.01 -24.90 -2.60
N TYR A 54 4.38 -24.78 -1.32
CA TYR A 54 5.42 -25.62 -0.76
C TYR A 54 5.01 -27.09 -0.84
N HIS A 55 3.78 -27.37 -0.48
CA HIS A 55 3.29 -28.74 -0.50
C HIS A 55 3.25 -29.27 -1.93
N LEU A 56 2.73 -28.45 -2.85
CA LEU A 56 2.64 -28.83 -4.25
C LEU A 56 4.02 -29.02 -4.85
N GLU A 57 4.93 -28.13 -4.49
CA GLU A 57 6.29 -28.21 -5.00
C GLU A 57 6.93 -29.54 -4.63
N ASN A 58 6.72 -29.97 -3.40
CA ASN A 58 7.28 -31.25 -2.95
C ASN A 58 6.68 -32.40 -3.72
N GLU A 59 5.38 -32.34 -3.96
CA GLU A 59 4.71 -33.41 -4.69
C GLU A 59 5.14 -33.43 -6.16
N VAL A 60 5.07 -32.28 -6.81
CA VAL A 60 5.46 -32.19 -8.21
C VAL A 60 6.95 -32.44 -8.37
N ALA A 61 7.75 -31.80 -7.52
CA ALA A 61 9.19 -31.97 -7.57
C ALA A 61 9.56 -33.42 -7.42
N ARG A 62 8.88 -34.10 -6.50
CA ARG A 62 9.15 -35.52 -6.28
C ARG A 62 8.88 -36.32 -7.56
N LEU A 63 7.78 -35.99 -8.22
CA LEU A 63 7.43 -36.68 -9.45
C LEU A 63 8.45 -36.39 -10.54
N LYS A 64 8.85 -35.12 -10.65
CA LYS A 64 9.81 -34.72 -11.67
C LYS A 64 11.17 -35.39 -11.43
N LYS A 65 11.55 -35.49 -10.16
CA LYS A 65 12.82 -36.11 -9.80
C LYS A 65 12.90 -37.52 -10.37
N LEU A 66 11.78 -38.22 -10.37
CA LEU A 66 11.75 -39.58 -10.88
C LEU A 66 12.15 -39.62 -12.35
N VAL A 67 11.62 -38.69 -13.13
CA VAL A 67 11.92 -38.62 -14.54
C VAL A 67 13.37 -38.15 -14.75
N GLY A 68 13.77 -37.15 -13.98
CA GLY A 68 15.12 -36.62 -14.09
C GLY A 68 15.18 -35.19 -13.56
N GLU A 69 14.22 -34.84 -12.71
CA GLU A 69 14.18 -33.49 -12.13
C GLU A 69 14.15 -32.44 -13.24
N GLY B 1 9.37 -46.46 -26.66
CA GLY B 1 10.08 -45.14 -26.68
C GLY B 1 9.08 -44.03 -26.95
N SER B 2 8.26 -44.20 -27.99
CA SER B 2 7.27 -43.19 -28.34
C SER B 2 6.25 -43.04 -27.21
N HIS B 3 5.93 -44.14 -26.54
CA HIS B 3 4.97 -44.10 -25.44
C HIS B 3 5.54 -43.30 -24.26
N GLU B 4 6.84 -43.42 -24.06
CA GLU B 4 7.50 -42.72 -22.96
C GLU B 4 7.26 -41.22 -23.06
N ASN B 5 6.90 -40.76 -24.25
CA ASN B 5 6.64 -39.35 -24.48
C ASN B 5 5.59 -38.85 -23.51
N LYS B 6 4.68 -39.73 -23.13
CA LYS B 6 3.64 -39.34 -22.20
C LYS B 6 4.22 -38.90 -20.87
N GLN B 7 5.18 -39.68 -20.36
CA GLN B 7 5.80 -39.35 -19.09
C GLN B 7 6.59 -38.06 -19.21
N VAL B 8 7.38 -37.95 -20.26
CA VAL B 8 8.18 -36.74 -20.48
C VAL B 8 7.28 -35.53 -20.70
N GLU B 9 6.25 -35.72 -21.52
CA GLU B 9 5.32 -34.65 -21.82
C GLU B 9 4.52 -34.24 -20.58
N GLU B 10 4.15 -35.23 -19.77
CA GLU B 10 3.37 -34.97 -18.57
C GLU B 10 4.15 -34.10 -17.60
N ILE B 11 5.39 -34.48 -17.35
CA ILE B 11 6.23 -33.71 -16.46
C ILE B 11 6.45 -32.31 -17.02
N LEU B 12 6.65 -32.23 -18.31
CA LEU B 12 6.90 -30.95 -18.93
C LEU B 12 5.77 -29.98 -18.61
N ARG B 13 4.54 -30.49 -18.68
CA ARG B 13 3.39 -29.67 -18.38
C ARG B 13 3.44 -29.20 -16.94
N LEU B 14 3.84 -30.10 -16.06
CA LEU B 14 3.94 -29.78 -14.64
C LEU B 14 4.96 -28.68 -14.41
N GLU B 15 6.05 -28.73 -15.17
CA GLU B 15 7.11 -27.73 -15.05
C GLU B 15 6.56 -26.35 -15.41
N LYS B 16 5.72 -26.30 -16.42
CA LYS B 16 5.13 -25.03 -16.84
C LYS B 16 4.11 -24.53 -15.80
N GLU B 17 3.27 -25.43 -15.31
CA GLU B 17 2.26 -25.07 -14.34
C GLU B 17 2.87 -24.72 -12.99
N ILE B 18 3.75 -25.58 -12.51
CA ILE B 18 4.40 -25.35 -11.23
C ILE B 18 5.21 -24.06 -11.27
N GLU B 19 5.90 -23.85 -12.39
CA GLU B 19 6.70 -22.65 -12.55
C GLU B 19 5.82 -21.41 -12.47
N ASP B 20 4.64 -21.48 -13.07
CA ASP B 20 3.72 -20.36 -13.03
C ASP B 20 3.31 -20.04 -11.61
N LEU B 21 3.05 -21.08 -10.83
CA LEU B 21 2.65 -20.89 -9.44
C LEU B 21 3.77 -20.22 -8.65
N GLN B 22 5.01 -20.63 -8.92
CA GLN B 22 6.16 -20.07 -8.23
C GLN B 22 6.25 -18.57 -8.49
N ARG B 23 6.00 -18.19 -9.74
CA ARG B 23 6.05 -16.77 -10.12
C ARG B 23 4.98 -15.99 -9.37
N MET B 24 3.82 -16.60 -9.17
CA MET B 24 2.72 -15.94 -8.48
C MET B 24 3.14 -15.61 -7.05
N LYS B 25 3.79 -16.54 -6.38
CA LYS B 25 4.23 -16.31 -5.01
C LYS B 25 5.24 -15.17 -4.97
N GLU B 26 6.22 -15.21 -5.87
CA GLU B 26 7.25 -14.18 -5.91
C GLU B 26 6.66 -12.84 -6.32
N ARG B 27 5.71 -12.89 -7.25
CA ARG B 27 5.07 -11.68 -7.74
C ARG B 27 4.35 -10.95 -6.59
N GLN B 28 3.67 -11.72 -5.75
CA GLN B 28 2.96 -11.14 -4.64
C GLN B 28 3.94 -10.53 -3.64
N GLU B 29 5.03 -11.24 -3.37
CA GLU B 29 6.04 -10.76 -2.45
C GLU B 29 6.62 -9.43 -2.94
N LEU B 30 6.82 -9.34 -4.25
CA LEU B 30 7.35 -8.13 -4.86
C LEU B 30 6.37 -6.98 -4.65
N SER B 31 5.10 -7.28 -4.81
CA SER B 31 4.06 -6.27 -4.63
C SER B 31 4.07 -5.76 -3.20
N LEU B 32 4.31 -6.66 -2.26
CA LEU B 32 4.32 -6.29 -0.86
C LEU B 32 5.46 -5.32 -0.58
N THR B 33 6.61 -5.58 -1.20
CA THR B 33 7.77 -4.71 -1.03
C THR B 33 7.47 -3.31 -1.54
N GLU B 34 6.86 -3.23 -2.71
CA GLU B 34 6.52 -1.94 -3.30
C GLU B 34 5.51 -1.21 -2.42
N ALA B 35 4.57 -1.95 -1.86
CA ALA B 35 3.56 -1.36 -1.00
C ALA B 35 4.21 -0.69 0.19
N SER B 36 5.16 -1.36 0.81
CA SER B 36 5.84 -0.81 1.96
C SER B 36 6.57 0.47 1.57
N LEU B 37 7.22 0.44 0.43
CA LEU B 37 7.96 1.61 -0.05
C LEU B 37 7.01 2.78 -0.25
N GLN B 38 5.83 2.49 -0.77
CA GLN B 38 4.84 3.53 -1.01
C GLN B 38 4.45 4.19 0.31
N LYS B 39 4.31 3.39 1.35
CA LYS B 39 3.93 3.91 2.65
C LYS B 39 4.97 4.93 3.13
N LEU B 40 6.25 4.58 2.98
CA LEU B 40 7.31 5.48 3.40
C LEU B 40 7.23 6.80 2.65
N GLN B 41 6.89 6.72 1.38
CA GLN B 41 6.79 7.92 0.57
C GLN B 41 5.73 8.86 1.14
N LEU B 42 4.62 8.28 1.59
CA LEU B 42 3.54 9.08 2.17
C LEU B 42 4.04 9.76 3.44
N GLU B 43 4.85 9.05 4.21
CA GLU B 43 5.38 9.62 5.45
C GLU B 43 6.17 10.88 5.16
N ASP B 44 6.98 10.84 4.11
CA ASP B 44 7.79 12.00 3.74
C ASP B 44 6.88 13.18 3.37
N LYS B 45 5.84 12.91 2.58
CA LYS B 45 4.91 13.96 2.18
C LYS B 45 4.13 14.50 3.37
N VAL B 46 3.56 13.58 4.15
CA VAL B 46 2.78 13.95 5.33
C VAL B 46 3.66 14.66 6.34
N GLU B 47 4.88 14.16 6.51
CA GLU B 47 5.80 14.76 7.47
C GLU B 47 6.05 16.23 7.14
N GLU B 48 6.35 16.51 5.87
CA GLU B 48 6.62 17.88 5.45
C GLU B 48 5.35 18.73 5.53
N LEU B 49 4.25 18.20 5.01
CA LEU B 49 2.98 18.91 5.04
C LEU B 49 2.55 19.14 6.48
N LEU B 50 2.79 18.16 7.31
CA LEU B 50 2.41 18.25 8.70
C LEU B 50 3.15 19.40 9.36
N SER B 51 4.44 19.51 9.08
CA SER B 51 5.26 20.58 9.65
C SER B 51 4.76 21.94 9.19
N LYS B 52 4.48 22.05 7.89
CA LYS B 52 3.99 23.29 7.32
C LYS B 52 2.60 23.62 7.87
N ASN B 53 1.77 22.60 7.98
CA ASN B 53 0.42 22.79 8.50
C ASN B 53 0.47 23.32 9.93
N TYR B 54 1.36 22.76 10.72
CA TYR B 54 1.50 23.19 12.10
C TYR B 54 1.91 24.65 12.17
N HIS B 55 2.86 25.03 11.33
CA HIS B 55 3.32 26.41 11.33
C HIS B 55 2.21 27.35 10.87
N LEU B 56 1.51 26.96 9.81
CA LEU B 56 0.43 27.77 9.26
C LEU B 56 -0.71 27.86 10.26
N GLU B 57 -1.00 26.75 10.94
CA GLU B 57 -2.07 26.73 11.92
C GLU B 57 -1.80 27.74 13.02
N ASN B 58 -0.57 27.81 13.48
CA ASN B 58 -0.21 28.75 14.53
C ASN B 58 -0.38 30.19 14.04
N GLU B 59 0.02 30.44 12.81
CA GLU B 59 -0.09 31.79 12.25
C GLU B 59 -1.56 32.17 12.04
N VAL B 60 -2.30 31.30 11.37
CA VAL B 60 -3.70 31.57 11.10
C VAL B 60 -4.50 31.58 12.40
N ALA B 61 -4.28 30.58 13.24
CA ALA B 61 -4.98 30.48 14.51
C ALA B 61 -4.75 31.73 15.33
N ARG B 62 -3.52 32.21 15.32
CA ARG B 62 -3.18 33.42 16.07
C ARG B 62 -4.00 34.59 15.55
N LEU B 63 -4.12 34.69 14.25
CA LEU B 63 -4.88 35.78 13.64
C LEU B 63 -6.36 35.64 14.00
N LYS B 64 -6.88 34.42 13.90
CA LYS B 64 -8.29 34.18 14.20
C LYS B 64 -8.59 34.48 15.67
N LYS B 65 -7.66 34.12 16.54
CA LYS B 65 -7.84 34.36 17.97
C LYS B 65 -8.10 35.83 18.25
N LEU B 66 -7.45 36.70 17.48
CA LEU B 66 -7.63 38.13 17.66
C LEU B 66 -9.07 38.53 17.40
N VAL B 67 -9.66 37.99 16.34
CA VAL B 67 -11.04 38.29 16.02
C VAL B 67 -11.98 37.65 17.03
N GLY B 68 -11.70 36.40 17.39
CA GLY B 68 -12.53 35.68 18.35
C GLY B 68 -12.37 34.18 18.18
N GLU B 69 -11.24 33.77 17.61
CA GLU B 69 -10.97 32.35 17.41
C GLU B 69 -12.09 31.70 16.62
N GLY A 1 -14.71 52.09 12.36
CA GLY A 1 -15.74 52.68 11.46
C GLY A 1 -16.22 51.63 10.47
N SER A 2 -16.76 50.53 11.01
CA SER A 2 -17.26 49.45 10.16
C SER A 2 -16.11 48.79 9.40
N HIS A 3 -14.90 49.31 9.59
CA HIS A 3 -13.72 48.76 8.92
C HIS A 3 -13.26 47.48 9.61
N GLU A 4 -13.79 47.23 10.80
CA GLU A 4 -13.42 46.04 11.56
C GLU A 4 -13.91 44.78 10.86
N ASN A 5 -14.91 44.94 10.01
CA ASN A 5 -15.46 43.82 9.26
C ASN A 5 -14.36 43.11 8.51
N LYS A 6 -13.35 43.85 8.14
CA LYS A 6 -12.27 43.25 7.39
C LYS A 6 -11.59 42.17 8.23
N GLN A 7 -11.31 42.49 9.49
CA GLN A 7 -10.66 41.51 10.37
C GLN A 7 -11.57 40.32 10.62
N VAL A 8 -12.83 40.61 10.93
CA VAL A 8 -13.79 39.55 11.20
C VAL A 8 -14.00 38.71 9.95
N GLU A 9 -14.18 39.37 8.81
CA GLU A 9 -14.38 38.68 7.56
C GLU A 9 -13.12 37.92 7.15
N GLU A 10 -11.97 38.53 7.35
CA GLU A 10 -10.70 37.91 6.99
C GLU A 10 -10.44 36.69 7.85
N ILE A 11 -10.73 36.80 9.14
CA ILE A 11 -10.51 35.69 10.06
C ILE A 11 -11.38 34.49 9.66
N LEU A 12 -12.62 34.78 9.31
CA LEU A 12 -13.54 33.73 8.91
C LEU A 12 -13.00 32.98 7.69
N ARG A 13 -12.45 33.72 6.75
CA ARG A 13 -11.89 33.10 5.57
C ARG A 13 -10.72 32.19 5.95
N LEU A 14 -9.92 32.65 6.91
CA LEU A 14 -8.78 31.88 7.36
C LEU A 14 -9.22 30.56 7.99
N GLU A 15 -10.30 30.61 8.77
CA GLU A 15 -10.81 29.43 9.43
C GLU A 15 -11.21 28.39 8.39
N LYS A 16 -11.83 28.85 7.31
CA LYS A 16 -12.25 27.95 6.25
C LYS A 16 -11.04 27.29 5.60
N GLU A 17 -10.00 28.08 5.35
CA GLU A 17 -8.79 27.56 4.72
C GLU A 17 -8.04 26.62 5.67
N ILE A 18 -7.84 27.06 6.91
CA ILE A 18 -7.15 26.25 7.89
C ILE A 18 -7.94 24.98 8.18
N GLU A 19 -9.25 25.12 8.32
CA GLU A 19 -10.10 23.96 8.58
C GLU A 19 -10.00 22.97 7.44
N ASP A 20 -9.94 23.48 6.22
CA ASP A 20 -9.85 22.63 5.05
C ASP A 20 -8.56 21.81 5.09
N LEU A 21 -7.47 22.46 5.45
CA LEU A 21 -6.18 21.78 5.54
C LEU A 21 -6.22 20.70 6.61
N GLN A 22 -6.86 20.99 7.74
CA GLN A 22 -6.96 20.02 8.81
C GLN A 22 -7.61 18.74 8.33
N ARG A 23 -8.71 18.88 7.61
CA ARG A 23 -9.43 17.73 7.09
C ARG A 23 -8.59 17.01 6.04
N MET A 24 -7.87 17.78 5.22
CA MET A 24 -7.06 17.18 4.16
C MET A 24 -5.97 16.28 4.76
N LYS A 25 -5.31 16.76 5.79
CA LYS A 25 -4.25 15.99 6.43
C LYS A 25 -4.81 14.72 7.08
N GLU A 26 -5.93 14.89 7.79
CA GLU A 26 -6.56 13.76 8.48
C GLU A 26 -7.12 12.76 7.48
N ARG A 27 -7.82 13.27 6.46
CA ARG A 27 -8.40 12.40 5.45
C ARG A 27 -7.30 11.61 4.72
N GLN A 28 -6.17 12.26 4.48
CA GLN A 28 -5.06 11.60 3.81
C GLN A 28 -4.53 10.45 4.67
N GLU A 29 -4.39 10.70 5.97
CA GLU A 29 -3.89 9.66 6.88
C GLU A 29 -4.86 8.48 6.92
N LEU A 30 -6.15 8.79 6.88
CA LEU A 30 -7.17 7.75 6.90
C LEU A 30 -7.05 6.87 5.64
N SER A 31 -6.82 7.51 4.50
CA SER A 31 -6.71 6.77 3.26
C SER A 31 -5.53 5.80 3.32
N LEU A 32 -4.43 6.25 3.89
CA LEU A 32 -3.25 5.42 4.01
C LEU A 32 -3.56 4.20 4.88
N THR A 33 -4.30 4.43 5.95
CA THR A 33 -4.65 3.34 6.84
C THR A 33 -5.48 2.30 6.09
N GLU A 34 -6.45 2.76 5.34
CA GLU A 34 -7.30 1.86 4.57
C GLU A 34 -6.48 1.16 3.47
N ALA A 35 -5.66 1.93 2.77
CA ALA A 35 -4.85 1.35 1.72
C ALA A 35 -3.85 0.35 2.28
N SER A 36 -3.27 0.71 3.41
CA SER A 36 -2.30 -0.17 4.03
C SER A 36 -2.95 -1.50 4.39
N LEU A 37 -4.18 -1.43 4.85
CA LEU A 37 -4.91 -2.63 5.23
C LEU A 37 -5.09 -3.54 4.02
N GLN A 38 -5.41 -2.94 2.88
CA GLN A 38 -5.60 -3.72 1.66
C GLN A 38 -4.32 -4.48 1.32
N LYS A 39 -3.18 -3.82 1.45
CA LYS A 39 -1.92 -4.46 1.14
C LYS A 39 -1.69 -5.67 2.04
N LEU A 40 -2.02 -5.52 3.32
CA LEU A 40 -1.84 -6.62 4.26
C LEU A 40 -2.68 -7.81 3.81
N GLN A 41 -3.88 -7.54 3.32
CA GLN A 41 -4.75 -8.61 2.85
C GLN A 41 -4.07 -9.39 1.73
N LEU A 42 -3.42 -8.67 0.83
CA LEU A 42 -2.72 -9.31 -0.28
C LEU A 42 -1.60 -10.21 0.26
N GLU A 43 -0.92 -9.75 1.30
CA GLU A 43 0.17 -10.52 1.88
C GLU A 43 -0.35 -11.86 2.37
N ASP A 44 -1.52 -11.85 2.99
CA ASP A 44 -2.10 -13.09 3.48
C ASP A 44 -2.39 -14.04 2.32
N LYS A 45 -2.91 -13.49 1.23
CA LYS A 45 -3.22 -14.31 0.06
C LYS A 45 -1.95 -14.95 -0.50
N VAL A 46 -0.91 -14.15 -0.66
CA VAL A 46 0.36 -14.66 -1.18
C VAL A 46 0.97 -15.65 -0.20
N GLU A 47 0.95 -15.30 1.09
CA GLU A 47 1.51 -16.18 2.11
C GLU A 47 0.78 -17.52 2.14
N GLU A 48 -0.55 -17.48 2.16
CA GLU A 48 -1.34 -18.70 2.19
C GLU A 48 -1.14 -19.50 0.91
N LEU A 49 -1.14 -18.80 -0.21
CA LEU A 49 -0.94 -19.45 -1.50
C LEU A 49 0.44 -20.09 -1.55
N LEU A 50 1.42 -19.39 -0.99
CA LEU A 50 2.78 -19.90 -0.98
C LEU A 50 2.84 -21.21 -0.20
N SER A 51 2.15 -21.25 0.93
CA SER A 51 2.15 -22.45 1.75
C SER A 51 1.58 -23.64 0.98
N LYS A 52 0.47 -23.42 0.30
CA LYS A 52 -0.17 -24.47 -0.48
C LYS A 52 0.73 -24.91 -1.63
N ASN A 53 1.33 -23.94 -2.29
CA ASN A 53 2.22 -24.23 -3.42
C ASN A 53 3.39 -25.08 -2.94
N TYR A 54 3.90 -24.77 -1.76
CA TYR A 54 5.00 -25.53 -1.20
C TYR A 54 4.61 -26.97 -1.03
N HIS A 55 3.39 -27.21 -0.58
CA HIS A 55 2.95 -28.57 -0.38
C HIS A 55 2.99 -29.33 -1.70
N LEU A 56 2.48 -28.70 -2.76
CA LEU A 56 2.49 -29.32 -4.08
C LEU A 56 3.92 -29.40 -4.62
N GLU A 57 4.72 -28.41 -4.29
CA GLU A 57 6.10 -28.39 -4.74
C GLU A 57 6.86 -29.60 -4.23
N ASN A 58 6.69 -29.91 -2.95
CA ASN A 58 7.37 -31.06 -2.37
C ASN A 58 6.88 -32.37 -2.97
N GLU A 59 5.57 -32.47 -3.15
CA GLU A 59 5.00 -33.69 -3.72
C GLU A 59 5.43 -33.88 -5.18
N VAL A 60 5.24 -32.83 -5.97
CA VAL A 60 5.59 -32.87 -7.38
C VAL A 60 7.10 -32.99 -7.54
N ALA A 61 7.84 -32.18 -6.78
CA ALA A 61 9.29 -32.20 -6.85
C ALA A 61 9.79 -33.60 -6.52
N ARG A 62 9.12 -34.24 -5.57
CA ARG A 62 9.51 -35.58 -5.19
C ARG A 62 9.38 -36.51 -6.39
N LEU A 63 8.27 -36.39 -7.11
CA LEU A 63 8.05 -37.22 -8.29
C LEU A 63 9.05 -36.90 -9.39
N LYS A 64 9.33 -35.62 -9.57
CA LYS A 64 10.27 -35.20 -10.60
C LYS A 64 11.65 -35.80 -10.36
N LYS A 65 12.04 -35.89 -9.10
CA LYS A 65 13.33 -36.46 -8.75
C LYS A 65 13.48 -37.84 -9.38
N LEU A 66 12.39 -38.58 -9.49
CA LEU A 66 12.45 -39.91 -10.08
C LEU A 66 12.97 -39.84 -11.51
N VAL A 67 12.38 -38.94 -12.30
CA VAL A 67 12.81 -38.77 -13.69
C VAL A 67 14.14 -38.04 -13.75
N GLY A 68 14.27 -37.00 -12.91
CA GLY A 68 15.50 -36.21 -12.88
C GLY A 68 15.41 -35.14 -11.79
N GLU A 69 14.57 -34.13 -12.03
CA GLU A 69 14.40 -33.03 -11.07
C GLU A 69 13.39 -32.02 -11.58
N GLY B 1 7.98 -49.74 -23.37
CA GLY B 1 7.57 -49.84 -24.81
C GLY B 1 7.14 -48.46 -25.30
N SER B 2 8.05 -47.50 -25.22
CA SER B 2 7.76 -46.14 -25.66
C SER B 2 6.69 -45.51 -24.79
N HIS B 3 6.19 -46.27 -23.82
CA HIS B 3 5.17 -45.77 -22.92
C HIS B 3 5.77 -44.86 -21.85
N GLU B 4 7.09 -44.89 -21.74
CA GLU B 4 7.79 -44.07 -20.76
C GLU B 4 7.66 -42.59 -21.08
N ASN B 5 7.36 -42.29 -22.34
CA ASN B 5 7.19 -40.91 -22.78
C ASN B 5 6.15 -40.23 -21.93
N LYS B 6 5.21 -40.99 -21.43
CA LYS B 6 4.18 -40.41 -20.61
C LYS B 6 4.77 -39.78 -19.36
N GLN B 7 5.67 -40.50 -18.70
CA GLN B 7 6.29 -39.98 -17.49
C GLN B 7 7.17 -38.78 -17.81
N VAL B 8 7.97 -38.90 -18.86
CA VAL B 8 8.85 -37.82 -19.27
C VAL B 8 8.03 -36.61 -19.69
N GLU B 9 7.01 -36.86 -20.51
CA GLU B 9 6.15 -35.79 -20.99
C GLU B 9 5.35 -35.18 -19.84
N GLU B 10 4.87 -36.04 -18.96
CA GLU B 10 4.07 -35.59 -17.82
C GLU B 10 4.92 -34.75 -16.86
N ILE B 11 6.14 -35.20 -16.63
CA ILE B 11 7.04 -34.47 -15.72
C ILE B 11 7.33 -33.08 -16.28
N LEU B 12 7.56 -33.01 -17.58
CA LEU B 12 7.84 -31.72 -18.21
C LEU B 12 6.68 -30.77 -18.02
N ARG B 13 5.47 -31.28 -18.16
CA ARG B 13 4.30 -30.44 -17.98
C ARG B 13 4.24 -29.92 -16.53
N LEU B 14 4.60 -30.78 -15.59
CA LEU B 14 4.60 -30.41 -14.18
C LEU B 14 5.60 -29.29 -13.91
N GLU B 15 6.76 -29.38 -14.54
CA GLU B 15 7.79 -28.37 -14.36
C GLU B 15 7.29 -27.01 -14.82
N LYS B 16 6.57 -27.00 -15.94
CA LYS B 16 6.02 -25.75 -16.45
C LYS B 16 5.00 -25.16 -15.47
N GLU B 17 4.15 -26.02 -14.92
CA GLU B 17 3.13 -25.57 -13.97
C GLU B 17 3.77 -25.12 -12.66
N ILE B 18 4.66 -25.94 -12.12
CA ILE B 18 5.33 -25.61 -10.87
C ILE B 18 6.18 -24.37 -11.05
N GLU B 19 6.90 -24.30 -12.17
CA GLU B 19 7.75 -23.14 -12.43
C GLU B 19 6.90 -21.88 -12.51
N ASP B 20 5.73 -22.01 -13.12
CA ASP B 20 4.83 -20.87 -13.26
C ASP B 20 4.41 -20.35 -11.89
N LEU B 21 4.09 -21.27 -11.00
CA LEU B 21 3.67 -20.91 -9.65
C LEU B 21 4.81 -20.20 -8.91
N GLN B 22 6.03 -20.70 -9.09
CA GLN B 22 7.18 -20.10 -8.43
C GLN B 22 7.32 -18.64 -8.82
N ARG B 23 7.19 -18.35 -10.10
CA ARG B 23 7.28 -16.99 -10.57
C ARG B 23 6.11 -16.15 -10.07
N MET B 24 4.93 -16.75 -10.02
CA MET B 24 3.75 -16.03 -9.57
C MET B 24 3.91 -15.58 -8.12
N LYS B 25 4.40 -16.45 -7.26
CA LYS B 25 4.60 -16.11 -5.85
C LYS B 25 5.66 -15.02 -5.71
N GLU B 26 6.77 -15.19 -6.42
CA GLU B 26 7.87 -14.22 -6.35
C GLU B 26 7.45 -12.88 -6.93
N ARG B 27 6.81 -12.92 -8.10
CA ARG B 27 6.37 -11.70 -8.76
C ARG B 27 5.38 -10.94 -7.87
N GLN B 28 4.51 -11.68 -7.19
CA GLN B 28 3.53 -11.06 -6.30
C GLN B 28 4.24 -10.35 -5.15
N GLU B 29 5.25 -11.00 -4.57
CA GLU B 29 5.99 -10.40 -3.47
C GLU B 29 6.69 -9.13 -3.92
N LEU B 30 7.21 -9.15 -5.14
CA LEU B 30 7.90 -8.00 -5.70
C LEU B 30 6.93 -6.83 -5.84
N SER B 31 5.72 -7.11 -6.29
CA SER B 31 4.72 -6.07 -6.48
C SER B 31 4.40 -5.41 -5.15
N LEU B 32 4.29 -6.21 -4.12
CA LEU B 32 4.00 -5.68 -2.79
C LEU B 32 5.12 -4.77 -2.33
N THR B 33 6.35 -5.15 -2.59
CA THR B 33 7.48 -4.34 -2.21
C THR B 33 7.41 -2.98 -2.90
N GLU B 34 7.14 -3.00 -4.20
CA GLU B 34 7.04 -1.78 -4.97
C GLU B 34 5.85 -0.95 -4.51
N ALA B 35 4.71 -1.60 -4.31
CA ALA B 35 3.52 -0.89 -3.87
C ALA B 35 3.73 -0.32 -2.49
N SER B 36 4.35 -1.09 -1.63
CA SER B 36 4.59 -0.64 -0.28
C SER B 36 5.46 0.62 -0.29
N LEU B 37 6.43 0.64 -1.18
CA LEU B 37 7.32 1.78 -1.28
C LEU B 37 6.52 3.04 -1.66
N GLN B 38 5.59 2.88 -2.58
CA GLN B 38 4.77 4.01 -3.00
C GLN B 38 4.01 4.59 -1.81
N LYS B 39 3.48 3.71 -0.98
CA LYS B 39 2.72 4.17 0.18
C LYS B 39 3.61 4.99 1.09
N LEU B 40 4.84 4.53 1.30
CA LEU B 40 5.77 5.24 2.16
C LEU B 40 6.01 6.65 1.62
N GLN B 41 6.09 6.76 0.30
CA GLN B 41 6.31 8.06 -0.30
C GLN B 41 5.17 9.01 0.06
N LEU B 42 3.95 8.49 0.03
CA LEU B 42 2.79 9.30 0.37
C LEU B 42 2.88 9.75 1.82
N GLU B 43 3.37 8.88 2.70
CA GLU B 43 3.50 9.23 4.11
C GLU B 43 4.40 10.44 4.27
N ASP B 44 5.49 10.46 3.51
CA ASP B 44 6.42 11.58 3.59
C ASP B 44 5.73 12.86 3.15
N LYS B 45 4.93 12.78 2.09
CA LYS B 45 4.23 13.95 1.59
C LYS B 45 3.26 14.50 2.64
N VAL B 46 2.48 13.59 3.24
CA VAL B 46 1.53 13.99 4.28
C VAL B 46 2.27 14.51 5.50
N GLU B 47 3.32 13.79 5.90
CA GLU B 47 4.10 14.21 7.07
C GLU B 47 4.72 15.59 6.86
N GLU B 48 5.36 15.79 5.71
CA GLU B 48 5.99 17.07 5.41
C GLU B 48 4.94 18.17 5.30
N LEU B 49 3.84 17.86 4.64
CA LEU B 49 2.77 18.82 4.47
C LEU B 49 2.18 19.17 5.83
N LEU B 50 2.07 18.16 6.68
CA LEU B 50 1.52 18.38 8.01
C LEU B 50 2.40 19.36 8.79
N SER B 51 3.72 19.19 8.67
CA SER B 51 4.64 20.06 9.38
C SER B 51 4.48 21.51 8.93
N LYS B 52 4.37 21.72 7.63
CA LYS B 52 4.21 23.06 7.08
C LYS B 52 2.87 23.65 7.51
N ASN B 53 1.83 22.83 7.46
CA ASN B 53 0.50 23.28 7.85
C ASN B 53 0.51 23.72 9.30
N TYR B 54 1.23 22.97 10.14
CA TYR B 54 1.32 23.31 11.55
C TYR B 54 1.93 24.68 11.73
N HIS B 55 2.94 24.99 10.93
CA HIS B 55 3.57 26.27 11.04
C HIS B 55 2.55 27.39 10.77
N LEU B 56 1.77 27.22 9.70
CA LEU B 56 0.74 28.19 9.36
C LEU B 56 -0.38 28.16 10.40
N GLU B 57 -0.66 26.99 10.93
CA GLU B 57 -1.71 26.85 11.91
C GLU B 57 -1.40 27.68 13.15
N ASN B 58 -0.16 27.62 13.62
CA ASN B 58 0.23 28.39 14.80
C ASN B 58 0.19 29.89 14.52
N GLU B 59 0.67 30.29 13.34
CA GLU B 59 0.68 31.70 12.99
C GLU B 59 -0.74 32.23 12.82
N VAL B 60 -1.53 31.53 12.01
CA VAL B 60 -2.91 31.94 11.75
C VAL B 60 -3.73 31.82 13.02
N ALA B 61 -3.58 30.70 13.71
CA ALA B 61 -4.33 30.48 14.95
C ALA B 61 -4.02 31.59 15.93
N ARG B 62 -2.77 32.02 15.94
CA ARG B 62 -2.37 33.09 16.84
C ARG B 62 -3.17 34.34 16.52
N LEU B 63 -3.30 34.66 15.23
CA LEU B 63 -4.05 35.83 14.81
C LEU B 63 -5.54 35.67 15.13
N LYS B 64 -6.06 34.46 14.91
CA LYS B 64 -7.47 34.21 15.17
C LYS B 64 -7.80 34.45 16.63
N LYS B 65 -6.88 34.08 17.52
CA LYS B 65 -7.08 34.28 18.95
C LYS B 65 -7.44 35.73 19.24
N LEU B 66 -6.88 36.66 18.46
CA LEU B 66 -7.17 38.06 18.68
C LEU B 66 -8.66 38.34 18.51
N VAL B 67 -9.23 37.85 17.41
CA VAL B 67 -10.67 38.03 17.17
C VAL B 67 -11.48 37.11 18.08
N GLY B 68 -11.01 35.88 18.21
CA GLY B 68 -11.71 34.89 19.03
C GLY B 68 -10.94 33.58 19.08
N GLU B 69 -10.93 32.86 17.97
CA GLU B 69 -10.22 31.58 17.88
C GLU B 69 -10.39 30.97 16.50
N GLY A 1 -18.86 49.36 10.52
CA GLY A 1 -19.20 47.91 10.53
C GLY A 1 -18.90 47.30 9.17
N SER A 2 -19.21 48.06 8.11
CA SER A 2 -18.97 47.58 6.75
C SER A 2 -17.48 47.33 6.53
N HIS A 3 -16.65 48.25 7.01
CA HIS A 3 -15.20 48.10 6.86
C HIS A 3 -14.70 46.88 7.63
N GLU A 4 -15.26 46.67 8.81
CA GLU A 4 -14.85 45.54 9.64
C GLU A 4 -15.07 44.22 8.91
N ASN A 5 -15.93 44.25 7.90
CA ASN A 5 -16.22 43.05 7.12
C ASN A 5 -14.92 42.48 6.58
N LYS A 6 -13.96 43.32 6.33
CA LYS A 6 -12.70 42.85 5.81
C LYS A 6 -12.02 41.90 6.80
N GLN A 7 -12.00 42.29 8.07
CA GLN A 7 -11.37 41.46 9.10
C GLN A 7 -12.15 40.15 9.26
N VAL A 8 -13.47 40.27 9.32
CA VAL A 8 -14.32 39.09 9.48
C VAL A 8 -14.20 38.20 8.25
N GLU A 9 -14.23 38.82 7.08
CA GLU A 9 -14.14 38.07 5.83
C GLU A 9 -12.77 37.43 5.68
N GLU A 10 -11.73 38.13 6.10
CA GLU A 10 -10.37 37.63 5.99
C GLU A 10 -10.20 36.37 6.82
N ILE A 11 -10.67 36.42 8.06
CA ILE A 11 -10.58 35.27 8.95
C ILE A 11 -11.38 34.11 8.38
N LEU A 12 -12.55 34.40 7.86
CA LEU A 12 -13.40 33.35 7.31
C LEU A 12 -12.65 32.60 6.21
N ARG A 13 -11.95 33.34 5.37
CA ARG A 13 -11.18 32.73 4.30
C ARG A 13 -10.10 31.82 4.88
N LEU A 14 -9.50 32.26 5.97
CA LEU A 14 -8.45 31.48 6.62
C LEU A 14 -9.01 30.16 7.14
N GLU A 15 -10.24 30.20 7.66
CA GLU A 15 -10.88 29.00 8.17
C GLU A 15 -11.05 27.99 7.05
N LYS A 16 -11.41 28.47 5.87
CA LYS A 16 -11.58 27.58 4.73
C LYS A 16 -10.27 26.91 4.37
N GLU A 17 -9.19 27.70 4.36
CA GLU A 17 -7.87 27.17 4.03
C GLU A 17 -7.39 26.22 5.13
N ILE A 18 -7.61 26.61 6.38
CA ILE A 18 -7.20 25.80 7.52
C ILE A 18 -7.97 24.49 7.50
N GLU A 19 -9.28 24.58 7.26
CA GLU A 19 -10.11 23.38 7.22
C GLU A 19 -9.61 22.42 6.15
N ASP A 20 -9.21 22.98 5.01
CA ASP A 20 -8.71 22.17 3.91
C ASP A 20 -7.45 21.41 4.33
N LEU A 21 -6.55 22.10 5.02
CA LEU A 21 -5.31 21.49 5.46
C LEU A 21 -5.60 20.36 6.45
N GLN A 22 -6.55 20.58 7.34
CA GLN A 22 -6.90 19.57 8.33
C GLN A 22 -7.39 18.31 7.64
N ARG A 23 -8.28 18.46 6.67
CA ARG A 23 -8.82 17.32 5.95
C ARG A 23 -7.73 16.66 5.12
N MET A 24 -6.87 17.46 4.51
CA MET A 24 -5.79 16.92 3.70
C MET A 24 -4.83 16.09 4.55
N LYS A 25 -4.48 16.60 5.72
CA LYS A 25 -3.58 15.88 6.60
C LYS A 25 -4.22 14.58 7.09
N GLU A 26 -5.46 14.68 7.55
CA GLU A 26 -6.17 13.50 8.05
C GLU A 26 -6.46 12.51 6.94
N ARG A 27 -6.80 13.03 5.77
CA ARG A 27 -7.11 12.18 4.62
C ARG A 27 -5.90 11.32 4.25
N GLN A 28 -4.73 11.94 4.23
CA GLN A 28 -3.51 11.22 3.90
C GLN A 28 -3.21 10.15 4.94
N GLU A 29 -3.36 10.52 6.22
CA GLU A 29 -3.10 9.57 7.30
C GLU A 29 -4.04 8.37 7.18
N LEU A 30 -5.28 8.65 6.81
CA LEU A 30 -6.27 7.59 6.65
C LEU A 30 -5.86 6.65 5.53
N SER A 31 -5.30 7.21 4.47
CA SER A 31 -4.87 6.40 3.34
C SER A 31 -3.79 5.42 3.77
N LEU A 32 -2.87 5.88 4.60
CA LEU A 32 -1.79 5.03 5.09
C LEU A 32 -2.36 3.89 5.91
N THR A 33 -3.33 4.18 6.74
CA THR A 33 -3.94 3.15 7.57
C THR A 33 -4.55 2.07 6.70
N GLU A 34 -5.29 2.50 5.67
CA GLU A 34 -5.91 1.55 4.77
C GLU A 34 -4.86 0.76 4.00
N ALA A 35 -3.77 1.44 3.63
CA ALA A 35 -2.71 0.78 2.89
C ALA A 35 -2.09 -0.33 3.72
N SER A 36 -1.92 -0.08 5.00
CA SER A 36 -1.33 -1.09 5.87
C SER A 36 -2.22 -2.32 5.94
N LEU A 37 -3.52 -2.10 6.10
CA LEU A 37 -4.45 -3.20 6.17
C LEU A 37 -4.45 -4.00 4.88
N GLN A 38 -4.42 -3.30 3.76
CA GLN A 38 -4.41 -3.97 2.47
C GLN A 38 -3.20 -4.90 2.37
N LYS A 39 -2.06 -4.42 2.83
CA LYS A 39 -0.85 -5.22 2.79
C LYS A 39 -1.03 -6.50 3.58
N LEU A 40 -1.67 -6.40 4.74
CA LEU A 40 -1.90 -7.58 5.57
C LEU A 40 -2.72 -8.60 4.81
N GLN A 41 -3.69 -8.14 4.05
CA GLN A 41 -4.53 -9.05 3.29
C GLN A 41 -3.67 -9.86 2.32
N LEU A 42 -2.72 -9.19 1.67
CA LEU A 42 -1.83 -9.87 0.74
C LEU A 42 -1.03 -10.93 1.47
N GLU A 43 -0.59 -10.62 2.68
CA GLU A 43 0.19 -11.58 3.45
C GLU A 43 -0.60 -12.86 3.66
N ASP A 44 -1.89 -12.72 3.91
CA ASP A 44 -2.74 -13.88 4.12
C ASP A 44 -2.78 -14.73 2.86
N LYS A 45 -2.94 -14.08 1.71
CA LYS A 45 -2.98 -14.80 0.43
C LYS A 45 -1.65 -15.45 0.14
N VAL A 46 -0.58 -14.69 0.31
CA VAL A 46 0.76 -15.20 0.05
C VAL A 46 1.10 -16.32 1.02
N GLU A 47 0.74 -16.12 2.29
CA GLU A 47 1.03 -17.13 3.31
C GLU A 47 0.40 -18.47 2.95
N GLU A 48 -0.88 -18.46 2.58
CA GLU A 48 -1.58 -19.68 2.21
C GLU A 48 -1.04 -20.24 0.91
N LEU A 49 -0.86 -19.36 -0.07
CA LEU A 49 -0.34 -19.79 -1.38
C LEU A 49 1.06 -20.36 -1.23
N LEU A 50 1.86 -19.72 -0.39
CA LEU A 50 3.22 -20.17 -0.17
C LEU A 50 3.21 -21.57 0.44
N SER A 51 2.32 -21.78 1.41
CA SER A 51 2.23 -23.08 2.07
C SER A 51 1.79 -24.16 1.09
N LYS A 52 0.79 -23.84 0.28
CA LYS A 52 0.30 -24.78 -0.71
C LYS A 52 1.36 -25.06 -1.76
N ASN A 53 2.03 -24.01 -2.21
CA ASN A 53 3.07 -24.16 -3.22
C ASN A 53 4.16 -25.08 -2.70
N TYR A 54 4.52 -24.90 -1.44
CA TYR A 54 5.55 -25.73 -0.82
C TYR A 54 5.14 -27.19 -0.86
N HIS A 55 3.89 -27.46 -0.57
CA HIS A 55 3.42 -28.83 -0.56
C HIS A 55 3.46 -29.44 -1.97
N LEU A 56 2.98 -28.67 -2.94
CA LEU A 56 2.99 -29.12 -4.34
C LEU A 56 4.41 -29.27 -4.83
N GLU A 57 5.28 -28.37 -4.42
CA GLU A 57 6.67 -28.43 -4.84
C GLU A 57 7.33 -29.71 -4.36
N ASN A 58 7.11 -30.07 -3.10
CA ASN A 58 7.72 -31.28 -2.56
C ASN A 58 7.24 -32.52 -3.30
N GLU A 59 5.94 -32.59 -3.56
CA GLU A 59 5.40 -33.75 -4.27
C GLU A 59 5.79 -33.75 -5.74
N VAL A 60 5.56 -32.63 -6.40
CA VAL A 60 5.89 -32.51 -7.81
C VAL A 60 7.39 -32.62 -8.04
N ALA A 61 8.16 -31.90 -7.23
CA ALA A 61 9.61 -31.95 -7.35
C ALA A 61 10.09 -33.37 -7.16
N ARG A 62 9.45 -34.09 -6.26
CA ARG A 62 9.84 -35.47 -6.01
C ARG A 62 9.72 -36.27 -7.30
N LEU A 63 8.59 -36.11 -7.99
CA LEU A 63 8.36 -36.82 -9.25
C LEU A 63 9.26 -36.25 -10.35
N LYS A 64 9.51 -34.95 -10.29
CA LYS A 64 10.33 -34.28 -11.27
C LYS A 64 11.71 -34.92 -11.33
N LYS A 65 12.21 -35.33 -10.18
CA LYS A 65 13.53 -35.95 -10.10
C LYS A 65 13.58 -37.22 -10.94
N LEU A 66 12.46 -37.95 -10.99
CA LEU A 66 12.42 -39.20 -11.75
C LEU A 66 12.76 -38.93 -13.21
N VAL A 67 12.09 -37.96 -13.81
CA VAL A 67 12.35 -37.60 -15.21
C VAL A 67 13.59 -36.72 -15.32
N GLY A 68 13.69 -35.76 -14.41
CA GLY A 68 14.81 -34.83 -14.41
C GLY A 68 14.52 -33.63 -13.52
N GLU A 69 15.17 -33.57 -12.36
CA GLU A 69 14.98 -32.48 -11.42
C GLU A 69 14.92 -31.14 -12.16
N GLY B 1 8.88 -45.84 -26.85
CA GLY B 1 9.30 -44.42 -26.70
C GLY B 1 8.09 -43.50 -26.83
N SER B 2 7.20 -43.83 -27.77
CA SER B 2 6.00 -43.02 -27.97
C SER B 2 5.15 -42.99 -26.71
N HIS B 3 4.99 -44.15 -26.07
CA HIS B 3 4.21 -44.24 -24.85
C HIS B 3 4.86 -43.43 -23.74
N GLU B 4 6.18 -43.48 -23.67
CA GLU B 4 6.91 -42.76 -22.63
C GLU B 4 6.63 -41.27 -22.72
N ASN B 5 6.17 -40.82 -23.88
CA ASN B 5 5.86 -39.41 -24.08
C ASN B 5 4.88 -38.95 -23.02
N LYS B 6 4.05 -39.84 -22.54
CA LYS B 6 3.10 -39.47 -21.53
C LYS B 6 3.80 -39.00 -20.26
N GLN B 7 4.82 -39.76 -19.84
CA GLN B 7 5.56 -39.41 -18.64
C GLN B 7 6.30 -38.09 -18.84
N VAL B 8 6.97 -37.97 -19.98
CA VAL B 8 7.71 -36.76 -20.29
C VAL B 8 6.77 -35.57 -20.43
N GLU B 9 5.66 -35.79 -21.12
CA GLU B 9 4.68 -34.75 -21.32
C GLU B 9 4.02 -34.35 -20.01
N GLU B 10 3.75 -35.33 -19.16
CA GLU B 10 3.10 -35.07 -17.88
C GLU B 10 3.97 -34.17 -17.01
N ILE B 11 5.24 -34.52 -16.92
CA ILE B 11 6.19 -33.74 -16.12
C ILE B 11 6.29 -32.31 -16.69
N LEU B 12 6.35 -32.22 -18.01
CA LEU B 12 6.47 -30.92 -18.63
C LEU B 12 5.31 -30.02 -18.23
N ARG B 13 4.11 -30.60 -18.18
CA ARG B 13 2.94 -29.83 -17.79
C ARG B 13 3.10 -29.36 -16.34
N LEU B 14 3.67 -30.22 -15.50
CA LEU B 14 3.88 -29.87 -14.10
C LEU B 14 4.82 -28.70 -13.97
N GLU B 15 5.85 -28.66 -14.82
CA GLU B 15 6.83 -27.59 -14.80
C GLU B 15 6.13 -26.26 -15.10
N LYS B 16 5.19 -26.29 -16.05
CA LYS B 16 4.47 -25.08 -16.40
C LYS B 16 3.65 -24.58 -15.20
N GLU B 17 2.99 -25.51 -14.52
CA GLU B 17 2.18 -25.16 -13.36
C GLU B 17 3.08 -24.69 -12.22
N ILE B 18 4.18 -25.40 -12.01
CA ILE B 18 5.12 -25.05 -10.94
C ILE B 18 5.72 -23.68 -11.22
N GLU B 19 6.10 -23.46 -12.47
CA GLU B 19 6.70 -22.17 -12.83
C GLU B 19 5.71 -21.05 -12.56
N ASP B 20 4.43 -21.29 -12.85
CA ASP B 20 3.40 -20.29 -12.63
C ASP B 20 3.30 -19.94 -11.14
N LEU B 21 3.34 -20.97 -10.30
CA LEU B 21 3.25 -20.76 -8.86
C LEU B 21 4.43 -19.95 -8.36
N GLN B 22 5.62 -20.25 -8.87
CA GLN B 22 6.82 -19.54 -8.48
C GLN B 22 6.70 -18.05 -8.78
N ARG B 23 6.25 -17.75 -10.00
CA ARG B 23 6.09 -16.37 -10.41
C ARG B 23 4.99 -15.68 -9.61
N MET B 24 3.91 -16.42 -9.36
CA MET B 24 2.80 -15.86 -8.60
C MET B 24 3.23 -15.52 -7.18
N LYS B 25 3.96 -16.42 -6.55
CA LYS B 25 4.44 -16.18 -5.19
C LYS B 25 5.40 -15.01 -5.14
N GLU B 26 6.37 -15.01 -6.05
CA GLU B 26 7.36 -13.94 -6.10
C GLU B 26 6.72 -12.62 -6.50
N ARG B 27 5.78 -12.67 -7.43
CA ARG B 27 5.10 -11.48 -7.90
C ARG B 27 4.36 -10.79 -6.76
N GLN B 28 3.67 -11.58 -5.95
CA GLN B 28 2.94 -11.02 -4.82
C GLN B 28 3.89 -10.39 -3.81
N GLU B 29 5.00 -11.09 -3.53
CA GLU B 29 5.98 -10.58 -2.58
C GLU B 29 6.55 -9.25 -3.07
N LEU B 30 6.76 -9.17 -4.38
CA LEU B 30 7.29 -7.95 -4.98
C LEU B 30 6.30 -6.80 -4.79
N SER B 31 5.02 -7.11 -4.92
CA SER B 31 3.99 -6.09 -4.77
C SER B 31 4.03 -5.50 -3.37
N LEU B 32 4.22 -6.37 -2.37
CA LEU B 32 4.29 -5.91 -0.98
C LEU B 32 5.48 -4.98 -0.79
N THR B 33 6.61 -5.34 -1.38
CA THR B 33 7.80 -4.51 -1.26
C THR B 33 7.53 -3.12 -1.83
N GLU B 34 6.93 -3.07 -3.01
CA GLU B 34 6.61 -1.80 -3.63
C GLU B 34 5.59 -1.04 -2.79
N ALA B 35 4.64 -1.75 -2.21
CA ALA B 35 3.62 -1.11 -1.39
C ALA B 35 4.25 -0.44 -0.19
N SER B 36 5.22 -1.09 0.41
CA SER B 36 5.87 -0.52 1.58
C SER B 36 6.58 0.79 1.22
N LEU B 37 7.30 0.76 0.10
CA LEU B 37 8.02 1.95 -0.36
C LEU B 37 7.04 3.09 -0.64
N GLN B 38 5.93 2.77 -1.27
CA GLN B 38 4.94 3.79 -1.58
C GLN B 38 4.46 4.46 -0.31
N LYS B 39 4.24 3.65 0.72
CA LYS B 39 3.77 4.19 1.99
C LYS B 39 4.78 5.19 2.54
N LEU B 40 6.05 4.86 2.44
CA LEU B 40 7.09 5.75 2.94
C LEU B 40 7.02 7.10 2.23
N GLN B 41 6.74 7.07 0.94
CA GLN B 41 6.65 8.31 0.18
C GLN B 41 5.55 9.19 0.77
N LEU B 42 4.43 8.58 1.12
CA LEU B 42 3.33 9.34 1.71
C LEU B 42 3.77 9.96 3.03
N GLU B 43 4.56 9.22 3.80
CA GLU B 43 5.02 9.74 5.08
C GLU B 43 5.82 11.03 4.87
N ASP B 44 6.61 11.05 3.82
CA ASP B 44 7.41 12.24 3.52
C ASP B 44 6.50 13.42 3.23
N LYS B 45 5.46 13.19 2.43
CA LYS B 45 4.51 14.26 2.09
C LYS B 45 3.74 14.70 3.31
N VAL B 46 3.25 13.74 4.08
CA VAL B 46 2.49 14.06 5.27
C VAL B 46 3.38 14.75 6.31
N GLU B 47 4.59 14.26 6.46
CA GLU B 47 5.53 14.83 7.42
C GLU B 47 5.76 16.31 7.14
N GLU B 48 6.04 16.64 5.88
CA GLU B 48 6.29 18.02 5.50
C GLU B 48 5.01 18.84 5.59
N LEU B 49 3.92 18.28 5.10
CA LEU B 49 2.64 18.98 5.14
C LEU B 49 2.21 19.21 6.58
N LEU B 50 2.43 18.22 7.41
CA LEU B 50 2.07 18.32 8.82
C LEU B 50 2.85 19.44 9.48
N SER B 51 4.15 19.51 9.17
CA SER B 51 5.01 20.54 9.76
C SER B 51 4.56 21.93 9.31
N LYS B 52 4.27 22.06 8.02
CA LYS B 52 3.83 23.33 7.47
C LYS B 52 2.47 23.72 8.04
N ASN B 53 1.57 22.74 8.10
CA ASN B 53 0.23 23.00 8.63
C ASN B 53 0.34 23.48 10.06
N TYR B 54 1.23 22.87 10.83
CA TYR B 54 1.41 23.27 12.22
C TYR B 54 1.84 24.72 12.31
N HIS B 55 2.75 25.13 11.43
CA HIS B 55 3.23 26.50 11.44
C HIS B 55 2.11 27.48 11.09
N LEU B 56 1.35 27.14 10.04
CA LEU B 56 0.24 27.98 9.60
C LEU B 56 -0.84 28.01 10.67
N GLU B 57 -1.05 26.88 11.33
CA GLU B 57 -2.07 26.81 12.36
C GLU B 57 -1.73 27.74 13.52
N ASN B 58 -0.48 27.74 13.95
CA ASN B 58 -0.08 28.60 15.07
C ASN B 58 -0.26 30.07 14.72
N GLU B 59 0.14 30.45 13.52
CA GLU B 59 0.02 31.84 13.12
C GLU B 59 -1.45 32.22 12.85
N VAL B 60 -2.11 31.42 12.05
CA VAL B 60 -3.50 31.66 11.71
C VAL B 60 -4.39 31.57 12.95
N ALA B 61 -4.19 30.51 13.73
CA ALA B 61 -4.97 30.31 14.93
C ALA B 61 -4.77 31.48 15.86
N ARG B 62 -3.55 32.02 15.89
CA ARG B 62 -3.28 33.16 16.75
C ARG B 62 -4.18 34.33 16.36
N LEU B 63 -4.27 34.59 15.06
CA LEU B 63 -5.13 35.68 14.57
C LEU B 63 -6.60 35.31 14.73
N LYS B 64 -6.90 34.03 14.56
CA LYS B 64 -8.27 33.55 14.66
C LYS B 64 -8.86 33.91 16.02
N LYS B 65 -8.02 33.86 17.03
CA LYS B 65 -8.46 34.18 18.40
C LYS B 65 -8.97 35.61 18.48
N LEU B 66 -8.34 36.51 17.73
CA LEU B 66 -8.75 37.91 17.76
C LEU B 66 -10.22 38.04 17.37
N VAL B 67 -10.59 37.44 16.25
CA VAL B 67 -11.98 37.49 15.80
C VAL B 67 -12.83 36.46 16.55
N GLY B 68 -12.28 35.27 16.72
CA GLY B 68 -12.98 34.20 17.41
C GLY B 68 -12.30 32.85 17.15
N GLU B 69 -11.62 32.33 18.17
CA GLU B 69 -10.93 31.05 18.05
C GLU B 69 -11.80 30.05 17.29
N GLY A 1 -13.15 50.11 14.61
CA GLY A 1 -14.63 50.05 14.40
C GLY A 1 -14.93 49.47 13.02
N SER A 2 -15.40 50.31 12.12
CA SER A 2 -15.72 49.87 10.76
C SER A 2 -14.48 49.30 10.07
N HIS A 3 -13.36 50.00 10.23
CA HIS A 3 -12.11 49.57 9.62
C HIS A 3 -11.62 48.28 10.27
N GLU A 4 -11.80 48.17 11.57
CA GLU A 4 -11.38 46.98 12.31
C GLU A 4 -11.99 45.71 11.72
N ASN A 5 -13.07 45.89 10.97
CA ASN A 5 -13.74 44.76 10.34
C ASN A 5 -12.75 43.97 9.52
N LYS A 6 -11.74 44.64 9.00
CA LYS A 6 -10.76 43.94 8.20
C LYS A 6 -10.03 42.90 9.05
N GLN A 7 -9.62 43.29 10.25
CA GLN A 7 -8.91 42.37 11.12
C GLN A 7 -9.81 41.22 11.51
N VAL A 8 -11.02 41.54 11.95
CA VAL A 8 -11.96 40.51 12.35
C VAL A 8 -12.30 39.62 11.17
N GLU A 9 -12.59 40.24 10.04
CA GLU A 9 -12.91 39.48 8.84
C GLU A 9 -11.73 38.63 8.39
N GLU A 10 -10.53 39.13 8.65
CA GLU A 10 -9.32 38.42 8.25
C GLU A 10 -9.21 37.10 8.99
N ILE A 11 -9.47 37.14 10.30
CA ILE A 11 -9.41 35.93 11.10
C ILE A 11 -10.45 34.93 10.62
N LEU A 12 -11.64 35.41 10.31
CA LEU A 12 -12.70 34.53 9.86
C LEU A 12 -12.25 33.79 8.60
N ARG A 13 -11.56 34.48 7.72
CA ARG A 13 -11.09 33.86 6.50
C ARG A 13 -10.11 32.75 6.84
N LEU A 14 -9.27 32.99 7.84
CA LEU A 14 -8.30 31.99 8.26
C LEU A 14 -8.99 30.73 8.76
N GLU A 15 -10.11 30.92 9.47
CA GLU A 15 -10.86 29.80 10.01
C GLU A 15 -11.40 28.93 8.87
N LYS A 16 -11.94 29.56 7.85
CA LYS A 16 -12.48 28.80 6.72
C LYS A 16 -11.37 28.12 5.94
N GLU A 17 -10.28 28.86 5.69
CA GLU A 17 -9.16 28.32 4.92
C GLU A 17 -8.42 27.26 5.71
N ILE A 18 -8.04 27.58 6.94
CA ILE A 18 -7.31 26.63 7.77
C ILE A 18 -8.13 25.37 7.99
N GLU A 19 -9.43 25.54 8.20
CA GLU A 19 -10.31 24.40 8.41
C GLU A 19 -10.33 23.52 7.17
N ASP A 20 -10.32 24.15 6.00
CA ASP A 20 -10.34 23.40 4.74
C ASP A 20 -9.10 22.51 4.62
N LEU A 21 -7.94 23.07 4.96
CA LEU A 21 -6.69 22.32 4.90
C LEU A 21 -6.72 21.16 5.87
N GLN A 22 -7.25 21.39 7.07
CA GLN A 22 -7.30 20.34 8.07
C GLN A 22 -8.08 19.13 7.55
N ARG A 23 -9.24 19.38 6.97
CA ARG A 23 -10.05 18.30 6.43
C ARG A 23 -9.35 17.63 5.26
N MET A 24 -8.72 18.42 4.40
CA MET A 24 -8.05 17.87 3.24
C MET A 24 -6.86 16.99 3.66
N LYS A 25 -6.05 17.49 4.58
CA LYS A 25 -4.90 16.74 5.06
C LYS A 25 -5.34 15.51 5.83
N GLU A 26 -6.33 15.68 6.70
CA GLU A 26 -6.84 14.57 7.51
C GLU A 26 -7.53 13.53 6.62
N ARG A 27 -8.33 14.02 5.67
CA ARG A 27 -9.04 13.12 4.77
C ARG A 27 -8.07 12.32 3.92
N GLN A 28 -7.01 12.96 3.46
CA GLN A 28 -6.02 12.29 2.65
C GLN A 28 -5.38 11.14 3.44
N GLU A 29 -5.00 11.42 4.67
CA GLU A 29 -4.38 10.40 5.51
C GLU A 29 -5.31 9.22 5.70
N LEU A 30 -6.60 9.50 5.86
CA LEU A 30 -7.59 8.46 6.04
C LEU A 30 -7.68 7.57 4.81
N SER A 31 -7.61 8.20 3.65
CA SER A 31 -7.68 7.47 2.40
C SER A 31 -6.52 6.49 2.28
N LEU A 32 -5.34 6.94 2.69
CA LEU A 32 -4.15 6.09 2.65
C LEU A 32 -4.32 4.90 3.58
N THR A 33 -4.91 5.14 4.74
CA THR A 33 -5.11 4.07 5.70
C THR A 33 -5.96 2.96 5.09
N GLU A 34 -7.04 3.36 4.41
CA GLU A 34 -7.91 2.38 3.77
C GLU A 34 -7.19 1.65 2.65
N ALA A 35 -6.46 2.40 1.84
CA ALA A 35 -5.72 1.81 0.72
C ALA A 35 -4.64 0.88 1.23
N SER A 36 -3.96 1.30 2.28
CA SER A 36 -2.90 0.49 2.83
C SER A 36 -3.46 -0.85 3.31
N LEU A 37 -4.63 -0.80 3.91
CA LEU A 37 -5.26 -2.01 4.41
C LEU A 37 -5.54 -2.98 3.26
N GLN A 38 -6.02 -2.44 2.14
CA GLN A 38 -6.31 -3.29 0.99
C GLN A 38 -5.05 -4.02 0.54
N LYS A 39 -3.94 -3.30 0.52
CA LYS A 39 -2.69 -3.90 0.10
C LYS A 39 -2.31 -5.06 1.00
N LEU A 40 -2.48 -4.88 2.30
CA LEU A 40 -2.16 -5.94 3.25
C LEU A 40 -2.99 -7.18 2.95
N GLN A 41 -4.24 -6.98 2.58
CA GLN A 41 -5.10 -8.11 2.28
C GLN A 41 -4.53 -8.93 1.13
N LEU A 42 -4.05 -8.22 0.11
CA LEU A 42 -3.47 -8.89 -1.04
C LEU A 42 -2.22 -9.68 -0.62
N GLU A 43 -1.46 -9.10 0.30
CA GLU A 43 -0.25 -9.75 0.77
C GLU A 43 -0.58 -11.10 1.40
N ASP A 44 -1.70 -11.13 2.13
CA ASP A 44 -2.12 -12.37 2.78
C ASP A 44 -2.50 -13.41 1.72
N LYS A 45 -3.17 -12.97 0.67
CA LYS A 45 -3.59 -13.92 -0.38
C LYS A 45 -2.39 -14.53 -1.10
N VAL A 46 -1.49 -13.67 -1.58
CA VAL A 46 -0.31 -14.14 -2.29
C VAL A 46 0.60 -14.90 -1.34
N GLU A 47 0.70 -14.43 -0.10
CA GLU A 47 1.54 -15.07 0.89
C GLU A 47 1.13 -16.53 1.06
N GLU A 48 -0.17 -16.76 1.15
CA GLU A 48 -0.68 -18.12 1.31
C GLU A 48 -0.34 -18.96 0.11
N LEU A 49 -0.42 -18.35 -1.07
CA LEU A 49 -0.10 -19.06 -2.30
C LEU A 49 1.37 -19.48 -2.29
N LEU A 50 2.23 -18.60 -1.82
CA LEU A 50 3.65 -18.90 -1.77
C LEU A 50 3.90 -20.10 -0.85
N SER A 51 3.21 -20.11 0.29
CA SER A 51 3.38 -21.19 1.25
C SER A 51 3.04 -22.53 0.61
N LYS A 52 1.95 -22.54 -0.16
CA LYS A 52 1.52 -23.75 -0.85
C LYS A 52 2.60 -24.19 -1.84
N ASN A 53 3.21 -23.22 -2.50
CA ASN A 53 4.25 -23.53 -3.48
C ASN A 53 5.38 -24.28 -2.81
N TYR A 54 5.75 -23.85 -1.61
CA TYR A 54 6.82 -24.50 -0.87
C TYR A 54 6.46 -25.95 -0.60
N HIS A 55 5.24 -26.17 -0.14
CA HIS A 55 4.81 -27.53 0.14
C HIS A 55 4.75 -28.37 -1.14
N LEU A 56 4.20 -27.77 -2.19
CA LEU A 56 4.08 -28.45 -3.47
C LEU A 56 5.46 -28.74 -4.05
N GLU A 57 6.37 -27.79 -3.88
CA GLU A 57 7.72 -27.95 -4.38
C GLU A 57 8.38 -29.17 -3.74
N ASN A 58 8.16 -29.35 -2.45
CA ASN A 58 8.75 -30.50 -1.75
C ASN A 58 8.18 -31.80 -2.30
N GLU A 59 6.89 -31.83 -2.55
CA GLU A 59 6.26 -33.03 -3.08
C GLU A 59 6.72 -33.31 -4.51
N VAL A 60 6.62 -32.29 -5.36
CA VAL A 60 7.01 -32.42 -6.75
C VAL A 60 8.51 -32.67 -6.85
N ALA A 61 9.29 -31.90 -6.09
CA ALA A 61 10.73 -32.05 -6.10
C ALA A 61 11.12 -33.45 -5.69
N ARG A 62 10.39 -34.00 -4.73
CA ARG A 62 10.68 -35.34 -4.26
C ARG A 62 10.52 -36.33 -5.41
N LEU A 63 9.43 -36.20 -6.15
CA LEU A 63 9.17 -37.07 -7.29
C LEU A 63 10.13 -36.76 -8.43
N LYS A 64 10.49 -35.49 -8.54
CA LYS A 64 11.37 -35.04 -9.61
C LYS A 64 12.69 -35.79 -9.54
N LYS A 65 13.15 -36.05 -8.32
CA LYS A 65 14.41 -36.75 -8.11
C LYS A 65 14.36 -38.15 -8.72
N LEU A 66 13.18 -38.77 -8.66
CA LEU A 66 13.04 -40.12 -9.19
C LEU A 66 13.38 -40.16 -10.68
N VAL A 67 12.87 -39.19 -11.43
CA VAL A 67 13.14 -39.12 -12.86
C VAL A 67 14.41 -38.30 -13.13
N GLY A 68 14.56 -37.20 -12.41
CA GLY A 68 15.73 -36.35 -12.56
C GLY A 68 15.52 -35.01 -11.86
N GLU A 69 16.21 -34.82 -10.74
CA GLU A 69 16.09 -33.59 -9.97
C GLU A 69 16.13 -32.38 -10.90
N GLY B 1 9.55 -48.82 -20.52
CA GLY B 1 10.06 -48.44 -21.87
C GLY B 1 9.14 -47.42 -22.50
N SER B 2 8.42 -47.86 -23.55
CA SER B 2 7.50 -46.97 -24.24
C SER B 2 6.42 -46.47 -23.27
N HIS B 3 5.90 -47.37 -22.45
CA HIS B 3 4.86 -47.01 -21.49
C HIS B 3 5.43 -46.09 -20.42
N GLU B 4 6.66 -46.35 -20.02
CA GLU B 4 7.31 -45.55 -18.98
C GLU B 4 7.32 -44.07 -19.37
N ASN B 5 7.16 -43.81 -20.66
CA ASN B 5 7.13 -42.43 -21.15
C ASN B 5 6.10 -41.63 -20.40
N LYS B 6 5.06 -42.28 -19.95
CA LYS B 6 4.04 -41.58 -19.22
C LYS B 6 4.59 -41.00 -17.93
N GLN B 7 5.37 -41.80 -17.20
CA GLN B 7 5.95 -41.33 -15.95
C GLN B 7 6.93 -40.19 -16.22
N VAL B 8 7.83 -40.41 -17.18
CA VAL B 8 8.81 -39.40 -17.52
C VAL B 8 8.12 -38.14 -18.01
N GLU B 9 7.16 -38.32 -18.92
CA GLU B 9 6.42 -37.20 -19.46
C GLU B 9 5.63 -36.49 -18.37
N GLU B 10 5.20 -37.24 -17.37
CA GLU B 10 4.41 -36.69 -16.28
C GLU B 10 5.25 -35.69 -15.48
N ILE B 11 6.48 -36.08 -15.18
CA ILE B 11 7.37 -35.21 -14.43
C ILE B 11 7.63 -33.93 -15.23
N LEU B 12 7.84 -34.07 -16.52
CA LEU B 12 8.11 -32.91 -17.35
C LEU B 12 6.95 -31.93 -17.26
N ARG B 13 5.74 -32.44 -17.24
CA ARG B 13 4.57 -31.59 -17.13
C ARG B 13 4.62 -30.82 -15.82
N LEU B 14 5.05 -31.50 -14.76
CA LEU B 14 5.12 -30.86 -13.46
C LEU B 14 6.12 -29.72 -13.47
N GLU B 15 7.22 -29.90 -14.19
CA GLU B 15 8.25 -28.88 -14.27
C GLU B 15 7.70 -27.62 -14.93
N LYS B 16 6.96 -27.80 -16.02
CA LYS B 16 6.38 -26.66 -16.72
C LYS B 16 5.31 -26.00 -15.87
N GLU B 17 4.44 -26.80 -15.27
CA GLU B 17 3.35 -26.27 -14.45
C GLU B 17 3.87 -25.65 -13.16
N ILE B 18 4.68 -26.40 -12.44
CA ILE B 18 5.23 -25.90 -11.18
C ILE B 18 6.03 -24.64 -11.41
N GLU B 19 6.80 -24.62 -12.50
CA GLU B 19 7.60 -23.45 -12.82
C GLU B 19 6.71 -22.25 -13.08
N ASP B 20 5.59 -22.49 -13.74
CA ASP B 20 4.65 -21.40 -14.05
C ASP B 20 4.13 -20.77 -12.76
N LEU B 21 3.77 -21.60 -11.79
CA LEU B 21 3.26 -21.12 -10.51
C LEU B 21 4.32 -20.32 -9.78
N GLN B 22 5.56 -20.79 -9.82
CA GLN B 22 6.64 -20.10 -9.14
C GLN B 22 6.78 -18.68 -9.66
N ARG B 23 6.79 -18.52 -10.97
CA ARG B 23 6.91 -17.20 -11.56
C ARG B 23 5.70 -16.34 -11.24
N MET B 24 4.52 -16.94 -11.29
CA MET B 24 3.30 -16.20 -11.01
C MET B 24 3.25 -15.72 -9.56
N LYS B 25 3.58 -16.62 -8.63
CA LYS B 25 3.58 -16.27 -7.21
C LYS B 25 4.69 -15.27 -6.90
N GLU B 26 5.87 -15.51 -7.45
CA GLU B 26 7.00 -14.63 -7.23
C GLU B 26 6.77 -13.26 -7.87
N ARG B 27 6.24 -13.27 -9.09
CA ARG B 27 5.97 -12.03 -9.80
C ARG B 27 4.93 -11.21 -9.07
N GLN B 28 3.92 -11.86 -8.54
CA GLN B 28 2.87 -11.17 -7.81
C GLN B 28 3.45 -10.45 -6.59
N GLU B 29 4.30 -11.17 -5.84
CA GLU B 29 4.90 -10.58 -4.65
C GLU B 29 5.73 -9.36 -5.02
N LEU B 30 6.42 -9.44 -6.16
CA LEU B 30 7.24 -8.32 -6.62
C LEU B 30 6.37 -7.12 -6.94
N SER B 31 5.21 -7.37 -7.54
CA SER B 31 4.31 -6.28 -7.89
C SER B 31 3.85 -5.55 -6.64
N LEU B 32 3.56 -6.31 -5.60
CA LEU B 32 3.11 -5.72 -4.33
C LEU B 32 4.22 -4.87 -3.73
N THR B 33 5.45 -5.33 -3.85
CA THR B 33 6.57 -4.59 -3.30
C THR B 33 6.65 -3.20 -3.94
N GLU B 34 6.50 -3.17 -5.26
CA GLU B 34 6.55 -1.91 -5.99
C GLU B 34 5.37 -1.02 -5.60
N ALA B 35 4.18 -1.61 -5.54
CA ALA B 35 2.99 -0.86 -5.18
C ALA B 35 3.09 -0.34 -3.76
N SER B 36 3.59 -1.17 -2.87
CA SER B 36 3.72 -0.78 -1.49
C SER B 36 4.64 0.43 -1.37
N LEU B 37 5.71 0.43 -2.14
CA LEU B 37 6.66 1.53 -2.11
C LEU B 37 5.98 2.82 -2.53
N GLN B 38 5.15 2.74 -3.56
CA GLN B 38 4.45 3.93 -4.03
C GLN B 38 3.60 4.52 -2.92
N LYS B 39 2.92 3.66 -2.19
CA LYS B 39 2.08 4.12 -1.09
C LYS B 39 2.89 4.85 -0.05
N LEU B 40 4.06 4.32 0.27
CA LEU B 40 4.92 4.97 1.26
C LEU B 40 5.29 6.37 0.79
N GLN B 41 5.52 6.52 -0.49
CA GLN B 41 5.87 7.83 -1.01
C GLN B 41 4.75 8.83 -0.74
N LEU B 42 3.52 8.41 -0.97
CA LEU B 42 2.38 9.27 -0.73
C LEU B 42 2.30 9.64 0.76
N GLU B 43 2.63 8.69 1.62
CA GLU B 43 2.60 8.93 3.05
C GLU B 43 3.54 10.06 3.43
N ASP B 44 4.70 10.08 2.78
CA ASP B 44 5.68 11.12 3.05
C ASP B 44 5.15 12.49 2.61
N LYS B 45 4.47 12.52 1.47
CA LYS B 45 3.95 13.79 0.97
C LYS B 45 2.86 14.36 1.88
N VAL B 46 1.87 13.54 2.21
CA VAL B 46 0.79 13.98 3.08
C VAL B 46 1.32 14.22 4.49
N GLU B 47 2.25 13.38 4.92
CA GLU B 47 2.83 13.53 6.26
C GLU B 47 3.45 14.92 6.41
N GLU B 48 4.17 15.36 5.39
CA GLU B 48 4.80 16.66 5.43
C GLU B 48 3.75 17.75 5.49
N LEU B 49 2.66 17.56 4.75
CA LEU B 49 1.58 18.54 4.75
C LEU B 49 0.97 18.66 6.14
N LEU B 50 0.81 17.53 6.80
CA LEU B 50 0.23 17.53 8.14
C LEU B 50 1.14 18.32 9.08
N SER B 51 2.44 18.12 8.97
CA SER B 51 3.39 18.80 9.83
C SER B 51 3.26 20.31 9.67
N LYS B 52 3.11 20.76 8.43
CA LYS B 52 2.95 22.17 8.16
C LYS B 52 1.67 22.69 8.80
N ASN B 53 0.62 21.88 8.77
CA ASN B 53 -0.65 22.28 9.35
C ASN B 53 -0.47 22.55 10.84
N TYR B 54 0.31 21.72 11.51
CA TYR B 54 0.55 21.91 12.93
C TYR B 54 1.22 23.25 13.18
N HIS B 55 2.23 23.54 12.37
CA HIS B 55 2.94 24.80 12.53
C HIS B 55 2.02 25.98 12.21
N LEU B 56 1.27 25.85 11.13
CA LEU B 56 0.35 26.91 10.71
C LEU B 56 -0.75 27.09 11.75
N GLU B 57 -1.21 25.98 12.31
CA GLU B 57 -2.25 26.04 13.33
C GLU B 57 -1.79 26.86 14.51
N ASN B 58 -0.53 26.67 14.92
CA ASN B 58 0.00 27.43 16.05
C ASN B 58 0.03 28.92 15.73
N GLU B 59 0.44 29.25 14.52
CA GLU B 59 0.50 30.66 14.14
C GLU B 59 -0.89 31.26 14.02
N VAL B 60 -1.77 30.58 13.29
CA VAL B 60 -3.13 31.06 13.10
C VAL B 60 -3.88 31.05 14.43
N ALA B 61 -3.74 29.95 15.16
CA ALA B 61 -4.41 29.81 16.45
C ALA B 61 -3.98 30.93 17.38
N ARG B 62 -2.70 31.29 17.31
CA ARG B 62 -2.19 32.35 18.16
C ARG B 62 -2.92 33.66 17.85
N LEU B 63 -3.05 33.95 16.55
CA LEU B 63 -3.76 35.16 16.13
C LEU B 63 -5.25 35.03 16.40
N LYS B 64 -5.75 33.82 16.28
CA LYS B 64 -7.17 33.57 16.48
C LYS B 64 -7.60 34.01 17.87
N LYS B 65 -6.72 33.79 18.84
CA LYS B 65 -7.01 34.16 20.22
C LYS B 65 -7.25 35.65 20.34
N LEU B 66 -6.53 36.44 19.54
CA LEU B 66 -6.66 37.89 19.60
C LEU B 66 -8.10 38.30 19.29
N VAL B 67 -8.69 37.70 18.27
CA VAL B 67 -10.07 38.01 17.90
C VAL B 67 -11.04 37.10 18.64
N GLY B 68 -10.71 35.83 18.72
CA GLY B 68 -11.55 34.86 19.40
C GLY B 68 -11.08 33.43 19.11
N GLU B 69 -10.48 32.80 20.11
CA GLU B 69 -9.98 31.43 19.95
C GLU B 69 -11.02 30.56 19.24
N GLY A 1 -17.44 50.39 6.96
CA GLY A 1 -16.03 50.80 6.75
C GLY A 1 -15.27 50.69 8.07
N SER A 2 -15.63 49.69 8.88
CA SER A 2 -14.98 49.48 10.16
C SER A 2 -13.58 48.93 9.95
N HIS A 3 -12.66 49.31 10.84
CA HIS A 3 -11.28 48.85 10.75
C HIS A 3 -11.15 47.43 11.30
N GLU A 4 -12.13 47.02 12.10
CA GLU A 4 -12.11 45.68 12.70
C GLU A 4 -12.32 44.61 11.63
N ASN A 5 -12.90 45.02 10.50
CA ASN A 5 -13.15 44.10 9.40
C ASN A 5 -11.87 43.41 9.01
N LYS A 6 -10.75 44.08 9.22
CA LYS A 6 -9.48 43.49 8.86
C LYS A 6 -9.25 42.21 9.66
N GLN A 7 -9.51 42.27 10.96
CA GLN A 7 -9.31 41.10 11.82
C GLN A 7 -10.32 40.01 11.46
N VAL A 8 -11.58 40.40 11.31
CA VAL A 8 -12.62 39.45 10.96
C VAL A 8 -12.33 38.83 9.59
N GLU A 9 -11.96 39.68 8.65
CA GLU A 9 -11.67 39.23 7.30
C GLU A 9 -10.41 38.34 7.26
N GLU A 10 -9.39 38.74 8.00
CA GLU A 10 -8.13 37.99 8.02
C GLU A 10 -8.34 36.61 8.62
N ILE A 11 -8.97 36.58 9.79
CA ILE A 11 -9.26 35.32 10.47
C ILE A 11 -10.16 34.46 9.61
N LEU A 12 -11.16 35.07 9.00
CA LEU A 12 -12.09 34.32 8.18
C LEU A 12 -11.32 33.56 7.11
N ARG A 13 -10.34 34.22 6.50
CA ARG A 13 -9.53 33.57 5.47
C ARG A 13 -8.75 32.40 6.07
N LEU A 14 -8.23 32.60 7.27
CA LEU A 14 -7.45 31.55 7.93
C LEU A 14 -8.31 30.32 8.20
N GLU A 15 -9.55 30.54 8.59
CA GLU A 15 -10.46 29.44 8.89
C GLU A 15 -10.78 28.67 7.61
N LYS A 16 -10.99 29.40 6.52
CA LYS A 16 -11.30 28.75 5.24
C LYS A 16 -10.06 28.03 4.70
N GLU A 17 -8.92 28.70 4.75
CA GLU A 17 -7.67 28.13 4.26
C GLU A 17 -7.19 26.97 5.11
N ILE A 18 -7.17 27.17 6.42
CA ILE A 18 -6.71 26.12 7.32
C ILE A 18 -7.62 24.90 7.21
N GLU A 19 -8.92 25.14 7.15
CA GLU A 19 -9.87 24.04 7.02
C GLU A 19 -9.64 23.26 5.74
N ASP A 20 -9.31 23.98 4.67
CA ASP A 20 -9.07 23.31 3.40
C ASP A 20 -7.88 22.35 3.52
N LEU A 21 -6.83 22.81 4.18
CA LEU A 21 -5.63 21.98 4.37
C LEU A 21 -5.94 20.80 5.28
N GLN A 22 -6.69 21.04 6.34
CA GLN A 22 -7.05 19.98 7.27
C GLN A 22 -7.86 18.91 6.57
N ARG A 23 -8.76 19.34 5.70
CA ARG A 23 -9.60 18.39 4.96
C ARG A 23 -8.75 17.50 4.09
N MET A 24 -7.80 18.08 3.37
CA MET A 24 -6.93 17.31 2.50
C MET A 24 -6.04 16.37 3.32
N LYS A 25 -5.51 16.88 4.43
CA LYS A 25 -4.67 16.07 5.30
C LYS A 25 -5.43 14.86 5.83
N GLU A 26 -6.66 15.08 6.29
CA GLU A 26 -7.48 14.00 6.82
C GLU A 26 -7.84 13.00 5.73
N ARG A 27 -8.14 13.52 4.54
CA ARG A 27 -8.49 12.65 3.42
C ARG A 27 -7.29 11.86 2.93
N GLN A 28 -6.13 12.51 2.90
CA GLN A 28 -4.91 11.84 2.43
C GLN A 28 -4.54 10.67 3.33
N GLU A 29 -4.53 10.90 4.65
CA GLU A 29 -4.19 9.84 5.58
C GLU A 29 -5.30 8.78 5.59
N LEU A 30 -6.54 9.23 5.45
CA LEU A 30 -7.67 8.31 5.43
C LEU A 30 -7.57 7.38 4.24
N SER A 31 -7.21 7.93 3.09
CA SER A 31 -7.08 7.12 1.88
C SER A 31 -6.00 6.06 2.06
N LEU A 32 -4.89 6.47 2.66
CA LEU A 32 -3.79 5.54 2.88
C LEU A 32 -4.22 4.44 3.84
N THR A 33 -5.02 4.78 4.84
CA THR A 33 -5.48 3.79 5.79
C THR A 33 -6.27 2.70 5.07
N GLU A 34 -7.20 3.12 4.22
CA GLU A 34 -8.01 2.16 3.47
C GLU A 34 -7.15 1.36 2.50
N ALA A 35 -6.28 2.05 1.77
CA ALA A 35 -5.42 1.38 0.80
C ALA A 35 -4.46 0.44 1.50
N SER A 36 -3.96 0.87 2.63
CA SER A 36 -3.03 0.05 3.38
C SER A 36 -3.68 -1.25 3.79
N LEU A 37 -4.93 -1.17 4.20
CA LEU A 37 -5.66 -2.36 4.61
C LEU A 37 -5.77 -3.34 3.44
N GLN A 38 -6.03 -2.80 2.25
CA GLN A 38 -6.15 -3.65 1.08
C GLN A 38 -4.85 -4.40 0.84
N LYS A 39 -3.72 -3.73 1.05
CA LYS A 39 -2.43 -4.36 0.86
C LYS A 39 -2.25 -5.52 1.81
N LEU A 40 -2.66 -5.34 3.06
CA LEU A 40 -2.52 -6.42 4.04
C LEU A 40 -3.30 -7.64 3.57
N GLN A 41 -4.47 -7.41 3.00
CA GLN A 41 -5.29 -8.51 2.52
C GLN A 41 -4.53 -9.28 1.45
N LEU A 42 -3.85 -8.55 0.56
CA LEU A 42 -3.07 -9.19 -0.49
C LEU A 42 -1.97 -10.04 0.12
N GLU A 43 -1.34 -9.54 1.18
CA GLU A 43 -0.28 -10.28 1.84
C GLU A 43 -0.78 -11.63 2.31
N ASP A 44 -2.00 -11.65 2.82
CA ASP A 44 -2.58 -12.89 3.29
C ASP A 44 -2.71 -13.87 2.14
N LYS A 45 -3.17 -13.38 0.98
CA LYS A 45 -3.33 -14.24 -0.18
C LYS A 45 -1.98 -14.78 -0.65
N VAL A 46 -1.00 -13.90 -0.78
CA VAL A 46 0.34 -14.31 -1.20
C VAL A 46 0.96 -15.24 -0.17
N GLU A 47 0.76 -14.91 1.10
CA GLU A 47 1.32 -15.74 2.19
C GLU A 47 0.83 -17.19 2.07
N GLU A 48 -0.47 -17.37 1.91
CA GLU A 48 -1.04 -18.72 1.81
C GLU A 48 -0.56 -19.44 0.56
N LEU A 49 -0.61 -18.74 -0.57
CA LEU A 49 -0.16 -19.31 -1.83
C LEU A 49 1.33 -19.61 -1.76
N LEU A 50 2.08 -18.71 -1.14
CA LEU A 50 3.51 -18.88 -1.02
C LEU A 50 3.80 -20.15 -0.23
N SER A 51 3.05 -20.35 0.86
CA SER A 51 3.25 -21.53 1.69
C SER A 51 2.97 -22.81 0.91
N LYS A 52 1.88 -22.79 0.13
CA LYS A 52 1.51 -23.93 -0.68
C LYS A 52 2.56 -24.17 -1.77
N ASN A 53 3.02 -23.09 -2.37
CA ASN A 53 4.00 -23.21 -3.44
C ASN A 53 5.27 -23.86 -2.90
N TYR A 54 5.69 -23.48 -1.71
CA TYR A 54 6.87 -24.05 -1.11
C TYR A 54 6.69 -25.54 -0.88
N HIS A 55 5.53 -25.91 -0.36
CA HIS A 55 5.27 -27.32 -0.11
C HIS A 55 5.20 -28.09 -1.42
N LEU A 56 4.50 -27.54 -2.40
CA LEU A 56 4.38 -28.19 -3.70
C LEU A 56 5.75 -28.28 -4.37
N GLU A 57 6.54 -27.22 -4.25
CA GLU A 57 7.88 -27.19 -4.84
C GLU A 57 8.70 -28.37 -4.33
N ASN A 58 8.61 -28.64 -3.03
CA ASN A 58 9.36 -29.76 -2.47
C ASN A 58 8.85 -31.10 -3.01
N GLU A 59 7.53 -31.23 -3.15
CA GLU A 59 6.96 -32.47 -3.65
C GLU A 59 7.36 -32.73 -5.10
N VAL A 60 7.15 -31.74 -5.96
CA VAL A 60 7.51 -31.87 -7.37
C VAL A 60 9.01 -31.94 -7.51
N ALA A 61 9.72 -31.11 -6.75
CA ALA A 61 11.16 -31.09 -6.83
C ALA A 61 11.72 -32.45 -6.47
N ARG A 62 11.16 -33.07 -5.44
CA ARG A 62 11.64 -34.37 -5.01
C ARG A 62 11.46 -35.41 -6.13
N LEU A 63 10.28 -35.44 -6.71
CA LEU A 63 9.99 -36.40 -7.80
C LEU A 63 10.75 -36.04 -9.07
N LYS A 64 10.84 -34.75 -9.35
CA LYS A 64 11.53 -34.27 -10.54
C LYS A 64 12.99 -34.68 -10.52
N LYS A 65 13.60 -34.64 -9.34
CA LYS A 65 14.99 -35.02 -9.19
C LYS A 65 15.18 -36.48 -9.60
N LEU A 66 14.21 -37.32 -9.26
CA LEU A 66 14.31 -38.73 -9.62
C LEU A 66 14.36 -38.90 -11.13
N VAL A 67 13.48 -38.17 -11.83
CA VAL A 67 13.45 -38.25 -13.30
C VAL A 67 14.67 -37.57 -13.90
N GLY A 68 15.05 -36.41 -13.35
CA GLY A 68 16.21 -35.67 -13.84
C GLY A 68 16.01 -34.17 -13.65
N GLU A 69 15.54 -33.79 -12.47
CA GLU A 69 15.30 -32.38 -12.17
C GLU A 69 14.38 -31.76 -13.21
N GLY B 1 4.93 -46.00 -27.43
CA GLY B 1 4.01 -46.58 -26.42
C GLY B 1 4.80 -47.00 -25.18
N SER B 2 5.87 -46.26 -24.89
CA SER B 2 6.70 -46.57 -23.73
C SER B 2 5.96 -46.25 -22.44
N HIS B 3 6.21 -47.04 -21.40
CA HIS B 3 5.56 -46.82 -20.11
C HIS B 3 6.24 -45.70 -19.34
N GLU B 4 7.46 -45.37 -19.74
CA GLU B 4 8.21 -44.31 -19.08
C GLU B 4 7.60 -42.95 -19.37
N ASN B 5 6.82 -42.87 -20.44
CA ASN B 5 6.16 -41.63 -20.83
C ASN B 5 5.35 -41.11 -19.67
N LYS B 6 4.88 -42.01 -18.84
CA LYS B 6 4.09 -41.58 -17.71
C LYS B 6 4.90 -40.68 -16.79
N GLN B 7 6.12 -41.09 -16.50
CA GLN B 7 6.99 -40.29 -15.64
C GLN B 7 7.35 -38.97 -16.31
N VAL B 8 7.75 -39.05 -17.58
CA VAL B 8 8.13 -37.87 -18.32
C VAL B 8 6.92 -36.92 -18.45
N GLU B 9 5.78 -37.50 -18.78
CA GLU B 9 4.57 -36.72 -18.94
C GLU B 9 4.10 -36.12 -17.60
N GLU B 10 4.18 -36.91 -16.54
CA GLU B 10 3.74 -36.45 -15.22
C GLU B 10 4.62 -35.30 -14.73
N ILE B 11 5.92 -35.51 -14.80
CA ILE B 11 6.87 -34.49 -14.38
C ILE B 11 6.73 -33.24 -15.25
N LEU B 12 6.56 -33.45 -16.54
CA LEU B 12 6.42 -32.32 -17.45
C LEU B 12 5.27 -31.43 -16.99
N ARG B 13 4.17 -32.05 -16.60
CA ARG B 13 3.02 -31.28 -16.13
C ARG B 13 3.37 -30.51 -14.86
N LEU B 14 4.12 -31.16 -13.98
CA LEU B 14 4.51 -30.52 -12.71
C LEU B 14 5.38 -29.29 -12.98
N GLU B 15 6.27 -29.39 -13.95
CA GLU B 15 7.16 -28.29 -14.28
C GLU B 15 6.34 -27.11 -14.85
N LYS B 16 5.37 -27.43 -15.70
CA LYS B 16 4.54 -26.39 -16.28
C LYS B 16 3.62 -25.77 -15.23
N GLU B 17 3.00 -26.62 -14.42
CA GLU B 17 2.08 -26.17 -13.38
C GLU B 17 2.82 -25.43 -12.26
N ILE B 18 3.90 -26.03 -11.76
CA ILE B 18 4.65 -25.40 -10.68
C ILE B 18 5.21 -24.06 -11.14
N GLU B 19 5.72 -24.03 -12.37
CA GLU B 19 6.27 -22.79 -12.91
C GLU B 19 5.20 -21.71 -13.00
N ASP B 20 3.99 -22.11 -13.37
CA ASP B 20 2.91 -21.15 -13.47
C ASP B 20 2.63 -20.51 -12.12
N LEU B 21 2.61 -21.34 -11.07
CA LEU B 21 2.36 -20.83 -9.73
C LEU B 21 3.50 -19.94 -9.25
N GLN B 22 4.73 -20.36 -9.55
CA GLN B 22 5.90 -19.58 -9.14
C GLN B 22 5.88 -18.22 -9.81
N ARG B 23 5.47 -18.18 -11.07
CA ARG B 23 5.41 -16.93 -11.80
C ARG B 23 4.42 -15.98 -11.16
N MET B 24 3.25 -16.49 -10.81
CA MET B 24 2.23 -15.66 -10.18
C MET B 24 2.69 -15.19 -8.80
N LYS B 25 3.31 -16.09 -8.05
CA LYS B 25 3.80 -15.76 -6.71
C LYS B 25 4.84 -14.65 -6.79
N GLU B 26 5.78 -14.77 -7.73
CA GLU B 26 6.83 -13.77 -7.89
C GLU B 26 6.24 -12.44 -8.34
N ARG B 27 5.28 -12.50 -9.24
CA ARG B 27 4.63 -11.29 -9.74
C ARG B 27 3.78 -10.62 -8.66
N GLN B 28 3.09 -11.44 -7.87
CA GLN B 28 2.24 -10.90 -6.82
C GLN B 28 3.06 -10.14 -5.77
N GLU B 29 4.13 -10.76 -5.31
CA GLU B 29 4.98 -10.11 -4.31
C GLU B 29 5.70 -8.92 -4.93
N LEU B 30 6.08 -9.07 -6.19
CA LEU B 30 6.77 -8.00 -6.90
C LEU B 30 5.87 -6.78 -7.01
N SER B 31 4.62 -7.02 -7.34
CA SER B 31 3.67 -5.92 -7.48
C SER B 31 3.51 -5.18 -6.16
N LEU B 32 3.41 -5.95 -5.08
CA LEU B 32 3.26 -5.35 -3.76
C LEU B 32 4.49 -4.53 -3.40
N THR B 33 5.66 -5.01 -3.79
CA THR B 33 6.89 -4.29 -3.50
C THR B 33 6.85 -2.91 -4.14
N GLU B 34 6.47 -2.86 -5.41
CA GLU B 34 6.39 -1.60 -6.12
C GLU B 34 5.29 -0.70 -5.54
N ALA B 35 4.12 -1.29 -5.30
CA ALA B 35 3.01 -0.53 -4.75
C ALA B 35 3.32 -0.04 -3.37
N SER B 36 3.99 -0.88 -2.59
CA SER B 36 4.34 -0.51 -1.24
C SER B 36 5.24 0.71 -1.24
N LEU B 37 6.18 0.74 -2.18
CA LEU B 37 7.09 1.86 -2.28
C LEU B 37 6.32 3.14 -2.56
N GLN B 38 5.32 3.06 -3.43
CA GLN B 38 4.52 4.22 -3.75
C GLN B 38 3.83 4.76 -2.50
N LYS B 39 3.36 3.86 -1.65
CA LYS B 39 2.69 4.26 -0.42
C LYS B 39 3.64 5.03 0.48
N LEU B 40 4.88 4.57 0.58
CA LEU B 40 5.86 5.24 1.42
C LEU B 40 6.06 6.67 0.93
N GLN B 41 6.08 6.85 -0.38
CA GLN B 41 6.24 8.17 -0.94
C GLN B 41 5.10 9.08 -0.49
N LEU B 42 3.90 8.54 -0.49
CA LEU B 42 2.74 9.30 -0.07
C LEU B 42 2.89 9.71 1.39
N GLU B 43 3.42 8.81 2.21
CA GLU B 43 3.61 9.12 3.63
C GLU B 43 4.51 10.32 3.79
N ASP B 44 5.53 10.41 2.95
CA ASP B 44 6.44 11.54 3.01
C ASP B 44 5.68 12.84 2.73
N LYS B 45 4.82 12.80 1.71
CA LYS B 45 4.05 14.00 1.36
C LYS B 45 3.11 14.39 2.49
N VAL B 46 2.38 13.42 3.02
CA VAL B 46 1.45 13.68 4.12
C VAL B 46 2.22 14.12 5.36
N GLU B 47 3.35 13.48 5.62
CA GLU B 47 4.16 13.81 6.78
C GLU B 47 4.57 15.29 6.77
N GLU B 48 5.08 15.76 5.63
CA GLU B 48 5.51 17.15 5.51
C GLU B 48 4.33 18.10 5.63
N LEU B 49 3.26 17.81 4.91
CA LEU B 49 2.07 18.65 4.95
C LEU B 49 1.47 18.63 6.35
N LEU B 50 1.50 17.46 6.98
CA LEU B 50 0.96 17.32 8.32
C LEU B 50 1.74 18.21 9.28
N SER B 51 3.07 18.21 9.13
CA SER B 51 3.91 19.02 10.00
C SER B 51 3.60 20.51 9.82
N LYS B 52 3.44 20.92 8.57
CA LYS B 52 3.13 22.31 8.27
C LYS B 52 1.75 22.67 8.80
N ASN B 53 0.80 21.75 8.61
CA ASN B 53 -0.57 22.00 9.06
C ASN B 53 -0.59 22.22 10.56
N TYR B 54 0.17 21.42 11.29
CA TYR B 54 0.23 21.54 12.74
C TYR B 54 0.78 22.90 13.12
N HIS B 55 1.86 23.31 12.46
CA HIS B 55 2.46 24.59 12.77
C HIS B 55 1.52 25.74 12.41
N LEU B 56 0.89 25.64 11.23
CA LEU B 56 -0.04 26.67 10.81
C LEU B 56 -1.26 26.70 11.73
N GLU B 57 -1.72 25.52 12.14
CA GLU B 57 -2.87 25.43 13.03
C GLU B 57 -2.61 26.22 14.31
N ASN B 58 -1.41 26.11 14.85
CA ASN B 58 -1.06 26.85 16.06
C ASN B 58 -1.04 28.35 15.81
N GLU B 59 -0.51 28.75 14.66
CA GLU B 59 -0.43 30.18 14.32
C GLU B 59 -1.83 30.78 14.15
N VAL B 60 -2.65 30.15 13.32
CA VAL B 60 -4.00 30.64 13.09
C VAL B 60 -4.83 30.46 14.36
N ALA B 61 -4.67 29.33 15.02
CA ALA B 61 -5.41 29.07 16.23
C ALA B 61 -5.11 30.13 17.27
N ARG B 62 -3.85 30.49 17.40
CA ARG B 62 -3.47 31.50 18.38
C ARG B 62 -4.16 32.83 18.09
N LEU B 63 -4.09 33.27 16.83
CA LEU B 63 -4.71 34.54 16.43
C LEU B 63 -6.24 34.45 16.46
N LYS B 64 -6.76 33.31 16.03
CA LYS B 64 -8.21 33.09 16.00
C LYS B 64 -8.79 33.20 17.39
N LYS B 65 -8.07 32.69 18.37
CA LYS B 65 -8.53 32.74 19.75
C LYS B 65 -8.70 34.19 20.19
N LEU B 66 -7.80 35.07 19.74
CA LEU B 66 -7.90 36.47 20.11
C LEU B 66 -9.19 37.08 19.59
N VAL B 67 -9.53 36.78 18.33
CA VAL B 67 -10.75 37.29 17.72
C VAL B 67 -11.98 36.61 18.34
N GLY B 68 -11.89 35.29 18.53
CA GLY B 68 -13.00 34.54 19.11
C GLY B 68 -13.02 33.11 18.56
N GLU B 69 -11.85 32.48 18.52
CA GLU B 69 -11.73 31.12 18.02
C GLU B 69 -12.31 31.02 16.61
N GLY A 1 -19.11 52.35 11.37
CA GLY A 1 -18.08 51.94 10.37
C GLY A 1 -17.46 50.62 10.79
N SER A 2 -17.26 50.45 12.09
CA SER A 2 -16.67 49.23 12.62
C SER A 2 -15.42 48.85 11.83
N HIS A 3 -14.26 49.32 12.30
CA HIS A 3 -13.00 49.04 11.64
C HIS A 3 -12.45 47.68 12.08
N GLU A 4 -12.97 47.17 13.18
CA GLU A 4 -12.54 45.88 13.70
C GLU A 4 -12.87 44.76 12.72
N ASN A 5 -13.80 45.04 11.81
CA ASN A 5 -14.21 44.06 10.82
C ASN A 5 -12.98 43.56 10.10
N LYS A 6 -11.96 44.39 10.02
CA LYS A 6 -10.75 43.98 9.35
C LYS A 6 -10.12 42.77 10.04
N GLN A 7 -10.05 42.82 11.38
CA GLN A 7 -9.49 41.71 12.14
C GLN A 7 -10.37 40.48 12.05
N VAL A 8 -11.68 40.71 12.09
CA VAL A 8 -12.64 39.62 12.01
C VAL A 8 -12.67 39.03 10.59
N GLU A 9 -12.60 39.89 9.60
CA GLU A 9 -12.64 39.46 8.21
C GLU A 9 -11.39 38.64 7.83
N GLU A 10 -10.22 39.12 8.23
CA GLU A 10 -8.98 38.42 7.91
C GLU A 10 -8.89 37.08 8.64
N ILE A 11 -9.32 37.05 9.90
CA ILE A 11 -9.26 35.81 10.67
C ILE A 11 -10.21 34.78 10.05
N LEU A 12 -11.36 35.24 9.58
CA LEU A 12 -12.34 34.36 8.96
C LEU A 12 -11.75 33.71 7.71
N ARG A 13 -11.01 34.50 6.93
CA ARG A 13 -10.40 33.95 5.72
C ARG A 13 -9.41 32.85 6.10
N LEU A 14 -8.71 33.06 7.20
CA LEU A 14 -7.74 32.06 7.67
C LEU A 14 -8.47 30.77 8.03
N GLU A 15 -9.64 30.89 8.63
CA GLU A 15 -10.42 29.72 9.03
C GLU A 15 -10.76 28.89 7.81
N LYS A 16 -11.14 29.57 6.73
CA LYS A 16 -11.49 28.87 5.50
C LYS A 16 -10.29 28.10 4.94
N GLU A 17 -9.13 28.75 4.95
CA GLU A 17 -7.91 28.12 4.45
C GLU A 17 -7.44 27.01 5.38
N ILE A 18 -7.43 27.28 6.67
CA ILE A 18 -7.01 26.28 7.66
C ILE A 18 -7.96 25.09 7.62
N GLU A 19 -9.26 25.37 7.57
CA GLU A 19 -10.24 24.29 7.54
C GLU A 19 -10.02 23.42 6.30
N ASP A 20 -9.72 24.07 5.17
CA ASP A 20 -9.49 23.35 3.93
C ASP A 20 -8.30 22.42 4.06
N LEU A 21 -7.24 22.91 4.70
CA LEU A 21 -6.03 22.11 4.89
C LEU A 21 -6.33 20.91 5.77
N GLN A 22 -7.16 21.10 6.79
CA GLN A 22 -7.51 20.01 7.68
C GLN A 22 -8.17 18.89 6.89
N ARG A 23 -9.06 19.26 5.96
CA ARG A 23 -9.73 18.26 5.14
C ARG A 23 -8.72 17.54 4.26
N MET A 24 -7.78 18.29 3.68
CA MET A 24 -6.78 17.67 2.82
C MET A 24 -5.92 16.68 3.61
N LYS A 25 -5.44 17.09 4.77
CA LYS A 25 -4.62 16.20 5.60
C LYS A 25 -5.44 15.01 6.11
N GLU A 26 -6.63 15.30 6.62
CA GLU A 26 -7.49 14.24 7.15
C GLU A 26 -7.93 13.28 6.05
N ARG A 27 -8.30 13.82 4.91
CA ARG A 27 -8.75 13.00 3.78
C ARG A 27 -7.61 12.12 3.28
N GLN A 28 -6.41 12.69 3.21
CA GLN A 28 -5.25 11.94 2.75
C GLN A 28 -4.93 10.78 3.70
N GLU A 29 -4.98 11.06 5.00
CA GLU A 29 -4.70 10.03 5.99
C GLU A 29 -5.74 8.92 5.92
N LEU A 30 -6.99 9.33 5.71
CA LEU A 30 -8.09 8.37 5.60
C LEU A 30 -7.90 7.48 4.38
N SER A 31 -7.45 8.07 3.28
CA SER A 31 -7.25 7.32 2.05
C SER A 31 -6.17 6.26 2.24
N LEU A 32 -5.10 6.65 2.92
CA LEU A 32 -4.00 5.75 3.18
C LEU A 32 -4.44 4.58 4.05
N THR A 33 -5.29 4.87 5.03
CA THR A 33 -5.78 3.82 5.90
C THR A 33 -6.55 2.79 5.09
N GLU A 34 -7.44 3.28 4.23
CA GLU A 34 -8.23 2.39 3.38
C GLU A 34 -7.34 1.65 2.38
N ALA A 35 -6.40 2.38 1.77
CA ALA A 35 -5.51 1.75 0.80
C ALA A 35 -4.62 0.73 1.48
N SER A 36 -4.14 1.06 2.66
CA SER A 36 -3.28 0.17 3.38
C SER A 36 -4.01 -1.15 3.67
N LEU A 37 -5.29 -1.03 4.01
CA LEU A 37 -6.08 -2.21 4.30
C LEU A 37 -6.17 -3.11 3.07
N GLN A 38 -6.36 -2.50 1.90
CA GLN A 38 -6.47 -3.28 0.68
C GLN A 38 -5.17 -4.05 0.41
N LYS A 39 -4.04 -3.37 0.56
CA LYS A 39 -2.77 -4.03 0.33
C LYS A 39 -2.60 -5.19 1.29
N LEU A 40 -3.00 -4.99 2.54
CA LEU A 40 -2.88 -6.06 3.53
C LEU A 40 -3.64 -7.29 3.06
N GLN A 41 -4.81 -7.08 2.46
CA GLN A 41 -5.60 -8.19 1.97
C GLN A 41 -4.80 -8.97 0.93
N LEU A 42 -4.11 -8.25 0.06
CA LEU A 42 -3.29 -8.91 -0.97
C LEU A 42 -2.20 -9.74 -0.31
N GLU A 43 -1.63 -9.21 0.77
CA GLU A 43 -0.57 -9.92 1.48
C GLU A 43 -1.08 -11.26 1.99
N ASP A 44 -2.32 -11.27 2.46
CA ASP A 44 -2.91 -12.50 2.97
C ASP A 44 -3.01 -13.53 1.84
N LYS A 45 -3.44 -13.09 0.67
CA LYS A 45 -3.57 -13.99 -0.47
C LYS A 45 -2.21 -14.54 -0.88
N VAL A 46 -1.24 -13.65 -0.98
CA VAL A 46 0.09 -14.05 -1.39
C VAL A 46 0.72 -14.95 -0.32
N GLU A 47 0.56 -14.57 0.94
CA GLU A 47 1.11 -15.34 2.04
C GLU A 47 0.59 -16.77 2.02
N GLU A 48 -0.72 -16.92 1.88
CA GLU A 48 -1.33 -18.24 1.85
C GLU A 48 -0.90 -18.99 0.60
N LEU A 49 -0.85 -18.29 -0.52
CA LEU A 49 -0.46 -18.91 -1.77
C LEU A 49 0.98 -19.38 -1.68
N LEU A 50 1.83 -18.57 -1.06
CA LEU A 50 3.23 -18.90 -0.90
C LEU A 50 3.39 -20.16 -0.05
N SER A 51 2.61 -20.24 1.02
CA SER A 51 2.67 -21.40 1.91
C SER A 51 2.22 -22.66 1.18
N LYS A 52 1.14 -22.55 0.43
CA LYS A 52 0.63 -23.69 -0.33
C LYS A 52 1.61 -24.06 -1.43
N ASN A 53 2.12 -23.07 -2.12
CA ASN A 53 3.07 -23.30 -3.19
C ASN A 53 4.33 -23.95 -2.64
N TYR A 54 4.77 -23.47 -1.49
CA TYR A 54 5.95 -24.02 -0.85
C TYR A 54 5.76 -25.49 -0.53
N HIS A 55 4.59 -25.83 -0.02
CA HIS A 55 4.32 -27.21 0.32
C HIS A 55 4.28 -28.07 -0.95
N LEU A 56 3.61 -27.57 -1.98
CA LEU A 56 3.51 -28.29 -3.24
C LEU A 56 4.88 -28.41 -3.90
N GLU A 57 5.66 -27.34 -3.83
CA GLU A 57 7.00 -27.35 -4.41
C GLU A 57 7.89 -28.39 -3.74
N ASN A 58 7.85 -28.47 -2.43
CA ASN A 58 8.69 -29.44 -1.71
C ASN A 58 8.33 -30.86 -2.08
N GLU A 59 7.03 -31.14 -2.16
CA GLU A 59 6.59 -32.50 -2.49
C GLU A 59 6.91 -32.84 -3.95
N VAL A 60 6.52 -31.97 -4.85
CA VAL A 60 6.76 -32.18 -6.26
C VAL A 60 8.24 -32.12 -6.57
N ALA A 61 8.93 -31.15 -5.99
CA ALA A 61 10.36 -31.01 -6.21
C ALA A 61 11.06 -32.28 -5.76
N ARG A 62 10.57 -32.87 -4.68
CA ARG A 62 11.16 -34.08 -4.17
C ARG A 62 11.06 -35.16 -5.24
N LEU A 63 9.88 -35.29 -5.85
CA LEU A 63 9.67 -36.27 -6.90
C LEU A 63 10.43 -35.89 -8.17
N LYS A 64 10.53 -34.59 -8.41
CA LYS A 64 11.20 -34.08 -9.60
C LYS A 64 12.64 -34.59 -9.65
N LYS A 65 13.26 -34.64 -8.48
CA LYS A 65 14.63 -35.11 -8.36
C LYS A 65 14.78 -36.54 -8.87
N LEU A 66 13.74 -37.35 -8.68
CA LEU A 66 13.80 -38.74 -9.13
C LEU A 66 14.03 -38.82 -10.63
N VAL A 67 13.23 -38.07 -11.39
CA VAL A 67 13.38 -38.06 -12.84
C VAL A 67 14.48 -37.10 -13.26
N GLY A 68 14.52 -35.93 -12.63
CA GLY A 68 15.52 -34.92 -12.93
C GLY A 68 15.14 -33.58 -12.32
N GLU A 69 15.85 -33.17 -11.27
CA GLU A 69 15.57 -31.92 -10.60
C GLU A 69 15.30 -30.81 -11.61
N GLY B 1 9.15 -48.85 -27.65
CA GLY B 1 7.88 -48.36 -27.06
C GLY B 1 8.20 -47.36 -25.95
N SER B 2 9.26 -47.64 -25.19
CA SER B 2 9.65 -46.76 -24.09
C SER B 2 8.45 -46.41 -23.22
N HIS B 3 8.22 -47.20 -22.18
CA HIS B 3 7.10 -46.97 -21.27
C HIS B 3 7.47 -45.94 -20.21
N GLU B 4 8.76 -45.68 -20.06
CA GLU B 4 9.25 -44.72 -19.08
C GLU B 4 8.77 -43.32 -19.43
N ASN B 5 8.38 -43.14 -20.68
CA ASN B 5 7.89 -41.84 -21.14
C ASN B 5 6.78 -41.38 -20.22
N LYS B 6 6.08 -42.33 -19.64
CA LYS B 6 5.00 -41.96 -18.74
C LYS B 6 5.53 -41.16 -17.55
N GLN B 7 6.63 -41.62 -16.97
CA GLN B 7 7.22 -40.93 -15.82
C GLN B 7 7.79 -39.58 -16.25
N VAL B 8 8.41 -39.56 -17.43
CA VAL B 8 8.99 -38.33 -17.96
C VAL B 8 7.90 -37.36 -18.39
N GLU B 9 6.85 -37.88 -18.99
CA GLU B 9 5.75 -37.04 -19.47
C GLU B 9 4.99 -36.39 -18.31
N GLU B 10 4.69 -37.18 -17.28
CA GLU B 10 3.95 -36.65 -16.13
C GLU B 10 4.79 -35.64 -15.34
N ILE B 11 6.08 -35.91 -15.19
CA ILE B 11 6.95 -35.00 -14.45
C ILE B 11 7.05 -33.67 -15.21
N LEU B 12 7.11 -33.75 -16.54
CA LEU B 12 7.21 -32.56 -17.37
C LEU B 12 5.97 -31.68 -17.17
N ARG B 13 4.79 -32.31 -17.09
CA ARG B 13 3.57 -31.55 -16.89
C ARG B 13 3.63 -30.82 -15.56
N LEU B 14 4.21 -31.48 -14.56
CA LEU B 14 4.33 -30.87 -13.24
C LEU B 14 5.23 -29.63 -13.31
N GLU B 15 6.29 -29.70 -14.12
CA GLU B 15 7.21 -28.58 -14.27
C GLU B 15 6.47 -27.37 -14.82
N LYS B 16 5.59 -27.61 -15.79
CA LYS B 16 4.83 -26.53 -16.38
C LYS B 16 3.93 -25.86 -15.34
N GLU B 17 3.26 -26.69 -14.54
CA GLU B 17 2.37 -26.17 -13.51
C GLU B 17 3.16 -25.49 -12.39
N ILE B 18 4.21 -26.14 -11.93
CA ILE B 18 5.04 -25.59 -10.87
C ILE B 18 5.69 -24.30 -11.33
N GLU B 19 6.21 -24.29 -12.55
CA GLU B 19 6.84 -23.09 -13.08
C GLU B 19 5.82 -21.95 -13.14
N ASP B 20 4.60 -22.27 -13.55
CA ASP B 20 3.55 -21.27 -13.64
C ASP B 20 3.28 -20.66 -12.26
N LEU B 21 3.23 -21.51 -11.25
CA LEU B 21 2.98 -21.05 -9.89
C LEU B 21 4.09 -20.12 -9.43
N GLN B 22 5.33 -20.46 -9.78
CA GLN B 22 6.47 -19.64 -9.38
C GLN B 22 6.30 -18.23 -9.94
N ARG B 23 5.87 -18.13 -11.19
CA ARG B 23 5.66 -16.82 -11.80
C ARG B 23 4.56 -16.07 -11.09
N MET B 24 3.48 -16.77 -10.73
CA MET B 24 2.37 -16.12 -10.04
C MET B 24 2.82 -15.59 -8.67
N LYS B 25 3.52 -16.41 -7.90
CA LYS B 25 4.01 -15.98 -6.59
C LYS B 25 5.05 -14.88 -6.74
N GLU B 26 6.01 -15.08 -7.64
CA GLU B 26 7.07 -14.10 -7.83
C GLU B 26 6.52 -12.78 -8.37
N ARG B 27 5.61 -12.87 -9.33
CA ARG B 27 5.01 -11.67 -9.92
C ARG B 27 4.18 -10.91 -8.88
N GLN B 28 3.46 -11.64 -8.05
CA GLN B 28 2.65 -11.02 -7.01
C GLN B 28 3.52 -10.29 -6.00
N GLU B 29 4.61 -10.93 -5.59
CA GLU B 29 5.52 -10.32 -4.63
C GLU B 29 6.16 -9.07 -5.23
N LEU B 30 6.51 -9.16 -6.50
CA LEU B 30 7.11 -8.03 -7.21
C LEU B 30 6.13 -6.86 -7.27
N SER B 31 4.86 -7.17 -7.53
CA SER B 31 3.85 -6.12 -7.62
C SER B 31 3.70 -5.40 -6.29
N LEU B 32 3.70 -6.16 -5.21
CA LEU B 32 3.57 -5.59 -3.87
C LEU B 32 4.74 -4.69 -3.56
N THR B 33 5.93 -5.09 -3.97
CA THR B 33 7.12 -4.29 -3.72
C THR B 33 6.98 -2.94 -4.40
N GLU B 34 6.55 -2.97 -5.67
CA GLU B 34 6.37 -1.74 -6.42
C GLU B 34 5.23 -0.91 -5.83
N ALA B 35 4.12 -1.57 -5.50
CA ALA B 35 2.99 -0.86 -4.94
C ALA B 35 3.33 -0.28 -3.59
N SER B 36 4.06 -1.04 -2.80
CA SER B 36 4.44 -0.57 -1.48
C SER B 36 5.27 0.70 -1.60
N LEU B 37 6.15 0.73 -2.60
CA LEU B 37 7.00 1.89 -2.80
C LEU B 37 6.15 3.12 -3.12
N GLN B 38 5.12 2.94 -3.94
CA GLN B 38 4.27 4.06 -4.30
C GLN B 38 3.56 4.62 -3.07
N LYS B 39 3.04 3.73 -2.23
CA LYS B 39 2.34 4.18 -1.03
C LYS B 39 3.30 4.94 -0.14
N LEU B 40 4.54 4.45 -0.03
CA LEU B 40 5.53 5.12 0.79
C LEU B 40 5.72 6.55 0.32
N GLN B 41 5.71 6.75 -0.99
CA GLN B 41 5.87 8.10 -1.53
C GLN B 41 4.73 9.00 -1.03
N LEU B 42 3.52 8.46 -1.01
CA LEU B 42 2.38 9.23 -0.54
C LEU B 42 2.58 9.60 0.93
N GLU B 43 3.14 8.67 1.71
CA GLU B 43 3.38 8.93 3.13
C GLU B 43 4.31 10.12 3.29
N ASP B 44 5.31 10.21 2.42
CA ASP B 44 6.25 11.32 2.50
C ASP B 44 5.52 12.65 2.26
N LYS B 45 4.63 12.67 1.27
CA LYS B 45 3.88 13.89 0.98
C LYS B 45 2.97 14.26 2.13
N VAL B 46 2.27 13.28 2.66
CA VAL B 46 1.36 13.54 3.78
C VAL B 46 2.15 13.94 5.02
N GLU B 47 3.24 13.23 5.28
CA GLU B 47 4.08 13.52 6.44
C GLU B 47 4.57 14.95 6.41
N GLU B 48 5.09 15.38 5.27
CA GLU B 48 5.60 16.74 5.14
C GLU B 48 4.46 17.74 5.23
N LEU B 49 3.34 17.42 4.60
CA LEU B 49 2.19 18.30 4.61
C LEU B 49 1.68 18.46 6.04
N LEU B 50 1.65 17.34 6.76
CA LEU B 50 1.20 17.35 8.14
C LEU B 50 2.08 18.24 8.99
N SER B 51 3.39 18.13 8.80
CA SER B 51 4.34 18.94 9.56
C SER B 51 4.16 20.42 9.26
N LYS B 52 4.00 20.75 7.98
CA LYS B 52 3.80 22.14 7.58
C LYS B 52 2.46 22.65 8.08
N ASN B 53 1.44 21.81 7.94
CA ASN B 53 0.11 22.18 8.39
C ASN B 53 0.11 22.39 9.90
N TYR B 54 0.80 21.52 10.60
CA TYR B 54 0.90 21.62 12.05
C TYR B 54 1.54 22.94 12.45
N HIS B 55 2.60 23.31 11.76
CA HIS B 55 3.27 24.55 12.09
C HIS B 55 2.35 25.75 11.79
N LEU B 56 1.69 25.71 10.65
CA LEU B 56 0.77 26.78 10.26
C LEU B 56 -0.41 26.84 11.21
N GLU B 57 -0.91 25.68 11.59
CA GLU B 57 -2.05 25.61 12.50
C GLU B 57 -1.71 26.21 13.86
N ASN B 58 -0.54 25.90 14.38
CA ASN B 58 -0.14 26.43 15.69
C ASN B 58 -0.02 27.95 15.66
N GLU B 59 0.57 28.47 14.59
CA GLU B 59 0.75 29.92 14.48
C GLU B 59 -0.60 30.63 14.28
N VAL B 60 -1.35 30.15 13.30
CA VAL B 60 -2.64 30.73 12.99
C VAL B 60 -3.62 30.50 14.13
N ALA B 61 -3.62 29.29 14.67
CA ALA B 61 -4.53 28.96 15.77
C ALA B 61 -4.23 29.87 16.94
N ARG B 62 -2.96 30.19 17.13
CA ARG B 62 -2.58 31.07 18.21
C ARG B 62 -3.25 32.42 18.02
N LEU B 63 -3.18 32.94 16.81
CA LEU B 63 -3.81 34.22 16.48
C LEU B 63 -5.33 34.10 16.51
N LYS B 64 -5.83 32.94 16.09
CA LYS B 64 -7.26 32.70 16.03
C LYS B 64 -7.90 32.92 17.40
N LYS B 65 -7.17 32.51 18.43
CA LYS B 65 -7.64 32.65 19.81
C LYS B 65 -7.89 34.12 20.15
N LEU B 66 -7.08 35.01 19.58
CA LEU B 66 -7.23 36.43 19.88
C LEU B 66 -8.62 36.92 19.47
N VAL B 67 -9.03 36.59 18.25
CA VAL B 67 -10.36 37.00 17.77
C VAL B 67 -11.42 36.03 18.26
N GLY B 68 -11.11 34.74 18.21
CA GLY B 68 -12.03 33.70 18.63
C GLY B 68 -11.56 32.33 18.15
N GLU B 69 -11.08 31.51 19.08
CA GLU B 69 -10.59 30.17 18.73
C GLU B 69 -11.54 29.50 17.73
#